data_2E5Z
#
_entry.id   2E5Z
#
_entity_poly.entity_id   1
_entity_poly.type   'polypeptide(L)'
_entity_poly.pdbx_seq_one_letter_code
;GSSGSSGTSALAPVAAIIPPPPDVQPVIDKLAEYVARNGLKFETSVRAKNDQRFEFLQPWHQYNAYYEFKKQFFLQKEGG
DSMQAVSAPE
;
_entity_poly.pdbx_strand_id   A
#
# COMPACT_ATOMS: atom_id res chain seq x y z
N GLY A 1 -14.83 2.20 -25.59
CA GLY A 1 -13.51 1.84 -25.11
C GLY A 1 -13.23 0.36 -25.27
N SER A 2 -12.22 -0.13 -24.53
CA SER A 2 -11.85 -1.54 -24.60
C SER A 2 -11.51 -2.08 -23.21
N SER A 3 -10.71 -1.33 -22.47
CA SER A 3 -10.31 -1.74 -21.13
C SER A 3 -9.55 -3.05 -21.16
N GLY A 4 -8.22 -2.97 -21.09
CA GLY A 4 -7.41 -4.16 -21.11
C GLY A 4 -6.28 -4.08 -22.13
N SER A 5 -5.31 -3.20 -21.86
CA SER A 5 -4.18 -3.03 -22.76
C SER A 5 -2.86 -3.04 -21.99
N SER A 6 -1.99 -4.00 -22.32
CA SER A 6 -0.71 -4.13 -21.66
C SER A 6 -0.88 -4.26 -20.16
N GLY A 7 -1.37 -5.43 -19.72
CA GLY A 7 -1.58 -5.66 -18.31
C GLY A 7 -0.51 -6.55 -17.71
N THR A 8 0.75 -6.22 -17.97
CA THR A 8 1.87 -7.00 -17.45
C THR A 8 3.14 -6.16 -17.39
N SER A 9 3.86 -6.26 -16.28
CA SER A 9 5.10 -5.50 -16.09
C SER A 9 6.31 -6.43 -16.14
N ALA A 10 7.47 -5.87 -16.45
CA ALA A 10 8.70 -6.64 -16.54
C ALA A 10 9.45 -6.61 -15.21
N LEU A 11 10.57 -7.33 -15.15
CA LEU A 11 11.38 -7.38 -13.95
C LEU A 11 12.33 -6.19 -13.87
N ALA A 12 12.08 -5.30 -12.92
CA ALA A 12 12.90 -4.12 -12.74
C ALA A 12 13.70 -4.20 -11.44
N PRO A 13 14.81 -3.45 -11.38
CA PRO A 13 15.69 -3.42 -10.21
C PRO A 13 15.03 -2.72 -9.02
N VAL A 14 14.48 -3.50 -8.11
CA VAL A 14 13.82 -2.96 -6.93
C VAL A 14 14.15 -3.79 -5.69
N ALA A 15 14.53 -3.11 -4.61
CA ALA A 15 14.88 -3.78 -3.36
C ALA A 15 14.92 -2.79 -2.20
N ALA A 16 14.61 -3.28 -1.01
CA ALA A 16 14.61 -2.44 0.19
C ALA A 16 13.58 -1.33 0.08
N ILE A 17 13.28 -0.69 1.21
CA ILE A 17 12.32 0.39 1.23
C ILE A 17 13.00 1.74 1.40
N ILE A 18 12.46 2.76 0.74
CA ILE A 18 13.02 4.10 0.82
C ILE A 18 12.05 5.07 1.50
N PRO A 19 12.57 5.85 2.45
CA PRO A 19 11.76 6.83 3.19
C PRO A 19 11.33 8.01 2.32
N PRO A 20 10.06 8.00 1.90
CA PRO A 20 9.49 9.06 1.06
C PRO A 20 9.34 10.38 1.81
N PRO A 21 9.08 11.45 1.06
CA PRO A 21 8.91 12.80 1.63
C PRO A 21 7.62 12.92 2.43
N PRO A 22 7.50 14.00 3.22
CA PRO A 22 6.32 14.27 4.04
C PRO A 22 5.09 14.62 3.21
N ASP A 23 5.32 14.90 1.93
CA ASP A 23 4.24 15.26 1.02
C ASP A 23 3.59 14.01 0.43
N VAL A 24 4.37 12.93 0.36
CA VAL A 24 3.87 11.67 -0.18
C VAL A 24 3.62 10.65 0.92
N GLN A 25 4.29 10.84 2.06
CA GLN A 25 4.14 9.93 3.19
C GLN A 25 2.67 9.75 3.55
N PRO A 26 1.98 10.87 3.82
CA PRO A 26 0.56 10.86 4.19
C PRO A 26 -0.33 10.49 3.01
N VAL A 27 0.23 10.54 1.81
CA VAL A 27 -0.52 10.20 0.60
C VAL A 27 -0.53 8.69 0.36
N ILE A 28 0.49 8.02 0.88
CA ILE A 28 0.59 6.57 0.73
C ILE A 28 -0.09 5.84 1.89
N ASP A 29 0.03 6.42 3.08
CA ASP A 29 -0.58 5.82 4.27
C ASP A 29 -2.10 5.85 4.18
N LYS A 30 -2.64 6.99 3.76
CA LYS A 30 -4.08 7.15 3.62
C LYS A 30 -4.69 6.02 2.80
N LEU A 31 -3.98 5.63 1.75
CA LEU A 31 -4.45 4.55 0.87
C LEU A 31 -4.31 3.19 1.56
N ALA A 32 -3.19 3.00 2.24
CA ALA A 32 -2.93 1.75 2.94
C ALA A 32 -4.09 1.39 3.86
N GLU A 33 -4.43 2.30 4.77
CA GLU A 33 -5.52 2.08 5.71
C GLU A 33 -6.84 1.86 4.96
N TYR A 34 -6.95 2.44 3.77
CA TYR A 34 -8.15 2.32 2.97
C TYR A 34 -8.27 0.92 2.36
N VAL A 35 -7.17 0.44 1.78
CA VAL A 35 -7.15 -0.89 1.19
C VAL A 35 -7.19 -1.98 2.24
N ALA A 36 -6.71 -1.66 3.44
CA ALA A 36 -6.69 -2.61 4.54
C ALA A 36 -8.10 -2.86 5.08
N ARG A 37 -8.96 -1.85 4.96
CA ARG A 37 -10.33 -1.96 5.43
C ARG A 37 -11.26 -2.42 4.30
N ASN A 38 -11.24 -1.68 3.20
CA ASN A 38 -12.08 -2.01 2.04
C ASN A 38 -11.72 -3.39 1.49
N GLY A 39 -10.48 -3.53 1.03
CA GLY A 39 -10.04 -4.80 0.48
C GLY A 39 -9.05 -4.63 -0.66
N LEU A 40 -8.24 -5.66 -0.90
CA LEU A 40 -7.25 -5.61 -1.97
C LEU A 40 -7.90 -5.30 -3.31
N LYS A 41 -9.17 -5.67 -3.44
CA LYS A 41 -9.92 -5.43 -4.67
C LYS A 41 -9.84 -3.96 -5.08
N PHE A 42 -9.73 -3.09 -4.08
CA PHE A 42 -9.65 -1.65 -4.33
C PHE A 42 -8.35 -1.30 -5.04
N GLU A 43 -7.26 -1.94 -4.64
CA GLU A 43 -5.96 -1.69 -5.25
C GLU A 43 -6.02 -1.90 -6.76
N THR A 44 -6.88 -2.81 -7.20
CA THR A 44 -7.02 -3.11 -8.62
C THR A 44 -7.69 -1.95 -9.35
N SER A 45 -8.53 -1.21 -8.64
CA SER A 45 -9.23 -0.07 -9.22
C SER A 45 -8.31 1.14 -9.35
N VAL A 46 -7.66 1.50 -8.25
CA VAL A 46 -6.75 2.63 -8.24
C VAL A 46 -5.65 2.47 -9.28
N ARG A 47 -5.20 1.23 -9.47
CA ARG A 47 -4.15 0.94 -10.44
C ARG A 47 -4.65 1.18 -11.86
N ALA A 48 -5.91 0.86 -12.10
CA ALA A 48 -6.51 1.04 -13.43
C ALA A 48 -6.52 2.51 -13.82
N LYS A 49 -6.56 3.39 -12.82
CA LYS A 49 -6.57 4.83 -13.07
C LYS A 49 -5.21 5.31 -13.57
N ASN A 50 -4.15 4.81 -12.94
CA ASN A 50 -2.79 5.18 -13.31
C ASN A 50 -2.63 6.70 -13.34
N ASP A 51 -3.15 7.36 -12.31
CA ASP A 51 -3.07 8.82 -12.21
C ASP A 51 -1.74 9.24 -11.58
N GLN A 52 -1.32 10.47 -11.87
CA GLN A 52 -0.08 11.00 -11.32
C GLN A 52 -0.06 10.89 -9.81
N ARG A 53 -1.22 11.05 -9.19
CA ARG A 53 -1.34 10.98 -7.73
C ARG A 53 -1.18 9.53 -7.25
N PHE A 54 -1.52 8.59 -8.13
CA PHE A 54 -1.43 7.17 -7.79
C PHE A 54 -0.34 6.49 -8.63
N GLU A 55 0.86 7.06 -8.62
CA GLU A 55 1.96 6.50 -9.38
C GLU A 55 2.82 5.59 -8.51
N PHE A 56 2.94 5.94 -7.24
CA PHE A 56 3.72 5.16 -6.29
C PHE A 56 3.23 3.72 -6.24
N LEU A 57 1.95 3.51 -6.56
CA LEU A 57 1.35 2.19 -6.55
C LEU A 57 1.94 1.32 -7.66
N GLN A 58 2.44 1.95 -8.71
CA GLN A 58 3.03 1.23 -9.83
C GLN A 58 4.16 0.32 -9.35
N PRO A 59 4.43 -0.74 -10.12
CA PRO A 59 5.48 -1.71 -9.81
C PRO A 59 6.88 -1.12 -9.97
N TRP A 60 7.11 -0.47 -11.11
CA TRP A 60 8.40 0.14 -11.38
C TRP A 60 8.76 1.17 -10.32
N HIS A 61 7.75 1.90 -9.85
CA HIS A 61 7.97 2.92 -8.83
C HIS A 61 8.66 2.33 -7.61
N GLN A 62 9.49 3.15 -6.95
CA GLN A 62 10.21 2.70 -5.76
C GLN A 62 9.36 2.84 -4.52
N TYR A 63 8.56 3.90 -4.47
CA TYR A 63 7.69 4.15 -3.33
C TYR A 63 6.78 2.95 -3.06
N ASN A 64 6.51 2.18 -4.11
CA ASN A 64 5.65 1.00 -3.98
C ASN A 64 6.12 0.10 -2.86
N ALA A 65 7.44 0.01 -2.68
CA ALA A 65 8.02 -0.81 -1.63
C ALA A 65 7.50 -0.42 -0.26
N TYR A 66 7.42 0.89 -0.01
CA TYR A 66 6.95 1.40 1.26
C TYR A 66 5.46 1.10 1.44
N TYR A 67 4.68 1.30 0.39
CA TYR A 67 3.25 1.04 0.44
C TYR A 67 2.96 -0.38 0.92
N GLU A 68 3.74 -1.33 0.41
CA GLU A 68 3.57 -2.73 0.79
C GLU A 68 3.70 -2.90 2.31
N PHE A 69 4.54 -2.08 2.92
CA PHE A 69 4.77 -2.14 4.36
C PHE A 69 3.54 -1.64 5.11
N LYS A 70 2.96 -0.55 4.64
CA LYS A 70 1.78 0.03 5.27
C LYS A 70 0.58 -0.90 5.14
N LYS A 71 0.39 -1.44 3.94
CA LYS A 71 -0.71 -2.35 3.66
C LYS A 71 -0.74 -3.50 4.67
N GLN A 72 0.44 -4.05 4.96
CA GLN A 72 0.56 -5.15 5.91
C GLN A 72 0.29 -4.68 7.33
N PHE A 73 0.77 -3.48 7.64
CA PHE A 73 0.58 -2.91 8.97
C PHE A 73 -0.91 -2.86 9.34
N PHE A 74 -1.64 -2.01 8.65
CA PHE A 74 -3.08 -1.86 8.90
C PHE A 74 -3.79 -3.20 8.79
N LEU A 75 -3.27 -4.08 7.94
CA LEU A 75 -3.85 -5.41 7.75
C LEU A 75 -3.74 -6.23 9.03
N GLN A 76 -2.51 -6.54 9.43
CA GLN A 76 -2.27 -7.32 10.64
C GLN A 76 -2.84 -6.62 11.87
N LYS A 77 -2.83 -5.30 11.84
CA LYS A 77 -3.34 -4.51 12.95
C LYS A 77 -4.81 -4.83 13.23
N GLU A 78 -5.53 -5.19 12.18
CA GLU A 78 -6.94 -5.54 12.30
C GLU A 78 -7.20 -6.97 11.85
N GLY A 79 -6.19 -7.82 12.01
CA GLY A 79 -6.33 -9.21 11.60
C GLY A 79 -5.00 -9.85 11.25
N GLY A 80 -4.94 -10.46 10.07
CA GLY A 80 -3.70 -11.10 9.63
C GLY A 80 -3.56 -12.52 10.17
N ASP A 81 -3.99 -13.49 9.38
CA ASP A 81 -3.91 -14.89 9.79
C ASP A 81 -2.46 -15.35 9.82
N SER A 82 -2.24 -16.53 10.40
CA SER A 82 -0.90 -17.09 10.50
C SER A 82 -0.63 -18.06 9.36
N MET A 83 -1.48 -19.07 9.23
CA MET A 83 -1.34 -20.07 8.18
C MET A 83 -0.01 -20.78 8.29
N GLN A 84 0.04 -21.85 9.08
CA GLN A 84 1.25 -22.62 9.27
C GLN A 84 1.65 -23.34 8.00
N ALA A 85 2.94 -23.33 7.69
CA ALA A 85 3.44 -23.98 6.49
C ALA A 85 3.98 -25.38 6.80
N VAL A 86 3.61 -26.35 5.97
CA VAL A 86 4.06 -27.73 6.17
C VAL A 86 5.58 -27.82 6.21
N SER A 87 6.10 -28.50 7.22
CA SER A 87 7.55 -28.65 7.36
C SER A 87 8.10 -29.66 6.35
N ALA A 88 9.34 -29.45 5.93
CA ALA A 88 9.98 -30.33 4.97
C ALA A 88 11.48 -30.09 4.91
N PRO A 89 12.19 -30.51 5.96
CA PRO A 89 13.64 -30.35 6.06
C PRO A 89 14.39 -31.24 5.08
N GLU A 90 15.72 -31.16 5.10
CA GLU A 90 16.55 -31.96 4.21
C GLU A 90 16.96 -33.27 4.88
N GLY A 1 -21.50 -20.74 -8.01
CA GLY A 1 -20.58 -21.35 -8.96
C GLY A 1 -19.21 -20.69 -8.93
N SER A 2 -18.38 -21.03 -9.91
CA SER A 2 -17.03 -20.47 -9.99
C SER A 2 -16.36 -20.88 -11.30
N SER A 3 -15.54 -19.98 -11.84
CA SER A 3 -14.83 -20.25 -13.09
C SER A 3 -13.74 -19.22 -13.33
N GLY A 4 -12.53 -19.70 -13.59
CA GLY A 4 -11.40 -18.80 -13.83
C GLY A 4 -10.63 -18.48 -12.56
N SER A 5 -9.55 -17.74 -12.70
CA SER A 5 -8.71 -17.36 -11.56
C SER A 5 -8.15 -15.96 -11.74
N SER A 6 -7.42 -15.50 -10.73
CA SER A 6 -6.81 -14.17 -10.76
C SER A 6 -5.29 -14.26 -10.84
N GLY A 7 -4.75 -15.31 -10.26
CA GLY A 7 -3.30 -15.51 -10.27
C GLY A 7 -2.59 -14.55 -9.33
N THR A 8 -1.71 -13.72 -9.89
CA THR A 8 -0.96 -12.77 -9.09
C THR A 8 -0.04 -13.47 -8.11
N SER A 9 0.96 -12.74 -7.61
CA SER A 9 1.92 -13.30 -6.65
C SER A 9 1.99 -12.44 -5.39
N ALA A 10 2.07 -13.10 -4.25
CA ALA A 10 2.15 -12.39 -2.97
C ALA A 10 3.58 -12.40 -2.43
N LEU A 11 4.55 -12.51 -3.34
CA LEU A 11 5.95 -12.53 -2.96
C LEU A 11 6.80 -11.73 -3.94
N ALA A 12 7.66 -10.87 -3.41
CA ALA A 12 8.52 -10.05 -4.26
C ALA A 12 9.99 -10.36 -4.00
N PRO A 13 10.85 -10.04 -4.99
CA PRO A 13 12.29 -10.30 -4.90
C PRO A 13 12.97 -9.38 -3.89
N VAL A 14 14.29 -9.53 -3.75
CA VAL A 14 15.05 -8.72 -2.81
C VAL A 14 14.87 -7.23 -3.10
N ALA A 15 14.46 -6.49 -2.08
CA ALA A 15 14.25 -5.05 -2.21
C ALA A 15 14.40 -4.34 -0.87
N ALA A 16 14.59 -3.03 -0.92
CA ALA A 16 14.75 -2.23 0.29
C ALA A 16 13.75 -1.08 0.33
N ILE A 17 13.19 -0.83 1.50
CA ILE A 17 12.22 0.24 1.67
C ILE A 17 12.91 1.60 1.77
N ILE A 18 12.40 2.57 1.02
CA ILE A 18 12.97 3.91 1.03
C ILE A 18 12.00 4.91 1.66
N PRO A 19 12.52 5.75 2.57
CA PRO A 19 11.72 6.76 3.26
C PRO A 19 11.30 7.90 2.33
N PRO A 20 10.02 7.87 1.92
CA PRO A 20 9.46 8.88 1.02
C PRO A 20 9.32 10.24 1.71
N PRO A 21 9.05 11.28 0.90
CA PRO A 21 8.89 12.65 1.40
C PRO A 21 7.60 12.82 2.20
N PRO A 22 7.50 13.94 2.95
CA PRO A 22 6.33 14.25 3.77
C PRO A 22 5.10 14.59 2.92
N ASP A 23 5.34 14.82 1.63
CA ASP A 23 4.25 15.17 0.72
C ASP A 23 3.59 13.91 0.17
N VAL A 24 4.35 12.81 0.14
CA VAL A 24 3.83 11.55 -0.37
C VAL A 24 3.57 10.56 0.77
N GLN A 25 4.24 10.79 1.89
CA GLN A 25 4.07 9.92 3.06
C GLN A 25 2.60 9.78 3.42
N PRO A 26 1.93 10.91 3.66
CA PRO A 26 0.52 10.93 4.02
C PRO A 26 -0.38 10.53 2.85
N VAL A 27 0.18 10.52 1.65
CA VAL A 27 -0.57 10.15 0.46
C VAL A 27 -0.60 8.64 0.27
N ILE A 28 0.42 7.97 0.78
CA ILE A 28 0.51 6.52 0.67
C ILE A 28 -0.07 5.84 1.91
N ASP A 29 0.15 6.45 3.07
CA ASP A 29 -0.36 5.90 4.33
C ASP A 29 -1.88 5.80 4.30
N LYS A 30 -2.53 6.85 3.79
CA LYS A 30 -3.98 6.88 3.71
C LYS A 30 -4.51 5.70 2.89
N LEU A 31 -4.00 5.55 1.68
CA LEU A 31 -4.41 4.47 0.80
C LEU A 31 -4.12 3.11 1.42
N ALA A 32 -3.03 3.04 2.18
CA ALA A 32 -2.65 1.80 2.85
C ALA A 32 -3.73 1.34 3.83
N GLU A 33 -4.23 2.28 4.62
CA GLU A 33 -5.27 1.98 5.61
C GLU A 33 -6.60 1.69 4.91
N TYR A 34 -6.80 2.31 3.75
CA TYR A 34 -8.03 2.12 3.00
C TYR A 34 -8.08 0.73 2.37
N VAL A 35 -7.10 0.44 1.52
CA VAL A 35 -7.03 -0.86 0.85
C VAL A 35 -6.97 -2.00 1.86
N ALA A 36 -6.39 -1.72 3.03
CA ALA A 36 -6.27 -2.72 4.08
C ALA A 36 -7.62 -3.00 4.72
N ARG A 37 -8.50 -2.01 4.73
CA ARG A 37 -9.82 -2.15 5.31
C ARG A 37 -10.82 -2.71 4.29
N ASN A 38 -10.92 -2.03 3.15
CA ASN A 38 -11.83 -2.45 2.09
C ASN A 38 -11.41 -3.81 1.52
N GLY A 39 -10.16 -3.88 1.04
CA GLY A 39 -9.65 -5.11 0.47
C GLY A 39 -8.68 -4.86 -0.67
N LEU A 40 -7.96 -5.90 -1.06
CA LEU A 40 -7.00 -5.80 -2.15
C LEU A 40 -7.69 -5.48 -3.47
N LYS A 41 -8.95 -5.88 -3.58
CA LYS A 41 -9.74 -5.64 -4.79
C LYS A 41 -9.70 -4.17 -5.17
N PHE A 42 -9.73 -3.30 -4.17
CA PHE A 42 -9.70 -1.85 -4.40
C PHE A 42 -8.39 -1.44 -5.04
N GLU A 43 -7.32 -2.14 -4.69
CA GLU A 43 -6.00 -1.83 -5.24
C GLU A 43 -6.01 -1.88 -6.76
N THR A 44 -6.94 -2.67 -7.31
CA THR A 44 -7.05 -2.81 -8.75
C THR A 44 -7.78 -1.62 -9.36
N SER A 45 -8.69 -1.03 -8.60
CA SER A 45 -9.46 0.12 -9.07
C SER A 45 -8.58 1.35 -9.17
N VAL A 46 -7.73 1.55 -8.15
CA VAL A 46 -6.83 2.69 -8.13
C VAL A 46 -5.77 2.58 -9.21
N ARG A 47 -5.36 1.35 -9.51
CA ARG A 47 -4.35 1.11 -10.53
C ARG A 47 -4.91 1.33 -11.93
N ALA A 48 -6.19 1.01 -12.10
CA ALA A 48 -6.85 1.18 -13.39
C ALA A 48 -6.82 2.65 -13.83
N LYS A 49 -6.76 3.55 -12.86
CA LYS A 49 -6.73 4.98 -13.14
C LYS A 49 -5.43 5.37 -13.83
N ASN A 50 -4.32 4.77 -13.40
CA ASN A 50 -3.02 5.06 -13.97
C ASN A 50 -2.72 6.55 -13.93
N ASP A 51 -3.32 7.25 -12.98
CA ASP A 51 -3.11 8.68 -12.82
C ASP A 51 -1.75 8.97 -12.20
N GLN A 52 -1.16 10.09 -12.60
CA GLN A 52 0.14 10.49 -12.07
C GLN A 52 0.12 10.55 -10.55
N ARG A 53 -1.06 10.81 -9.99
CA ARG A 53 -1.22 10.90 -8.55
C ARG A 53 -1.07 9.53 -7.90
N PHE A 54 -1.44 8.49 -8.63
CA PHE A 54 -1.35 7.12 -8.13
C PHE A 54 -0.31 6.33 -8.90
N GLU A 55 0.92 6.83 -8.90
CA GLU A 55 2.02 6.16 -9.61
C GLU A 55 2.85 5.33 -8.65
N PHE A 56 2.92 5.77 -7.39
CA PHE A 56 3.68 5.06 -6.37
C PHE A 56 3.23 3.62 -6.24
N LEU A 57 1.97 3.37 -6.59
CA LEU A 57 1.41 2.02 -6.51
C LEU A 57 2.02 1.12 -7.57
N GLN A 58 2.49 1.71 -8.66
CA GLN A 58 3.10 0.96 -9.75
C GLN A 58 4.24 0.07 -9.22
N PRO A 59 4.51 -1.03 -9.95
CA PRO A 59 5.56 -1.98 -9.57
C PRO A 59 6.96 -1.39 -9.74
N TRP A 60 7.21 -0.79 -10.88
CA TRP A 60 8.51 -0.19 -11.16
C TRP A 60 8.85 0.88 -10.14
N HIS A 61 7.83 1.60 -9.68
CA HIS A 61 8.03 2.65 -8.68
C HIS A 61 8.71 2.10 -7.44
N GLN A 62 9.51 2.94 -6.78
CA GLN A 62 10.22 2.53 -5.58
C GLN A 62 9.34 2.71 -4.34
N TYR A 63 8.54 3.76 -4.34
CA TYR A 63 7.65 4.04 -3.21
C TYR A 63 6.72 2.86 -2.94
N ASN A 64 6.46 2.07 -3.98
CA ASN A 64 5.60 0.91 -3.85
C ASN A 64 6.05 0.03 -2.69
N ALA A 65 7.34 0.02 -2.41
CA ALA A 65 7.89 -0.77 -1.33
C ALA A 65 7.32 -0.35 0.02
N TYR A 66 7.33 0.96 0.28
CA TYR A 66 6.81 1.49 1.52
C TYR A 66 5.31 1.20 1.67
N TYR A 67 4.61 1.20 0.54
CA TYR A 67 3.18 0.94 0.54
C TYR A 67 2.88 -0.47 1.05
N GLU A 68 3.58 -1.46 0.50
CA GLU A 68 3.39 -2.85 0.90
C GLU A 68 3.59 -3.01 2.40
N PHE A 69 4.42 -2.15 2.99
CA PHE A 69 4.70 -2.20 4.41
C PHE A 69 3.53 -1.66 5.21
N LYS A 70 3.11 -0.44 4.89
CA LYS A 70 1.99 0.19 5.58
C LYS A 70 0.72 -0.64 5.44
N LYS A 71 0.59 -1.32 4.29
CA LYS A 71 -0.57 -2.16 4.03
C LYS A 71 -0.65 -3.31 5.02
N GLN A 72 0.41 -4.09 5.11
CA GLN A 72 0.46 -5.23 6.02
C GLN A 72 0.24 -4.78 7.46
N PHE A 73 0.59 -3.52 7.74
CA PHE A 73 0.43 -2.97 9.07
C PHE A 73 -1.04 -2.78 9.43
N PHE A 74 -1.75 -2.05 8.57
CA PHE A 74 -3.17 -1.79 8.80
C PHE A 74 -3.99 -3.06 8.60
N LEU A 75 -3.51 -3.95 7.73
CA LEU A 75 -4.20 -5.20 7.44
C LEU A 75 -4.41 -6.00 8.73
N GLN A 76 -3.32 -6.25 9.45
CA GLN A 76 -3.39 -7.00 10.70
C GLN A 76 -3.45 -6.06 11.90
N LYS A 77 -2.37 -5.32 12.10
CA LYS A 77 -2.31 -4.38 13.23
C LYS A 77 -2.49 -5.09 14.55
N GLU A 78 -1.38 -5.51 15.15
CA GLU A 78 -1.42 -6.22 16.44
C GLU A 78 -0.76 -5.38 17.53
N GLY A 79 0.17 -4.52 17.14
CA GLY A 79 0.87 -3.68 18.10
C GLY A 79 0.48 -2.23 17.96
N GLY A 80 -0.22 -1.70 18.97
CA GLY A 80 -0.63 -0.31 18.92
C GLY A 80 -1.53 0.05 20.10
N ASP A 81 -2.83 -0.18 19.94
CA ASP A 81 -3.79 0.12 20.98
C ASP A 81 -4.50 -1.15 21.46
N SER A 82 -5.32 -1.01 22.49
CA SER A 82 -6.06 -2.14 23.05
C SER A 82 -5.10 -3.27 23.43
N MET A 83 -4.58 -3.22 24.65
CA MET A 83 -3.65 -4.23 25.13
C MET A 83 -2.41 -4.29 24.24
N GLN A 84 -1.48 -5.18 24.60
CA GLN A 84 -0.25 -5.33 23.85
C GLN A 84 0.24 -6.78 23.89
N ALA A 85 1.45 -7.01 23.37
CA ALA A 85 2.01 -8.35 23.35
C ALA A 85 3.23 -8.43 24.26
N VAL A 86 2.98 -8.49 25.57
CA VAL A 86 4.04 -8.59 26.55
C VAL A 86 3.58 -9.32 27.81
N SER A 87 4.44 -10.17 28.35
CA SER A 87 4.12 -10.93 29.55
C SER A 87 5.18 -10.74 30.62
N ALA A 88 6.43 -11.00 30.26
CA ALA A 88 7.54 -10.85 31.20
C ALA A 88 8.45 -9.70 30.79
N PRO A 89 9.17 -9.13 31.77
CA PRO A 89 10.09 -8.02 31.53
C PRO A 89 11.32 -8.44 30.73
N GLU A 90 11.43 -7.90 29.52
CA GLU A 90 12.56 -8.22 28.65
C GLU A 90 13.22 -6.95 28.12
N GLY A 1 -18.30 -21.49 -15.24
CA GLY A 1 -17.26 -20.51 -15.46
C GLY A 1 -16.07 -20.72 -14.54
N SER A 2 -16.05 -19.99 -13.44
CA SER A 2 -14.95 -20.09 -12.47
C SER A 2 -13.61 -19.87 -13.15
N SER A 3 -12.53 -20.13 -12.41
CA SER A 3 -11.19 -19.95 -12.95
C SER A 3 -10.20 -20.89 -12.23
N GLY A 4 -8.92 -20.76 -12.58
CA GLY A 4 -7.90 -21.60 -11.97
C GLY A 4 -6.61 -20.84 -11.73
N SER A 5 -5.49 -21.46 -12.08
CA SER A 5 -4.18 -20.85 -11.89
C SER A 5 -3.44 -20.72 -13.22
N SER A 6 -2.24 -20.15 -13.17
CA SER A 6 -1.44 -19.96 -14.37
C SER A 6 0.04 -20.19 -14.07
N GLY A 7 0.84 -20.31 -15.13
CA GLY A 7 2.27 -20.53 -14.97
C GLY A 7 3.02 -19.23 -14.70
N THR A 8 3.20 -18.90 -13.44
CA THR A 8 3.90 -17.68 -13.06
C THR A 8 4.88 -17.94 -11.92
N SER A 9 6.15 -17.61 -12.15
CA SER A 9 7.19 -17.81 -11.15
C SER A 9 6.87 -17.04 -9.87
N ALA A 10 7.38 -17.52 -8.75
CA ALA A 10 7.15 -16.89 -7.46
C ALA A 10 8.10 -15.70 -7.26
N LEU A 11 7.52 -14.51 -7.16
CA LEU A 11 8.31 -13.30 -6.97
C LEU A 11 8.70 -13.12 -5.51
N ALA A 12 10.00 -13.11 -5.25
CA ALA A 12 10.52 -12.96 -3.90
C ALA A 12 10.23 -11.56 -3.36
N PRO A 13 10.24 -11.42 -2.02
CA PRO A 13 9.99 -10.14 -1.36
C PRO A 13 11.11 -9.14 -1.58
N VAL A 14 10.90 -7.91 -1.13
CA VAL A 14 11.89 -6.85 -1.28
C VAL A 14 12.31 -6.31 0.08
N ALA A 15 13.62 -6.15 0.29
CA ALA A 15 14.14 -5.63 1.54
C ALA A 15 14.99 -4.39 1.31
N ALA A 16 14.34 -3.29 0.93
CA ALA A 16 15.04 -2.03 0.67
C ALA A 16 14.07 -0.86 0.64
N ILE A 17 13.24 -0.75 1.68
CA ILE A 17 12.26 0.32 1.77
C ILE A 17 12.95 1.68 1.87
N ILE A 18 12.36 2.69 1.25
CA ILE A 18 12.91 4.04 1.28
C ILE A 18 11.91 5.03 1.87
N PRO A 19 12.38 5.86 2.80
CA PRO A 19 11.55 6.88 3.46
C PRO A 19 11.14 8.01 2.52
N PRO A 20 9.88 7.97 2.05
CA PRO A 20 9.35 8.98 1.13
C PRO A 20 9.16 10.33 1.81
N PRO A 21 8.93 11.37 0.99
CA PRO A 21 8.74 12.73 1.49
C PRO A 21 7.41 12.90 2.23
N PRO A 22 7.27 14.01 2.96
CA PRO A 22 6.06 14.31 3.73
C PRO A 22 4.87 14.62 2.83
N ASP A 23 5.14 14.83 1.54
CA ASP A 23 4.09 15.14 0.58
C ASP A 23 3.46 13.86 0.04
N VAL A 24 4.22 12.77 0.06
CA VAL A 24 3.74 11.49 -0.43
C VAL A 24 3.46 10.53 0.73
N GLN A 25 4.10 10.77 1.87
CA GLN A 25 3.93 9.93 3.04
C GLN A 25 2.45 9.78 3.37
N PRO A 26 1.75 10.91 3.57
CA PRO A 26 0.32 10.91 3.90
C PRO A 26 -0.54 10.47 2.72
N VAL A 27 0.05 10.46 1.53
CA VAL A 27 -0.67 10.06 0.32
C VAL A 27 -0.68 8.54 0.17
N ILE A 28 0.34 7.89 0.72
CA ILE A 28 0.45 6.44 0.64
C ILE A 28 -0.15 5.79 1.88
N ASP A 29 0.13 6.36 3.04
CA ASP A 29 -0.39 5.83 4.30
C ASP A 29 -1.91 5.87 4.33
N LYS A 30 -2.48 6.93 3.76
CA LYS A 30 -3.92 7.10 3.72
C LYS A 30 -4.56 6.01 2.85
N LEU A 31 -3.88 5.63 1.78
CA LEU A 31 -4.39 4.60 0.88
C LEU A 31 -4.24 3.22 1.49
N ALA A 32 -3.11 2.99 2.16
CA ALA A 32 -2.85 1.71 2.80
C ALA A 32 -3.97 1.34 3.78
N GLU A 33 -4.33 2.29 4.64
CA GLU A 33 -5.38 2.06 5.62
C GLU A 33 -6.71 1.77 4.94
N TYR A 34 -6.88 2.30 3.73
CA TYR A 34 -8.10 2.10 2.97
C TYR A 34 -8.16 0.70 2.38
N VAL A 35 -7.06 0.29 1.74
CA VAL A 35 -6.98 -1.04 1.13
C VAL A 35 -7.00 -2.13 2.19
N ALA A 36 -6.53 -1.80 3.39
CA ALA A 36 -6.48 -2.75 4.49
C ALA A 36 -7.86 -2.90 5.14
N ARG A 37 -8.67 -1.85 5.05
CA ARG A 37 -10.01 -1.87 5.62
C ARG A 37 -11.03 -2.37 4.61
N ASN A 38 -11.12 -1.68 3.48
CA ASN A 38 -12.06 -2.05 2.42
C ASN A 38 -11.72 -3.42 1.85
N GLY A 39 -10.57 -3.51 1.18
CA GLY A 39 -10.14 -4.77 0.59
C GLY A 39 -9.06 -4.59 -0.45
N LEU A 40 -8.36 -5.67 -0.77
CA LEU A 40 -7.29 -5.63 -1.76
C LEU A 40 -7.85 -5.32 -3.15
N LYS A 41 -9.11 -5.67 -3.37
CA LYS A 41 -9.75 -5.43 -4.65
C LYS A 41 -9.67 -3.97 -5.03
N PHE A 42 -9.79 -3.09 -4.05
CA PHE A 42 -9.73 -1.65 -4.28
C PHE A 42 -8.41 -1.26 -4.94
N GLU A 43 -7.34 -1.97 -4.57
CA GLU A 43 -6.02 -1.70 -5.14
C GLU A 43 -6.03 -1.84 -6.65
N THR A 44 -6.94 -2.68 -7.16
CA THR A 44 -7.06 -2.90 -8.60
C THR A 44 -7.71 -1.72 -9.29
N SER A 45 -8.55 -1.00 -8.54
CA SER A 45 -9.25 0.16 -9.09
C SER A 45 -8.31 1.36 -9.20
N VAL A 46 -7.64 1.67 -8.10
CA VAL A 46 -6.70 2.80 -8.07
C VAL A 46 -5.62 2.63 -9.13
N ARG A 47 -5.25 1.38 -9.40
CA ARG A 47 -4.21 1.09 -10.39
C ARG A 47 -4.74 1.29 -11.81
N ALA A 48 -5.98 0.86 -12.04
CA ALA A 48 -6.60 0.99 -13.35
C ALA A 48 -6.54 2.43 -13.83
N LYS A 49 -6.52 3.37 -12.90
CA LYS A 49 -6.46 4.80 -13.24
C LYS A 49 -5.10 5.15 -13.86
N ASN A 50 -4.03 4.57 -13.31
CA ASN A 50 -2.69 4.82 -13.82
C ASN A 50 -2.42 6.32 -13.90
N ASP A 51 -3.04 7.08 -13.01
CA ASP A 51 -2.86 8.53 -12.97
C ASP A 51 -1.57 8.90 -12.26
N GLN A 52 -1.01 10.06 -12.62
CA GLN A 52 0.23 10.52 -12.01
C GLN A 52 0.08 10.61 -10.49
N ARG A 53 -1.15 10.80 -10.02
CA ARG A 53 -1.42 10.90 -8.60
C ARG A 53 -1.25 9.55 -7.91
N PHE A 54 -1.44 8.47 -8.68
CA PHE A 54 -1.31 7.13 -8.15
C PHE A 54 -0.26 6.33 -8.92
N GLU A 55 0.97 6.86 -8.96
CA GLU A 55 2.06 6.21 -9.67
C GLU A 55 2.93 5.41 -8.70
N PHE A 56 2.99 5.86 -7.46
CA PHE A 56 3.79 5.19 -6.44
C PHE A 56 3.38 3.73 -6.30
N LEU A 57 2.13 3.43 -6.66
CA LEU A 57 1.62 2.06 -6.58
C LEU A 57 2.26 1.18 -7.64
N GLN A 58 2.70 1.80 -8.73
CA GLN A 58 3.33 1.07 -9.83
C GLN A 58 4.49 0.22 -9.31
N PRO A 59 4.80 -0.86 -10.05
CA PRO A 59 5.89 -1.78 -9.68
C PRO A 59 7.26 -1.15 -9.86
N TRP A 60 7.48 -0.53 -11.01
CA TRP A 60 8.75 0.13 -11.30
C TRP A 60 9.07 1.19 -10.26
N HIS A 61 8.03 1.80 -9.71
CA HIS A 61 8.19 2.84 -8.69
C HIS A 61 8.87 2.27 -7.44
N GLN A 62 9.65 3.11 -6.76
CA GLN A 62 10.34 2.69 -5.55
C GLN A 62 9.45 2.86 -4.33
N TYR A 63 8.63 3.90 -4.34
CA TYR A 63 7.72 4.18 -3.23
C TYR A 63 6.79 3.00 -2.98
N ASN A 64 6.54 2.21 -4.02
CA ASN A 64 5.67 1.05 -3.92
C ASN A 64 6.09 0.17 -2.76
N ALA A 65 7.39 0.16 -2.45
CA ALA A 65 7.91 -0.65 -1.36
C ALA A 65 7.30 -0.24 -0.02
N TYR A 66 7.33 1.05 0.27
CA TYR A 66 6.78 1.58 1.52
C TYR A 66 5.29 1.26 1.63
N TYR A 67 4.60 1.29 0.49
CA TYR A 67 3.17 0.99 0.46
C TYR A 67 2.90 -0.44 0.87
N GLU A 68 3.67 -1.38 0.32
CA GLU A 68 3.50 -2.79 0.64
C GLU A 68 3.78 -3.05 2.12
N PHE A 69 4.63 -2.22 2.71
CA PHE A 69 4.98 -2.37 4.13
C PHE A 69 3.88 -1.80 5.01
N LYS A 70 3.27 -0.71 4.56
CA LYS A 70 2.19 -0.07 5.31
C LYS A 70 0.88 -0.82 5.16
N LYS A 71 0.70 -1.45 4.00
CA LYS A 71 -0.52 -2.21 3.72
C LYS A 71 -0.67 -3.35 4.71
N GLN A 72 0.38 -4.13 4.91
CA GLN A 72 0.36 -5.25 5.83
C GLN A 72 0.15 -4.77 7.27
N PHE A 73 0.69 -3.59 7.57
CA PHE A 73 0.57 -3.01 8.91
C PHE A 73 -0.89 -2.91 9.32
N PHE A 74 -1.67 -2.15 8.56
CA PHE A 74 -3.08 -1.96 8.84
C PHE A 74 -3.84 -3.29 8.76
N LEU A 75 -3.41 -4.14 7.84
CA LEU A 75 -4.04 -5.45 7.66
C LEU A 75 -3.96 -6.28 8.94
N GLN A 76 -2.74 -6.43 9.46
CA GLN A 76 -2.53 -7.20 10.68
C GLN A 76 -3.14 -6.49 11.89
N LYS A 77 -3.15 -5.15 11.84
CA LYS A 77 -3.71 -4.37 12.94
C LYS A 77 -5.19 -4.65 13.10
N GLU A 78 -5.84 -5.06 12.02
CA GLU A 78 -7.26 -5.37 12.05
C GLU A 78 -7.50 -6.83 12.40
N GLY A 79 -6.53 -7.68 12.10
CA GLY A 79 -6.64 -9.09 12.38
C GLY A 79 -6.21 -9.96 11.22
N GLY A 80 -5.32 -10.91 11.49
CA GLY A 80 -4.85 -11.79 10.45
C GLY A 80 -3.36 -12.08 10.57
N ASP A 81 -2.98 -12.90 11.54
CA ASP A 81 -1.60 -13.25 11.76
C ASP A 81 -1.26 -14.59 11.13
N SER A 82 -1.01 -14.57 9.82
CA SER A 82 -0.69 -15.80 9.08
C SER A 82 0.81 -15.96 8.95
N MET A 83 1.51 -14.85 8.72
CA MET A 83 2.95 -14.87 8.57
C MET A 83 3.61 -13.73 9.36
N GLN A 84 4.93 -13.74 9.40
CA GLN A 84 5.68 -12.71 10.12
C GLN A 84 7.17 -12.81 9.84
N ALA A 85 7.65 -12.00 8.89
CA ALA A 85 9.06 -12.01 8.52
C ALA A 85 9.71 -10.69 8.90
N VAL A 86 10.02 -10.52 10.19
CA VAL A 86 10.66 -9.31 10.67
C VAL A 86 11.95 -9.63 11.42
N SER A 87 12.82 -8.62 11.53
CA SER A 87 14.08 -8.79 12.24
C SER A 87 14.36 -7.63 13.18
N ALA A 88 14.15 -7.86 14.47
CA ALA A 88 14.36 -6.83 15.48
C ALA A 88 15.60 -7.14 16.31
N PRO A 89 16.19 -6.09 16.89
CA PRO A 89 17.40 -6.21 17.73
C PRO A 89 17.11 -6.91 19.05
N GLU A 90 18.13 -7.54 19.62
CA GLU A 90 17.99 -8.25 20.88
C GLU A 90 18.56 -7.41 22.03
N GLY A 1 -10.65 -20.94 -18.98
CA GLY A 1 -9.99 -20.87 -17.68
C GLY A 1 -9.98 -19.47 -17.12
N SER A 2 -9.03 -19.19 -16.23
CA SER A 2 -8.91 -17.88 -15.60
C SER A 2 -7.45 -17.48 -15.44
N SER A 3 -6.93 -16.74 -16.40
CA SER A 3 -5.55 -16.29 -16.36
C SER A 3 -5.37 -14.99 -17.17
N GLY A 4 -4.31 -14.25 -16.85
CA GLY A 4 -4.05 -13.00 -17.55
C GLY A 4 -3.29 -12.02 -16.69
N SER A 5 -1.96 -12.11 -16.73
CA SER A 5 -1.11 -11.23 -15.95
C SER A 5 -1.00 -9.86 -16.60
N SER A 6 -1.71 -8.88 -16.08
CA SER A 6 -1.70 -7.53 -16.63
C SER A 6 -0.43 -6.79 -16.20
N GLY A 7 0.28 -6.23 -17.18
CA GLY A 7 1.50 -5.51 -16.90
C GLY A 7 2.54 -5.67 -17.98
N THR A 8 3.79 -5.90 -17.59
CA THR A 8 4.87 -6.06 -18.54
C THR A 8 6.17 -6.45 -17.84
N SER A 9 6.40 -5.87 -16.65
CA SER A 9 7.59 -6.16 -15.88
C SER A 9 7.29 -6.17 -14.39
N ALA A 10 6.81 -7.32 -13.91
CA ALA A 10 6.48 -7.47 -12.49
C ALA A 10 7.39 -8.50 -11.82
N LEU A 11 8.62 -8.62 -12.32
CA LEU A 11 9.57 -9.56 -11.77
C LEU A 11 10.94 -8.91 -11.61
N ALA A 12 11.01 -7.86 -10.78
CA ALA A 12 12.25 -7.16 -10.54
C ALA A 12 13.09 -7.88 -9.49
N PRO A 13 14.41 -7.61 -9.50
CA PRO A 13 15.35 -8.22 -8.56
C PRO A 13 15.15 -7.72 -7.13
N VAL A 14 16.03 -8.15 -6.23
CA VAL A 14 15.95 -7.75 -4.83
C VAL A 14 16.01 -6.22 -4.69
N ALA A 15 15.31 -5.70 -3.70
CA ALA A 15 15.29 -4.26 -3.46
C ALA A 15 14.77 -3.95 -2.05
N ALA A 16 15.30 -2.88 -1.47
CA ALA A 16 14.89 -2.47 -0.13
C ALA A 16 13.86 -1.35 -0.19
N ILE A 17 13.48 -0.84 0.98
CA ILE A 17 12.50 0.24 1.06
C ILE A 17 13.18 1.58 1.26
N ILE A 18 12.65 2.61 0.61
CA ILE A 18 13.19 3.96 0.72
C ILE A 18 12.21 4.90 1.41
N PRO A 19 12.71 5.67 2.39
CA PRO A 19 11.90 6.63 3.14
C PRO A 19 11.47 7.82 2.29
N PRO A 20 10.19 7.82 1.86
CA PRO A 20 9.63 8.88 1.03
C PRO A 20 9.47 10.19 1.81
N PRO A 21 9.21 11.28 1.08
CA PRO A 21 9.02 12.60 1.68
C PRO A 21 7.72 12.70 2.47
N PRO A 22 7.60 13.77 3.28
CA PRO A 22 6.41 14.00 4.10
C PRO A 22 5.19 14.39 3.26
N ASP A 23 5.43 14.69 2.00
CA ASP A 23 4.35 15.07 1.09
C ASP A 23 3.70 13.84 0.47
N VAL A 24 4.47 12.75 0.39
CA VAL A 24 3.97 11.51 -0.19
C VAL A 24 3.73 10.46 0.90
N GLN A 25 4.40 10.62 2.03
CA GLN A 25 4.26 9.69 3.15
C GLN A 25 2.79 9.50 3.51
N PRO A 26 2.11 10.61 3.81
CA PRO A 26 0.68 10.59 4.18
C PRO A 26 -0.21 10.25 2.99
N VAL A 27 0.35 10.32 1.79
CA VAL A 27 -0.40 10.02 0.58
C VAL A 27 -0.44 8.52 0.31
N ILE A 28 0.57 7.81 0.83
CA ILE A 28 0.67 6.37 0.64
C ILE A 28 0.00 5.62 1.79
N ASP A 29 0.16 6.15 3.00
CA ASP A 29 -0.44 5.54 4.19
C ASP A 29 -1.95 5.67 4.17
N LYS A 30 -2.43 6.78 3.61
CA LYS A 30 -3.87 7.03 3.53
C LYS A 30 -4.58 5.91 2.78
N LEU A 31 -3.97 5.48 1.67
CA LEU A 31 -4.55 4.41 0.86
C LEU A 31 -4.32 3.05 1.51
N ALA A 32 -3.21 2.93 2.23
CA ALA A 32 -2.88 1.68 2.90
C ALA A 32 -3.99 1.26 3.87
N GLU A 33 -4.55 2.23 4.57
CA GLU A 33 -5.63 1.97 5.53
C GLU A 33 -6.93 1.63 4.79
N TYR A 34 -7.16 2.30 3.68
CA TYR A 34 -8.37 2.07 2.89
C TYR A 34 -8.41 0.65 2.36
N VAL A 35 -7.39 0.28 1.59
CA VAL A 35 -7.31 -1.06 1.02
C VAL A 35 -7.29 -2.13 2.11
N ALA A 36 -6.74 -1.77 3.27
CA ALA A 36 -6.66 -2.69 4.39
C ALA A 36 -8.05 -3.00 4.94
N ARG A 37 -8.98 -2.07 4.74
CA ARG A 37 -10.34 -2.25 5.22
C ARG A 37 -11.25 -2.78 4.11
N ASN A 38 -11.25 -2.09 2.98
CA ASN A 38 -12.08 -2.49 1.84
C ASN A 38 -11.62 -3.84 1.29
N GLY A 39 -10.38 -3.90 0.83
CA GLY A 39 -9.85 -5.14 0.29
C GLY A 39 -8.89 -4.90 -0.86
N LEU A 40 -8.08 -5.91 -1.17
CA LEU A 40 -7.11 -5.81 -2.25
C LEU A 40 -7.79 -5.42 -3.56
N LYS A 41 -9.07 -5.77 -3.69
CA LYS A 41 -9.83 -5.46 -4.88
C LYS A 41 -9.74 -3.98 -5.22
N PHE A 42 -9.70 -3.14 -4.18
CA PHE A 42 -9.61 -1.70 -4.36
C PHE A 42 -8.28 -1.31 -5.01
N GLU A 43 -7.22 -2.02 -4.65
CA GLU A 43 -5.91 -1.76 -5.21
C GLU A 43 -5.91 -1.89 -6.72
N THR A 44 -6.83 -2.69 -7.24
CA THR A 44 -6.95 -2.89 -8.68
C THR A 44 -7.62 -1.71 -9.35
N SER A 45 -8.47 -1.01 -8.61
CA SER A 45 -9.17 0.15 -9.14
C SER A 45 -8.23 1.35 -9.27
N VAL A 46 -7.59 1.71 -8.16
CA VAL A 46 -6.65 2.84 -8.15
C VAL A 46 -5.60 2.68 -9.24
N ARG A 47 -5.23 1.44 -9.53
CA ARG A 47 -4.23 1.16 -10.55
C ARG A 47 -4.80 1.35 -11.95
N ALA A 48 -6.09 1.10 -12.08
CA ALA A 48 -6.77 1.24 -13.38
C ALA A 48 -6.83 2.70 -13.80
N LYS A 49 -6.84 3.60 -12.81
CA LYS A 49 -6.89 5.03 -13.09
C LYS A 49 -5.59 5.53 -13.70
N ASN A 50 -4.48 4.91 -13.29
CA ASN A 50 -3.16 5.29 -13.79
C ASN A 50 -2.93 6.79 -13.63
N ASP A 51 -3.51 7.36 -12.58
CA ASP A 51 -3.36 8.79 -12.32
C ASP A 51 -1.94 9.11 -11.86
N GLN A 52 -1.43 10.25 -12.30
CA GLN A 52 -0.08 10.68 -11.94
C GLN A 52 0.08 10.73 -10.43
N ARG A 53 -1.02 10.99 -9.73
CA ARG A 53 -1.00 11.07 -8.27
C ARG A 53 -0.88 9.67 -7.65
N PHE A 54 -1.36 8.67 -8.37
CA PHE A 54 -1.31 7.30 -7.89
C PHE A 54 -0.29 6.47 -8.68
N GLU A 55 0.87 7.08 -8.92
CA GLU A 55 1.93 6.41 -9.66
C GLU A 55 2.79 5.56 -8.73
N PHE A 56 2.90 5.97 -7.47
CA PHE A 56 3.68 5.24 -6.49
C PHE A 56 3.21 3.79 -6.38
N LEU A 57 1.94 3.57 -6.71
CA LEU A 57 1.37 2.22 -6.65
C LEU A 57 1.95 1.33 -7.75
N GLN A 58 2.40 1.95 -8.83
CA GLN A 58 2.98 1.21 -9.95
C GLN A 58 4.11 0.32 -9.48
N PRO A 59 4.37 -0.75 -10.23
CA PRO A 59 5.42 -1.72 -9.91
C PRO A 59 6.82 -1.14 -10.11
N TRP A 60 7.03 -0.49 -11.25
CA TRP A 60 8.32 0.11 -11.55
C TRP A 60 8.70 1.14 -10.50
N HIS A 61 7.70 1.81 -9.93
CA HIS A 61 7.92 2.82 -8.91
C HIS A 61 8.59 2.21 -7.67
N GLN A 62 9.46 2.98 -7.04
CA GLN A 62 10.17 2.51 -5.85
C GLN A 62 9.31 2.69 -4.61
N TYR A 63 8.56 3.78 -4.56
CA TYR A 63 7.69 4.07 -3.42
C TYR A 63 6.73 2.91 -3.17
N ASN A 64 6.43 2.15 -4.22
CA ASN A 64 5.52 1.02 -4.11
C ASN A 64 5.96 0.08 -2.98
N ALA A 65 7.26 0.00 -2.76
CA ALA A 65 7.80 -0.85 -1.70
C ALA A 65 7.31 -0.40 -0.33
N TYR A 66 7.25 0.90 -0.12
CA TYR A 66 6.80 1.47 1.15
C TYR A 66 5.31 1.21 1.36
N TYR A 67 4.55 1.26 0.28
CA TYR A 67 3.11 1.03 0.35
C TYR A 67 2.80 -0.35 0.90
N GLU A 68 3.57 -1.35 0.47
CA GLU A 68 3.38 -2.72 0.93
C GLU A 68 3.69 -2.85 2.42
N PHE A 69 4.55 -1.97 2.91
CA PHE A 69 4.93 -1.97 4.33
C PHE A 69 3.78 -1.46 5.20
N LYS A 70 3.28 -0.28 4.86
CA LYS A 70 2.18 0.33 5.61
C LYS A 70 0.93 -0.53 5.51
N LYS A 71 0.72 -1.16 4.36
CA LYS A 71 -0.44 -2.00 4.14
C LYS A 71 -0.45 -3.17 5.13
N GLN A 72 0.69 -3.81 5.30
CA GLN A 72 0.81 -4.94 6.22
C GLN A 72 0.44 -4.52 7.64
N PHE A 73 0.85 -3.33 8.02
CA PHE A 73 0.57 -2.81 9.35
C PHE A 73 -0.93 -2.73 9.61
N PHE A 74 -1.65 -2.06 8.71
CA PHE A 74 -3.10 -1.92 8.83
C PHE A 74 -3.78 -3.27 8.72
N LEU A 75 -3.15 -4.20 8.01
CA LEU A 75 -3.71 -5.53 7.82
C LEU A 75 -3.61 -6.35 9.11
N GLN A 76 -2.47 -6.26 9.77
CA GLN A 76 -2.25 -6.98 11.03
C GLN A 76 -3.00 -6.32 12.18
N LYS A 77 -3.19 -5.00 12.07
CA LYS A 77 -3.89 -4.25 13.11
C LYS A 77 -5.33 -4.72 13.24
N GLU A 78 -5.95 -5.05 12.10
CA GLU A 78 -7.33 -5.51 12.10
C GLU A 78 -7.40 -7.01 11.81
N GLY A 79 -6.33 -7.72 12.15
CA GLY A 79 -6.29 -9.15 11.94
C GLY A 79 -6.72 -9.94 13.15
N GLY A 80 -7.66 -10.87 12.96
CA GLY A 80 -8.15 -11.68 14.05
C GLY A 80 -9.61 -12.02 13.91
N ASP A 81 -10.46 -11.32 14.66
CA ASP A 81 -11.90 -11.56 14.62
C ASP A 81 -12.66 -10.42 15.29
N SER A 82 -13.57 -9.80 14.54
CA SER A 82 -14.36 -8.70 15.06
C SER A 82 -15.49 -8.34 14.10
N MET A 83 -15.16 -8.25 12.81
CA MET A 83 -16.15 -7.92 11.79
C MET A 83 -15.77 -8.54 10.45
N GLN A 84 -15.40 -9.81 10.47
CA GLN A 84 -15.01 -10.51 9.25
C GLN A 84 -16.19 -10.64 8.29
N ALA A 85 -15.97 -10.28 7.03
CA ALA A 85 -17.01 -10.36 6.01
C ALA A 85 -16.45 -10.79 4.67
N VAL A 86 -17.15 -11.71 4.01
CA VAL A 86 -16.71 -12.21 2.71
C VAL A 86 -16.90 -11.16 1.62
N SER A 87 -15.96 -11.11 0.68
CA SER A 87 -16.03 -10.15 -0.41
C SER A 87 -16.97 -10.64 -1.51
N ALA A 88 -18.22 -10.21 -1.45
CA ALA A 88 -19.22 -10.60 -2.44
C ALA A 88 -19.76 -9.39 -3.18
N PRO A 89 -18.94 -8.81 -4.07
CA PRO A 89 -19.31 -7.64 -4.86
C PRO A 89 -20.37 -7.96 -5.91
N GLU A 90 -21.63 -7.93 -5.51
CA GLU A 90 -22.74 -8.21 -6.42
C GLU A 90 -23.71 -7.04 -6.49
N GLY A 1 -13.17 -0.07 -23.66
CA GLY A 1 -12.35 0.49 -22.61
C GLY A 1 -11.06 1.09 -23.15
N SER A 2 -10.05 1.19 -22.30
CA SER A 2 -8.76 1.75 -22.69
C SER A 2 -7.64 1.23 -21.78
N SER A 3 -6.53 0.85 -22.39
CA SER A 3 -5.38 0.33 -21.65
C SER A 3 -4.10 1.04 -22.06
N GLY A 4 -3.09 0.98 -21.19
CA GLY A 4 -1.82 1.62 -21.49
C GLY A 4 -0.91 0.74 -22.32
N SER A 5 0.35 0.65 -21.92
CA SER A 5 1.33 -0.15 -22.64
C SER A 5 2.69 -0.11 -21.95
N SER A 6 3.16 -1.27 -21.51
CA SER A 6 4.44 -1.37 -20.83
C SER A 6 5.27 -2.51 -21.38
N GLY A 7 6.50 -2.64 -20.90
CA GLY A 7 7.38 -3.70 -21.36
C GLY A 7 8.54 -3.95 -20.42
N THR A 8 9.17 -5.11 -20.55
CA THR A 8 10.31 -5.46 -19.71
C THR A 8 9.92 -5.41 -18.22
N SER A 9 9.35 -6.50 -17.73
CA SER A 9 8.94 -6.58 -16.34
C SER A 9 9.38 -7.91 -15.72
N ALA A 10 9.67 -7.87 -14.42
CA ALA A 10 10.10 -9.07 -13.70
C ALA A 10 9.97 -8.87 -12.19
N LEU A 11 9.07 -9.64 -11.58
CA LEU A 11 8.85 -9.56 -10.14
C LEU A 11 10.14 -9.80 -9.38
N ALA A 12 10.35 -9.03 -8.32
CA ALA A 12 11.54 -9.16 -7.49
C ALA A 12 11.19 -9.23 -6.01
N PRO A 13 12.11 -9.78 -5.20
CA PRO A 13 11.91 -9.91 -3.76
C PRO A 13 11.95 -8.57 -3.05
N VAL A 14 11.49 -8.55 -1.80
CA VAL A 14 11.47 -7.33 -1.00
C VAL A 14 12.86 -6.72 -0.89
N ALA A 15 12.94 -5.40 -1.01
CA ALA A 15 14.21 -4.71 -0.91
C ALA A 15 14.17 -3.62 0.16
N ALA A 16 15.25 -2.87 0.28
CA ALA A 16 15.34 -1.80 1.27
C ALA A 16 14.38 -0.66 0.94
N ILE A 17 13.41 -0.44 1.81
CA ILE A 17 12.42 0.61 1.62
C ILE A 17 13.06 1.99 1.72
N ILE A 18 12.55 2.93 0.92
CA ILE A 18 13.07 4.29 0.93
C ILE A 18 12.08 5.26 1.55
N PRO A 19 12.57 6.11 2.47
CA PRO A 19 11.74 7.10 3.16
C PRO A 19 11.27 8.21 2.23
N PRO A 20 10.00 8.15 1.81
CA PRO A 20 9.39 9.14 0.92
C PRO A 20 9.20 10.50 1.60
N PRO A 21 8.91 11.52 0.79
CA PRO A 21 8.70 12.88 1.29
C PRO A 21 7.41 13.01 2.09
N PRO A 22 7.27 14.12 2.82
CA PRO A 22 6.08 14.40 3.64
C PRO A 22 4.84 14.68 2.79
N ASP A 23 5.05 14.90 1.50
CA ASP A 23 3.96 15.16 0.58
C ASP A 23 3.34 13.88 0.07
N VAL A 24 4.13 12.81 0.05
CA VAL A 24 3.67 11.51 -0.42
C VAL A 24 3.46 10.55 0.74
N GLN A 25 4.14 10.81 1.85
CA GLN A 25 4.04 9.96 3.04
C GLN A 25 2.57 9.76 3.42
N PRO A 26 1.86 10.88 3.65
CA PRO A 26 0.45 10.86 4.04
C PRO A 26 -0.45 10.39 2.90
N VAL A 27 0.09 10.39 1.68
CA VAL A 27 -0.67 9.97 0.51
C VAL A 27 -0.64 8.45 0.34
N ILE A 28 0.40 7.83 0.89
CA ILE A 28 0.54 6.38 0.82
C ILE A 28 -0.13 5.69 1.99
N ASP A 29 -0.16 6.38 3.13
CA ASP A 29 -0.78 5.84 4.34
C ASP A 29 -2.30 5.88 4.22
N LYS A 30 -2.82 6.97 3.70
CA LYS A 30 -4.26 7.14 3.54
C LYS A 30 -4.87 5.96 2.76
N LEU A 31 -4.09 5.41 1.84
CA LEU A 31 -4.53 4.28 1.03
C LEU A 31 -4.26 2.96 1.75
N ALA A 32 -3.09 2.86 2.37
CA ALA A 32 -2.71 1.65 3.08
C ALA A 32 -3.76 1.29 4.14
N GLU A 33 -4.47 2.30 4.63
CA GLU A 33 -5.50 2.09 5.64
C GLU A 33 -6.83 1.72 4.99
N TYR A 34 -7.06 2.25 3.79
CA TYR A 34 -8.29 1.98 3.07
C TYR A 34 -8.28 0.57 2.47
N VAL A 35 -7.24 0.27 1.72
CA VAL A 35 -7.10 -1.04 1.09
C VAL A 35 -7.03 -2.15 2.13
N ALA A 36 -6.46 -1.83 3.29
CA ALA A 36 -6.33 -2.79 4.37
C ALA A 36 -7.70 -3.21 4.91
N ARG A 37 -8.67 -2.32 4.78
CA ARG A 37 -10.03 -2.60 5.25
C ARG A 37 -10.89 -3.15 4.12
N ASN A 38 -10.92 -2.44 3.01
CA ASN A 38 -11.70 -2.86 1.86
C ASN A 38 -11.15 -4.14 1.25
N GLY A 39 -9.90 -4.09 0.81
CA GLY A 39 -9.27 -5.26 0.23
C GLY A 39 -8.54 -4.94 -1.06
N LEU A 40 -7.83 -5.93 -1.61
CA LEU A 40 -7.08 -5.75 -2.85
C LEU A 40 -8.00 -5.27 -3.97
N LYS A 41 -9.28 -5.63 -3.87
CA LYS A 41 -10.25 -5.24 -4.87
C LYS A 41 -10.21 -3.74 -5.14
N PHE A 42 -10.01 -2.96 -4.08
CA PHE A 42 -9.95 -1.51 -4.19
C PHE A 42 -8.62 -1.08 -4.81
N GLU A 43 -7.56 -1.82 -4.52
CA GLU A 43 -6.24 -1.51 -5.06
C GLU A 43 -6.20 -1.71 -6.57
N THR A 44 -7.07 -2.58 -7.07
CA THR A 44 -7.14 -2.86 -8.49
C THR A 44 -7.73 -1.68 -9.26
N SER A 45 -8.58 -0.91 -8.58
CA SER A 45 -9.22 0.25 -9.20
C SER A 45 -8.23 1.41 -9.32
N VAL A 46 -7.64 1.79 -8.20
CA VAL A 46 -6.68 2.89 -8.17
C VAL A 46 -5.55 2.65 -9.17
N ARG A 47 -5.22 1.38 -9.39
CA ARG A 47 -4.16 1.03 -10.32
C ARG A 47 -4.63 1.19 -11.77
N ALA A 48 -5.90 0.88 -12.01
CA ALA A 48 -6.47 0.98 -13.35
C ALA A 48 -6.41 2.42 -13.85
N LYS A 49 -6.44 3.37 -12.93
CA LYS A 49 -6.39 4.78 -13.28
C LYS A 49 -5.02 5.16 -13.84
N ASN A 50 -3.97 4.66 -13.19
CA ASN A 50 -2.60 4.95 -13.61
C ASN A 50 -2.34 6.45 -13.65
N ASP A 51 -3.09 7.20 -12.83
CA ASP A 51 -2.93 8.65 -12.77
C ASP A 51 -1.65 9.02 -12.03
N GLN A 52 -1.16 10.22 -12.31
CA GLN A 52 0.06 10.71 -11.67
C GLN A 52 -0.10 10.78 -10.16
N ARG A 53 -1.34 10.94 -9.71
CA ARG A 53 -1.63 11.02 -8.28
C ARG A 53 -1.45 9.66 -7.61
N PHE A 54 -1.66 8.60 -8.38
CA PHE A 54 -1.54 7.25 -7.86
C PHE A 54 -0.54 6.44 -8.70
N GLU A 55 0.71 6.88 -8.70
CA GLU A 55 1.75 6.19 -9.45
C GLU A 55 2.63 5.35 -8.53
N PHE A 56 2.74 5.77 -7.28
CA PHE A 56 3.54 5.06 -6.30
C PHE A 56 3.10 3.60 -6.18
N LEU A 57 1.84 3.35 -6.49
CA LEU A 57 1.28 2.00 -6.43
C LEU A 57 1.87 1.12 -7.52
N GLN A 58 2.30 1.74 -8.62
CA GLN A 58 2.87 1.01 -9.74
C GLN A 58 4.05 0.14 -9.28
N PRO A 59 4.32 -0.92 -10.03
CA PRO A 59 5.42 -1.85 -9.72
C PRO A 59 6.79 -1.22 -9.95
N TRP A 60 6.96 -0.59 -11.11
CA TRP A 60 8.23 0.05 -11.45
C TRP A 60 8.59 1.10 -10.41
N HIS A 61 7.59 1.78 -9.87
CA HIS A 61 7.81 2.81 -8.86
C HIS A 61 8.55 2.24 -7.65
N GLN A 62 9.33 3.09 -7.00
CA GLN A 62 10.10 2.67 -5.82
C GLN A 62 9.26 2.80 -4.55
N TYR A 63 8.46 3.85 -4.48
CA TYR A 63 7.61 4.09 -3.33
C TYR A 63 6.72 2.88 -3.04
N ASN A 64 6.43 2.12 -4.08
CA ASN A 64 5.59 0.93 -3.95
C ASN A 64 6.10 0.03 -2.84
N ALA A 65 7.42 0.02 -2.64
CA ALA A 65 8.03 -0.80 -1.60
C ALA A 65 7.54 -0.39 -0.22
N TYR A 66 7.40 0.91 -0.01
CA TYR A 66 6.94 1.44 1.27
C TYR A 66 5.48 1.11 1.50
N TYR A 67 4.69 1.11 0.43
CA TYR A 67 3.27 0.81 0.52
C TYR A 67 3.03 -0.63 0.96
N GLU A 68 3.79 -1.55 0.37
CA GLU A 68 3.66 -2.96 0.70
C GLU A 68 3.82 -3.18 2.21
N PHE A 69 4.63 -2.34 2.84
CA PHE A 69 4.86 -2.44 4.28
C PHE A 69 3.72 -1.81 5.06
N LYS A 70 3.44 -0.54 4.79
CA LYS A 70 2.38 0.19 5.47
C LYS A 70 1.06 -0.57 5.34
N LYS A 71 0.89 -1.30 4.24
CA LYS A 71 -0.32 -2.07 4.00
C LYS A 71 -0.45 -3.21 5.00
N GLN A 72 0.63 -3.96 5.17
CA GLN A 72 0.64 -5.08 6.11
C GLN A 72 0.34 -4.62 7.53
N PHE A 73 0.65 -3.36 7.81
CA PHE A 73 0.41 -2.78 9.14
C PHE A 73 -1.09 -2.66 9.41
N PHE A 74 -1.78 -1.88 8.58
CA PHE A 74 -3.21 -1.66 8.73
C PHE A 74 -3.97 -2.98 8.57
N LEU A 75 -3.40 -3.89 7.78
CA LEU A 75 -4.03 -5.18 7.54
C LEU A 75 -4.28 -5.92 8.85
N GLN A 76 -3.20 -6.24 9.56
CA GLN A 76 -3.30 -6.94 10.84
C GLN A 76 -3.41 -5.96 11.99
N LYS A 77 -2.36 -5.18 12.20
CA LYS A 77 -2.35 -4.19 13.28
C LYS A 77 -2.69 -4.84 14.62
N GLU A 78 -1.90 -5.83 15.01
CA GLU A 78 -2.11 -6.54 16.27
C GLU A 78 -0.99 -6.25 17.25
N GLY A 79 -0.34 -5.10 17.09
CA GLY A 79 0.75 -4.73 17.97
C GLY A 79 0.27 -4.27 19.34
N GLY A 80 -0.55 -3.22 19.35
CA GLY A 80 -1.07 -2.71 20.61
C GLY A 80 -2.21 -3.54 21.15
N ASP A 81 -3.24 -2.88 21.66
CA ASP A 81 -4.40 -3.57 22.21
C ASP A 81 -5.70 -2.97 21.68
N SER A 82 -5.85 -1.66 21.86
CA SER A 82 -7.05 -0.97 21.41
C SER A 82 -6.76 0.52 21.20
N MET A 83 -6.40 1.21 22.27
CA MET A 83 -6.10 2.63 22.20
C MET A 83 -4.60 2.87 22.21
N GLN A 84 -4.20 4.14 22.24
CA GLN A 84 -2.79 4.50 22.24
C GLN A 84 -2.06 3.86 21.07
N ALA A 85 -2.27 4.39 19.88
CA ALA A 85 -1.63 3.86 18.68
C ALA A 85 -0.82 4.96 17.97
N VAL A 86 0.09 4.52 17.09
CA VAL A 86 0.92 5.47 16.34
C VAL A 86 0.07 6.50 15.62
N SER A 87 0.47 7.77 15.71
CA SER A 87 -0.26 8.85 15.06
C SER A 87 0.71 9.84 14.42
N ALA A 88 0.21 10.62 13.47
CA ALA A 88 1.02 11.61 12.78
C ALA A 88 0.16 12.57 11.98
N PRO A 89 -0.59 13.44 12.69
CA PRO A 89 -1.47 14.42 12.06
C PRO A 89 -0.70 15.52 11.34
N GLU A 90 -1.41 16.55 10.89
CA GLU A 90 -0.79 17.66 10.18
C GLU A 90 0.36 18.25 11.01
N GLY A 1 -17.60 -6.80 -22.29
CA GLY A 1 -16.87 -7.67 -21.39
C GLY A 1 -16.78 -7.10 -19.99
N SER A 2 -16.14 -7.85 -19.10
CA SER A 2 -15.99 -7.42 -17.71
C SER A 2 -14.65 -7.89 -17.14
N SER A 3 -14.47 -9.21 -17.11
CA SER A 3 -13.24 -9.80 -16.58
C SER A 3 -13.07 -11.23 -17.08
N GLY A 4 -11.82 -11.64 -17.25
CA GLY A 4 -11.54 -12.99 -17.72
C GLY A 4 -10.06 -13.34 -17.63
N SER A 5 -9.58 -13.57 -16.42
CA SER A 5 -8.18 -13.90 -16.20
C SER A 5 -8.01 -14.76 -14.95
N SER A 6 -6.93 -15.53 -14.90
CA SER A 6 -6.66 -16.40 -13.76
C SER A 6 -5.27 -16.11 -13.19
N GLY A 7 -5.08 -14.89 -12.69
CA GLY A 7 -3.81 -14.52 -12.12
C GLY A 7 -3.85 -13.15 -11.47
N THR A 8 -3.61 -12.11 -12.27
CA THR A 8 -3.61 -10.74 -11.77
C THR A 8 -2.67 -10.58 -10.58
N SER A 9 -2.68 -9.41 -9.96
CA SER A 9 -1.83 -9.14 -8.81
C SER A 9 -0.35 -9.23 -9.20
N ALA A 10 0.52 -8.86 -8.28
CA ALA A 10 1.96 -8.91 -8.52
C ALA A 10 2.73 -9.15 -7.22
N LEU A 11 3.76 -10.00 -7.31
CA LEU A 11 4.57 -10.32 -6.14
C LEU A 11 6.04 -10.03 -6.41
N ALA A 12 6.37 -8.75 -6.52
CA ALA A 12 7.75 -8.34 -6.77
C ALA A 12 8.69 -8.89 -5.71
N PRO A 13 9.98 -9.01 -6.06
CA PRO A 13 11.01 -9.52 -5.15
C PRO A 13 11.30 -8.55 -4.00
N VAL A 14 11.93 -9.06 -2.95
CA VAL A 14 12.28 -8.24 -1.79
C VAL A 14 13.26 -7.14 -2.17
N ALA A 15 13.08 -5.97 -1.58
CA ALA A 15 13.95 -4.83 -1.85
C ALA A 15 14.07 -3.93 -0.62
N ALA A 16 14.95 -2.94 -0.70
CA ALA A 16 15.16 -2.01 0.39
C ALA A 16 14.22 -0.82 0.29
N ILE A 17 13.25 -0.76 1.20
CA ILE A 17 12.28 0.32 1.21
C ILE A 17 12.96 1.68 1.36
N ILE A 18 12.46 2.68 0.65
CA ILE A 18 13.03 4.02 0.71
C ILE A 18 12.07 4.99 1.40
N PRO A 19 12.60 5.78 2.34
CA PRO A 19 11.81 6.77 3.08
C PRO A 19 11.38 7.94 2.21
N PRO A 20 10.09 7.93 1.82
CA PRO A 20 9.52 8.98 0.98
C PRO A 20 9.38 10.31 1.72
N PRO A 21 9.11 11.38 0.97
CA PRO A 21 8.95 12.72 1.54
C PRO A 21 7.68 12.86 2.36
N PRO A 22 7.57 13.94 3.14
CA PRO A 22 6.41 14.21 3.99
C PRO A 22 5.18 14.58 3.17
N ASP A 23 5.38 14.85 1.89
CA ASP A 23 4.28 15.21 1.00
C ASP A 23 3.62 13.96 0.43
N VAL A 24 4.38 12.87 0.36
CA VAL A 24 3.86 11.62 -0.17
C VAL A 24 3.63 10.60 0.94
N GLN A 25 4.33 10.79 2.06
CA GLN A 25 4.20 9.90 3.20
C GLN A 25 2.74 9.72 3.60
N PRO A 26 2.06 10.84 3.88
CA PRO A 26 0.65 10.85 4.27
C PRO A 26 -0.27 10.47 3.12
N VAL A 27 0.27 10.49 1.91
CA VAL A 27 -0.51 10.17 0.72
C VAL A 27 -0.55 8.66 0.50
N ILE A 28 0.47 7.96 1.01
CA ILE A 28 0.54 6.51 0.87
C ILE A 28 -0.11 5.81 2.06
N ASP A 29 0.13 6.32 3.26
CA ASP A 29 -0.43 5.74 4.46
C ASP A 29 -1.96 5.81 4.43
N LYS A 30 -2.48 6.83 3.77
CA LYS A 30 -3.93 7.01 3.66
C LYS A 30 -4.56 5.88 2.85
N LEU A 31 -3.97 5.58 1.70
CA LEU A 31 -4.47 4.51 0.84
C LEU A 31 -4.27 3.15 1.48
N ALA A 32 -3.14 2.98 2.18
CA ALA A 32 -2.84 1.72 2.84
C ALA A 32 -3.89 1.38 3.88
N GLU A 33 -4.51 2.41 4.45
CA GLU A 33 -5.54 2.22 5.47
C GLU A 33 -6.87 1.84 4.82
N TYR A 34 -7.12 2.36 3.62
CA TYR A 34 -8.35 2.08 2.90
C TYR A 34 -8.32 0.68 2.29
N VAL A 35 -7.21 0.37 1.61
CA VAL A 35 -7.06 -0.94 0.97
C VAL A 35 -7.03 -2.06 2.01
N ALA A 36 -6.44 -1.76 3.17
CA ALA A 36 -6.35 -2.74 4.24
C ALA A 36 -7.71 -3.03 4.85
N ARG A 37 -8.60 -2.03 4.80
CA ARG A 37 -9.95 -2.18 5.33
C ARG A 37 -10.88 -2.81 4.30
N ASN A 38 -10.93 -2.23 3.11
CA ASN A 38 -11.78 -2.74 2.04
C ASN A 38 -11.27 -4.08 1.52
N GLY A 39 -10.04 -4.07 1.02
CA GLY A 39 -9.44 -5.29 0.49
C GLY A 39 -8.49 -5.02 -0.66
N LEU A 40 -7.66 -6.00 -0.97
CA LEU A 40 -6.69 -5.87 -2.06
C LEU A 40 -7.39 -5.51 -3.37
N LYS A 41 -8.66 -5.91 -3.49
CA LYS A 41 -9.44 -5.63 -4.68
C LYS A 41 -9.45 -4.14 -4.98
N PHE A 42 -9.36 -3.33 -3.93
CA PHE A 42 -9.37 -1.87 -4.08
C PHE A 42 -8.15 -1.40 -4.86
N GLU A 43 -7.00 -2.00 -4.56
CA GLU A 43 -5.76 -1.64 -5.24
C GLU A 43 -5.89 -1.80 -6.75
N THR A 44 -6.68 -2.79 -7.16
CA THR A 44 -6.90 -3.06 -8.58
C THR A 44 -7.70 -1.94 -9.24
N SER A 45 -8.48 -1.23 -8.43
CA SER A 45 -9.31 -0.13 -8.94
C SER A 45 -8.45 1.11 -9.20
N VAL A 46 -7.68 1.51 -8.19
CA VAL A 46 -6.83 2.68 -8.31
C VAL A 46 -5.80 2.50 -9.43
N ARG A 47 -5.29 1.28 -9.57
CA ARG A 47 -4.30 0.98 -10.60
C ARG A 47 -4.86 1.28 -11.99
N ALA A 48 -6.17 1.14 -12.14
CA ALA A 48 -6.83 1.40 -13.41
C ALA A 48 -6.99 2.90 -13.65
N LYS A 49 -7.02 3.67 -12.56
CA LYS A 49 -7.17 5.11 -12.65
C LYS A 49 -5.97 5.75 -13.35
N ASN A 50 -4.83 5.07 -13.28
CA ASN A 50 -3.60 5.57 -13.90
C ASN A 50 -3.32 7.01 -13.47
N ASP A 51 -3.75 7.35 -12.26
CA ASP A 51 -3.54 8.70 -11.74
C ASP A 51 -2.07 8.95 -11.43
N GLN A 52 -1.52 10.02 -11.97
CA GLN A 52 -0.12 10.36 -11.76
C GLN A 52 0.21 10.39 -10.27
N ARG A 53 -0.69 10.97 -9.48
CA ARG A 53 -0.50 11.06 -8.04
C ARG A 53 -0.40 9.68 -7.42
N PHE A 54 -1.06 8.71 -8.04
CA PHE A 54 -1.05 7.34 -7.54
C PHE A 54 -0.11 6.47 -8.35
N GLU A 55 1.05 7.02 -8.68
CA GLU A 55 2.05 6.28 -9.46
C GLU A 55 2.88 5.38 -8.56
N PHE A 56 3.01 5.75 -7.29
CA PHE A 56 3.77 4.98 -6.33
C PHE A 56 3.28 3.54 -6.27
N LEU A 57 2.01 3.34 -6.61
CA LEU A 57 1.41 2.02 -6.59
C LEU A 57 2.02 1.13 -7.68
N GLN A 58 2.52 1.76 -8.74
CA GLN A 58 3.13 1.03 -9.84
C GLN A 58 4.24 0.12 -9.34
N PRO A 59 4.52 -0.95 -10.10
CA PRO A 59 5.57 -1.92 -9.75
C PRO A 59 6.97 -1.33 -9.90
N TRP A 60 7.21 -0.70 -11.04
CA TRP A 60 8.53 -0.08 -11.30
C TRP A 60 8.86 0.95 -10.25
N HIS A 61 7.85 1.71 -9.82
CA HIS A 61 8.04 2.74 -8.81
C HIS A 61 8.75 2.18 -7.57
N GLN A 62 9.55 3.01 -6.93
CA GLN A 62 10.27 2.59 -5.74
C GLN A 62 9.41 2.74 -4.49
N TYR A 63 8.59 3.79 -4.45
CA TYR A 63 7.72 4.04 -3.33
C TYR A 63 6.81 2.85 -3.05
N ASN A 64 6.55 2.06 -4.10
CA ASN A 64 5.70 0.89 -3.98
C ASN A 64 6.16 0.00 -2.84
N ALA A 65 7.47 0.00 -2.57
CA ALA A 65 8.03 -0.81 -1.51
C ALA A 65 7.53 -0.35 -0.14
N TYR A 66 7.38 0.95 0.03
CA TYR A 66 6.91 1.52 1.28
C TYR A 66 5.40 1.28 1.45
N TYR A 67 4.69 1.23 0.33
CA TYR A 67 3.25 1.01 0.35
C TYR A 67 2.91 -0.41 0.78
N GLU A 68 3.70 -1.37 0.29
CA GLU A 68 3.49 -2.77 0.63
C GLU A 68 3.61 -2.99 2.14
N PHE A 69 4.47 -2.21 2.78
CA PHE A 69 4.69 -2.31 4.22
C PHE A 69 3.47 -1.83 4.98
N LYS A 70 2.98 -0.64 4.64
CA LYS A 70 1.82 -0.06 5.28
C LYS A 70 0.60 -0.95 5.10
N LYS A 71 0.47 -1.53 3.92
CA LYS A 71 -0.66 -2.40 3.62
C LYS A 71 -0.78 -3.51 4.65
N GLN A 72 0.31 -4.25 4.86
CA GLN A 72 0.32 -5.34 5.82
C GLN A 72 0.12 -4.82 7.25
N PHE A 73 0.61 -3.60 7.49
CA PHE A 73 0.49 -2.99 8.81
C PHE A 73 -0.98 -2.81 9.19
N PHE A 74 -1.67 -1.95 8.48
CA PHE A 74 -3.08 -1.69 8.74
C PHE A 74 -3.88 -2.98 8.76
N LEU A 75 -3.52 -3.91 7.88
CA LEU A 75 -4.20 -5.20 7.79
C LEU A 75 -4.20 -5.91 9.13
N GLN A 76 -3.00 -6.17 9.65
CA GLN A 76 -2.86 -6.85 10.94
C GLN A 76 -3.42 -6.00 12.07
N LYS A 77 -3.09 -4.71 12.06
CA LYS A 77 -3.56 -3.78 13.07
C LYS A 77 -4.94 -3.22 12.72
N GLU A 78 -5.92 -4.11 12.64
CA GLU A 78 -7.29 -3.71 12.30
C GLU A 78 -7.87 -2.81 13.38
N GLY A 79 -7.39 -2.99 14.61
CA GLY A 79 -7.88 -2.19 15.72
C GLY A 79 -8.75 -2.99 16.68
N GLY A 80 -8.13 -3.54 17.71
CA GLY A 80 -8.87 -4.32 18.69
C GLY A 80 -9.62 -3.46 19.68
N ASP A 81 -10.84 -3.07 19.33
CA ASP A 81 -11.67 -2.25 20.19
C ASP A 81 -11.00 -0.90 20.46
N SER A 82 -10.85 -0.10 19.41
CA SER A 82 -10.22 1.20 19.52
C SER A 82 -11.23 2.32 19.29
N MET A 83 -11.45 3.14 20.32
CA MET A 83 -12.39 4.25 20.22
C MET A 83 -11.77 5.41 19.46
N GLN A 84 -12.29 5.66 18.26
CA GLN A 84 -11.79 6.76 17.43
C GLN A 84 -12.73 7.97 17.50
N ALA A 85 -12.14 9.16 17.47
CA ALA A 85 -12.92 10.39 17.53
C ALA A 85 -12.37 11.44 16.58
N VAL A 86 -13.15 11.82 15.58
CA VAL A 86 -12.75 12.82 14.60
C VAL A 86 -13.66 14.04 14.64
N SER A 87 -13.08 15.21 14.44
CA SER A 87 -13.84 16.46 14.46
C SER A 87 -14.02 16.98 13.03
N ALA A 88 -14.77 18.08 12.91
CA ALA A 88 -15.02 18.69 11.62
C ALA A 88 -15.03 20.22 11.73
N PRO A 89 -14.76 20.90 10.60
CA PRO A 89 -14.73 22.36 10.53
C PRO A 89 -16.12 22.97 10.69
N GLU A 90 -16.20 24.04 11.46
CA GLU A 90 -17.47 24.72 11.69
C GLU A 90 -18.01 25.33 10.39
N GLY A 1 6.30 21.70 12.16
CA GLY A 1 6.99 22.06 10.95
C GLY A 1 7.86 20.93 10.42
N SER A 2 8.02 20.89 9.10
CA SER A 2 8.83 19.86 8.47
C SER A 2 9.28 20.30 7.07
N SER A 3 10.38 19.73 6.61
CA SER A 3 10.93 20.06 5.29
C SER A 3 11.65 18.87 4.69
N GLY A 4 11.69 18.81 3.36
CA GLY A 4 12.36 17.72 2.68
C GLY A 4 11.73 17.40 1.34
N SER A 5 12.53 16.88 0.42
CA SER A 5 12.04 16.53 -0.92
C SER A 5 13.02 15.61 -1.63
N SER A 6 12.58 15.03 -2.74
CA SER A 6 13.41 14.13 -3.51
C SER A 6 12.81 13.86 -4.89
N GLY A 7 13.59 13.26 -5.78
CA GLY A 7 13.11 12.97 -7.11
C GLY A 7 14.16 12.27 -7.97
N THR A 8 14.68 11.16 -7.47
CA THR A 8 15.69 10.39 -8.18
C THR A 8 15.45 8.89 -8.08
N SER A 9 15.30 8.24 -9.22
CA SER A 9 15.07 6.80 -9.26
C SER A 9 16.35 6.02 -8.96
N ALA A 10 17.37 6.26 -9.77
CA ALA A 10 18.65 5.59 -9.59
C ALA A 10 18.49 4.08 -9.68
N LEU A 11 18.67 3.54 -10.89
CA LEU A 11 18.54 2.10 -11.11
C LEU A 11 19.63 1.33 -10.36
N ALA A 12 19.22 0.39 -9.52
CA ALA A 12 20.16 -0.41 -8.76
C ALA A 12 19.44 -1.47 -7.94
N PRO A 13 20.16 -2.56 -7.62
CA PRO A 13 19.60 -3.68 -6.84
C PRO A 13 19.34 -3.30 -5.39
N VAL A 14 18.22 -2.61 -5.16
CA VAL A 14 17.86 -2.19 -3.81
C VAL A 14 17.07 -3.28 -3.08
N ALA A 15 17.29 -3.38 -1.78
CA ALA A 15 16.60 -4.38 -0.97
C ALA A 15 16.18 -3.80 0.37
N ALA A 16 15.44 -2.70 0.33
CA ALA A 16 14.97 -2.05 1.56
C ALA A 16 14.04 -0.89 1.23
N ILE A 17 13.09 -0.63 2.13
CA ILE A 17 12.13 0.46 1.94
C ILE A 17 12.81 1.82 2.12
N ILE A 18 12.38 2.79 1.34
CA ILE A 18 12.93 4.14 1.42
C ILE A 18 11.92 5.11 2.02
N PRO A 19 12.39 5.92 2.98
CA PRO A 19 11.54 6.91 3.65
C PRO A 19 11.16 8.07 2.73
N PRO A 20 9.90 8.04 2.25
CA PRO A 20 9.38 9.09 1.35
C PRO A 20 9.19 10.42 2.06
N PRO A 21 8.96 11.48 1.29
CA PRO A 21 8.77 12.83 1.82
C PRO A 21 7.43 12.97 2.53
N PRO A 22 7.28 14.07 3.30
CA PRO A 22 6.06 14.34 4.05
C PRO A 22 4.88 14.69 3.14
N ASP A 23 5.16 14.93 1.88
CA ASP A 23 4.13 15.27 0.90
C ASP A 23 3.50 14.01 0.32
N VAL A 24 4.27 12.92 0.33
CA VAL A 24 3.79 11.64 -0.21
C VAL A 24 3.50 10.66 0.92
N GLN A 25 4.12 10.87 2.06
CA GLN A 25 3.93 10.00 3.22
C GLN A 25 2.45 9.82 3.52
N PRO A 26 1.75 10.95 3.75
CA PRO A 26 0.32 10.94 4.04
C PRO A 26 -0.53 10.54 2.84
N VAL A 27 0.08 10.55 1.67
CA VAL A 27 -0.62 10.18 0.44
C VAL A 27 -0.65 8.67 0.26
N ILE A 28 0.33 7.99 0.85
CA ILE A 28 0.41 6.53 0.76
C ILE A 28 -0.32 5.86 1.92
N ASP A 29 -0.03 6.33 3.13
CA ASP A 29 -0.66 5.78 4.33
C ASP A 29 -2.17 5.92 4.26
N LYS A 30 -2.64 6.98 3.62
CA LYS A 30 -4.06 7.24 3.49
C LYS A 30 -4.73 6.16 2.63
N LEU A 31 -3.96 5.57 1.72
CA LEU A 31 -4.48 4.52 0.85
C LEU A 31 -4.32 3.15 1.49
N ALA A 32 -3.20 2.95 2.18
CA ALA A 32 -2.94 1.68 2.85
C ALA A 32 -4.07 1.31 3.80
N GLU A 33 -4.47 2.27 4.64
CA GLU A 33 -5.53 2.03 5.60
C GLU A 33 -6.86 1.76 4.89
N TYR A 34 -7.01 2.34 3.70
CA TYR A 34 -8.24 2.15 2.92
C TYR A 34 -8.26 0.77 2.28
N VAL A 35 -7.13 0.36 1.71
CA VAL A 35 -7.02 -0.94 1.05
C VAL A 35 -7.13 -2.07 2.07
N ALA A 36 -6.67 -1.81 3.29
CA ALA A 36 -6.70 -2.80 4.35
C ALA A 36 -8.12 -2.99 4.88
N ARG A 37 -8.91 -1.91 4.83
CA ARG A 37 -10.28 -1.96 5.31
C ARG A 37 -11.23 -2.44 4.21
N ASN A 38 -11.20 -1.74 3.07
CA ASN A 38 -12.05 -2.10 1.94
C ASN A 38 -11.66 -3.46 1.37
N GLY A 39 -10.37 -3.67 1.18
CA GLY A 39 -9.88 -4.92 0.64
C GLY A 39 -8.86 -4.73 -0.46
N LEU A 40 -8.16 -5.81 -0.80
CA LEU A 40 -7.14 -5.76 -1.85
C LEU A 40 -7.75 -5.34 -3.19
N LYS A 41 -9.05 -5.63 -3.35
CA LYS A 41 -9.75 -5.29 -4.58
C LYS A 41 -9.58 -3.81 -4.92
N PHE A 42 -9.52 -2.98 -3.88
CA PHE A 42 -9.35 -1.54 -4.06
C PHE A 42 -8.02 -1.23 -4.76
N GLU A 43 -6.97 -1.93 -4.36
CA GLU A 43 -5.66 -1.72 -4.95
C GLU A 43 -5.71 -1.88 -6.47
N THR A 44 -6.64 -2.69 -6.94
CA THR A 44 -6.80 -2.92 -8.37
C THR A 44 -7.46 -1.73 -9.06
N SER A 45 -8.46 -1.16 -8.40
CA SER A 45 -9.17 -0.01 -8.94
C SER A 45 -8.26 1.21 -9.02
N VAL A 46 -7.53 1.47 -7.94
CA VAL A 46 -6.62 2.60 -7.88
C VAL A 46 -5.54 2.50 -8.96
N ARG A 47 -5.18 1.27 -9.30
CA ARG A 47 -4.16 1.03 -10.31
C ARG A 47 -4.72 1.28 -11.71
N ALA A 48 -5.94 0.83 -11.95
CA ALA A 48 -6.59 1.01 -13.25
C ALA A 48 -6.59 2.48 -13.66
N LYS A 49 -6.57 3.36 -12.67
CA LYS A 49 -6.57 4.81 -12.93
C LYS A 49 -5.24 5.24 -13.55
N ASN A 50 -4.14 4.72 -13.01
CA ASN A 50 -2.82 5.06 -13.52
C ASN A 50 -2.59 6.57 -13.49
N ASP A 51 -3.23 7.23 -12.53
CA ASP A 51 -3.09 8.67 -12.39
C ASP A 51 -1.72 9.05 -11.84
N GLN A 52 -1.23 10.22 -12.22
CA GLN A 52 0.07 10.69 -11.77
C GLN A 52 0.14 10.72 -10.24
N ARG A 53 -0.98 11.03 -9.61
CA ARG A 53 -1.05 11.10 -8.16
C ARG A 53 -0.90 9.71 -7.53
N PHE A 54 -1.27 8.69 -8.30
CA PHE A 54 -1.18 7.31 -7.82
C PHE A 54 -0.12 6.54 -8.60
N GLU A 55 1.05 7.16 -8.77
CA GLU A 55 2.15 6.52 -9.49
C GLU A 55 3.00 5.67 -8.57
N PHE A 56 3.07 6.06 -7.30
CA PHE A 56 3.85 5.33 -6.31
C PHE A 56 3.42 3.87 -6.25
N LEU A 57 2.18 3.60 -6.61
CA LEU A 57 1.65 2.25 -6.61
C LEU A 57 2.28 1.41 -7.71
N GLN A 58 2.73 2.07 -8.77
CA GLN A 58 3.35 1.38 -9.89
C GLN A 58 4.50 0.51 -9.42
N PRO A 59 4.82 -0.54 -10.20
CA PRO A 59 5.90 -1.48 -9.87
C PRO A 59 7.28 -0.85 -10.03
N TRP A 60 7.49 -0.18 -11.15
CA TRP A 60 8.77 0.47 -11.40
C TRP A 60 9.10 1.49 -10.32
N HIS A 61 8.06 2.05 -9.72
CA HIS A 61 8.23 3.04 -8.66
C HIS A 61 8.88 2.41 -7.43
N GLN A 62 9.69 3.20 -6.73
CA GLN A 62 10.37 2.71 -5.53
C GLN A 62 9.48 2.83 -4.31
N TYR A 63 8.68 3.89 -4.25
CA TYR A 63 7.79 4.13 -3.13
C TYR A 63 6.84 2.94 -2.95
N ASN A 64 6.59 2.21 -4.03
CA ASN A 64 5.70 1.05 -3.99
C ASN A 64 6.11 0.10 -2.88
N ALA A 65 7.41 0.04 -2.60
CA ALA A 65 7.93 -0.83 -1.55
C ALA A 65 7.37 -0.45 -0.19
N TYR A 66 7.27 0.85 0.06
CA TYR A 66 6.76 1.35 1.33
C TYR A 66 5.27 1.03 1.48
N TYR A 67 4.56 1.05 0.36
CA TYR A 67 3.12 0.77 0.36
C TYR A 67 2.86 -0.67 0.78
N GLU A 68 3.70 -1.59 0.32
CA GLU A 68 3.55 -3.00 0.66
C GLU A 68 3.69 -3.22 2.16
N PHE A 69 4.47 -2.37 2.81
CA PHE A 69 4.67 -2.47 4.25
C PHE A 69 3.50 -1.85 5.01
N LYS A 70 3.18 -0.61 4.69
CA LYS A 70 2.09 0.10 5.34
C LYS A 70 0.77 -0.66 5.15
N LYS A 71 0.59 -1.23 3.98
CA LYS A 71 -0.62 -1.98 3.68
C LYS A 71 -0.81 -3.14 4.66
N GLN A 72 0.21 -3.99 4.77
CA GLN A 72 0.15 -5.13 5.67
C GLN A 72 -0.04 -4.68 7.11
N PHE A 73 0.60 -3.56 7.47
CA PHE A 73 0.51 -3.03 8.82
C PHE A 73 -0.96 -2.78 9.20
N PHE A 74 -1.67 -2.08 8.34
CA PHE A 74 -3.08 -1.77 8.58
C PHE A 74 -3.93 -3.03 8.48
N LEU A 75 -3.51 -3.95 7.61
CA LEU A 75 -4.24 -5.19 7.41
C LEU A 75 -4.37 -5.97 8.72
N GLN A 76 -3.24 -6.33 9.30
CA GLN A 76 -3.22 -7.07 10.56
C GLN A 76 -3.21 -6.11 11.75
N LYS A 77 -2.13 -5.35 11.86
CA LYS A 77 -1.99 -4.38 12.96
C LYS A 77 -2.07 -5.09 14.31
N GLU A 78 -0.91 -5.44 14.86
CA GLU A 78 -0.85 -6.12 16.15
C GLU A 78 -0.32 -5.19 17.24
N GLY A 79 -0.60 -3.89 17.08
CA GLY A 79 -0.15 -2.92 18.06
C GLY A 79 -0.90 -1.61 17.97
N GLY A 80 -1.41 -1.14 19.11
CA GLY A 80 -2.15 0.11 19.13
C GLY A 80 -3.01 0.24 20.36
N ASP A 81 -2.57 1.06 21.31
CA ASP A 81 -3.31 1.28 22.54
C ASP A 81 -4.57 2.10 22.28
N SER A 82 -4.53 2.93 21.26
CA SER A 82 -5.66 3.78 20.90
C SER A 82 -5.37 4.60 19.66
N MET A 83 -6.42 4.97 18.94
CA MET A 83 -6.28 5.77 17.73
C MET A 83 -6.38 7.26 18.03
N GLN A 84 -7.09 7.59 19.10
CA GLN A 84 -7.26 8.98 19.51
C GLN A 84 -6.02 9.51 20.22
N ALA A 85 -5.54 8.75 21.20
CA ALA A 85 -4.35 9.14 21.94
C ALA A 85 -3.11 9.18 21.05
N VAL A 86 -2.58 10.36 20.83
CA VAL A 86 -1.40 10.53 19.99
C VAL A 86 -0.85 11.95 20.09
N SER A 87 0.47 12.07 20.22
CA SER A 87 1.12 13.37 20.32
C SER A 87 1.90 13.69 19.04
N ALA A 88 2.56 12.67 18.50
CA ALA A 88 3.35 12.83 17.29
C ALA A 88 3.28 11.59 16.41
N PRO A 89 3.51 11.77 15.10
CA PRO A 89 3.48 10.67 14.14
C PRO A 89 4.65 9.71 14.31
N GLU A 90 4.33 8.42 14.50
CA GLU A 90 5.36 7.41 14.68
C GLU A 90 6.10 7.15 13.38
N GLY A 1 -22.85 -15.30 -3.19
CA GLY A 1 -21.82 -16.06 -3.88
C GLY A 1 -20.63 -15.20 -4.27
N SER A 2 -19.47 -15.51 -3.71
CA SER A 2 -18.26 -14.76 -4.00
C SER A 2 -17.12 -15.69 -4.40
N SER A 3 -16.00 -15.11 -4.83
CA SER A 3 -14.85 -15.89 -5.25
C SER A 3 -13.65 -15.60 -4.35
N GLY A 4 -12.57 -16.35 -4.57
CA GLY A 4 -11.37 -16.17 -3.77
C GLY A 4 -10.15 -16.78 -4.41
N SER A 5 -9.50 -16.03 -5.31
CA SER A 5 -8.32 -16.53 -6.01
C SER A 5 -7.38 -15.37 -6.36
N SER A 6 -7.96 -14.29 -6.87
CA SER A 6 -7.19 -13.12 -7.27
C SER A 6 -6.29 -12.65 -6.11
N GLY A 7 -5.22 -11.95 -6.46
CA GLY A 7 -4.30 -11.46 -5.45
C GLY A 7 -3.02 -12.27 -5.39
N THR A 8 -2.08 -11.96 -6.27
CA THR A 8 -0.81 -12.66 -6.32
C THR A 8 0.37 -11.68 -6.33
N SER A 9 1.57 -12.21 -6.15
CA SER A 9 2.77 -11.38 -6.14
C SER A 9 4.03 -12.25 -6.11
N ALA A 10 5.12 -11.74 -6.69
CA ALA A 10 6.37 -12.46 -6.72
C ALA A 10 6.79 -12.92 -5.32
N LEU A 11 7.50 -14.03 -5.26
CA LEU A 11 7.95 -14.58 -3.98
C LEU A 11 9.39 -14.15 -3.69
N ALA A 12 9.56 -13.29 -2.68
CA ALA A 12 10.87 -12.80 -2.29
C ALA A 12 10.80 -11.98 -1.01
N PRO A 13 11.93 -11.91 -0.29
CA PRO A 13 12.02 -11.16 0.97
C PRO A 13 11.96 -9.65 0.76
N VAL A 14 11.43 -8.94 1.75
CA VAL A 14 11.32 -7.49 1.66
C VAL A 14 12.20 -6.81 2.71
N ALA A 15 13.21 -6.08 2.22
CA ALA A 15 14.13 -5.39 3.11
C ALA A 15 14.80 -4.21 2.39
N ALA A 16 14.08 -3.63 1.44
CA ALA A 16 14.61 -2.50 0.67
C ALA A 16 13.53 -1.44 0.45
N ILE A 17 13.44 -0.50 1.39
CA ILE A 17 12.46 0.56 1.30
C ILE A 17 13.12 1.94 1.42
N ILE A 18 12.58 2.91 0.71
CA ILE A 18 13.12 4.27 0.75
C ILE A 18 12.14 5.23 1.41
N PRO A 19 12.65 6.05 2.34
CA PRO A 19 11.85 7.03 3.06
C PRO A 19 11.37 8.17 2.17
N PRO A 20 10.10 8.13 1.78
CA PRO A 20 9.50 9.16 0.92
C PRO A 20 9.33 10.49 1.63
N PRO A 21 9.04 11.55 0.86
CA PRO A 21 8.85 12.90 1.41
C PRO A 21 7.56 13.02 2.23
N PRO A 22 7.47 14.11 3.01
CA PRO A 22 6.30 14.37 3.85
C PRO A 22 5.05 14.70 3.04
N ASP A 23 5.25 14.97 1.75
CA ASP A 23 4.15 15.32 0.86
C ASP A 23 3.49 14.06 0.30
N VAL A 24 4.27 12.98 0.23
CA VAL A 24 3.76 11.71 -0.29
C VAL A 24 3.55 10.70 0.83
N GLN A 25 4.25 10.91 1.95
CA GLN A 25 4.13 10.02 3.10
C GLN A 25 2.68 9.82 3.49
N PRO A 26 1.99 10.94 3.77
CA PRO A 26 0.57 10.92 4.17
C PRO A 26 -0.35 10.53 3.02
N VAL A 27 0.19 10.56 1.80
CA VAL A 27 -0.59 10.20 0.62
C VAL A 27 -0.61 8.69 0.41
N ILE A 28 0.40 8.02 0.93
CA ILE A 28 0.49 6.57 0.81
C ILE A 28 -0.19 5.87 1.98
N ASP A 29 0.10 6.32 3.19
CA ASP A 29 -0.48 5.75 4.40
C ASP A 29 -2.01 5.82 4.34
N LYS A 30 -2.53 6.94 3.85
CA LYS A 30 -3.97 7.14 3.74
C LYS A 30 -4.61 6.02 2.93
N LEU A 31 -3.91 5.57 1.89
CA LEU A 31 -4.40 4.50 1.04
C LEU A 31 -4.22 3.14 1.70
N ALA A 32 -3.13 3.00 2.44
CA ALA A 32 -2.84 1.74 3.14
C ALA A 32 -3.92 1.42 4.16
N GLU A 33 -4.55 2.46 4.69
CA GLU A 33 -5.60 2.29 5.69
C GLU A 33 -6.94 1.99 5.02
N TYR A 34 -7.12 2.51 3.82
CA TYR A 34 -8.35 2.31 3.07
C TYR A 34 -8.38 0.93 2.43
N VAL A 35 -7.27 0.53 1.83
CA VAL A 35 -7.16 -0.77 1.19
C VAL A 35 -7.19 -1.90 2.21
N ALA A 36 -6.71 -1.61 3.42
CA ALA A 36 -6.68 -2.59 4.49
C ALA A 36 -8.08 -2.84 5.04
N ARG A 37 -8.95 -1.84 4.92
CA ARG A 37 -10.32 -1.95 5.41
C ARG A 37 -11.24 -2.49 4.32
N ASN A 38 -11.16 -1.88 3.14
CA ASN A 38 -11.99 -2.30 2.02
C ASN A 38 -11.54 -3.65 1.47
N GLY A 39 -10.26 -3.74 1.11
CA GLY A 39 -9.72 -4.98 0.58
C GLY A 39 -8.74 -4.74 -0.56
N LEU A 40 -7.88 -5.73 -0.81
CA LEU A 40 -6.89 -5.63 -1.87
C LEU A 40 -7.56 -5.31 -3.21
N LYS A 41 -8.81 -5.74 -3.35
CA LYS A 41 -9.56 -5.51 -4.58
C LYS A 41 -9.56 -4.03 -4.94
N PHE A 42 -9.48 -3.18 -3.93
CA PHE A 42 -9.47 -1.74 -4.14
C PHE A 42 -8.20 -1.30 -4.85
N GLU A 43 -7.07 -1.86 -4.44
CA GLU A 43 -5.78 -1.52 -5.04
C GLU A 43 -5.81 -1.77 -6.54
N THR A 44 -6.59 -2.76 -6.96
CA THR A 44 -6.70 -3.10 -8.37
C THR A 44 -7.48 -2.04 -9.14
N SER A 45 -8.35 -1.32 -8.43
CA SER A 45 -9.16 -0.28 -9.04
C SER A 45 -8.33 0.98 -9.30
N VAL A 46 -7.63 1.44 -8.26
CA VAL A 46 -6.79 2.64 -8.38
C VAL A 46 -5.72 2.44 -9.44
N ARG A 47 -5.16 1.24 -9.51
CA ARG A 47 -4.12 0.94 -10.47
C ARG A 47 -4.63 1.11 -11.90
N ALA A 48 -5.93 0.92 -12.10
CA ALA A 48 -6.54 1.06 -13.40
C ALA A 48 -6.72 2.53 -13.77
N LYS A 49 -6.80 3.38 -12.74
CA LYS A 49 -6.97 4.82 -12.96
C LYS A 49 -5.75 5.41 -13.64
N ASN A 50 -4.58 4.86 -13.35
CA ASN A 50 -3.33 5.33 -13.94
C ASN A 50 -3.18 6.85 -13.74
N ASP A 51 -3.75 7.35 -12.65
CA ASP A 51 -3.68 8.77 -12.34
C ASP A 51 -2.31 9.14 -11.76
N GLN A 52 -1.80 10.30 -12.14
CA GLN A 52 -0.51 10.76 -11.67
C GLN A 52 -0.47 10.79 -10.14
N ARG A 53 -1.63 11.02 -9.53
CA ARG A 53 -1.72 11.07 -8.07
C ARG A 53 -1.49 9.69 -7.46
N PHE A 54 -1.79 8.65 -8.24
CA PHE A 54 -1.63 7.28 -7.78
C PHE A 54 -0.60 6.54 -8.63
N GLU A 55 0.61 7.07 -8.69
CA GLU A 55 1.68 6.45 -9.47
C GLU A 55 2.58 5.59 -8.58
N PHE A 56 2.68 5.96 -7.31
CA PHE A 56 3.51 5.23 -6.36
C PHE A 56 3.07 3.76 -6.29
N LEU A 57 1.81 3.50 -6.61
CA LEU A 57 1.28 2.15 -6.59
C LEU A 57 1.87 1.31 -7.72
N GLN A 58 2.30 1.97 -8.78
CA GLN A 58 2.89 1.29 -9.92
C GLN A 58 4.04 0.39 -9.48
N PRO A 59 4.32 -0.66 -10.28
CA PRO A 59 5.40 -1.61 -9.99
C PRO A 59 6.77 -1.00 -10.16
N TRP A 60 6.98 -0.32 -11.28
CA TRP A 60 8.27 0.31 -11.56
C TRP A 60 8.62 1.32 -10.47
N HIS A 61 7.61 2.00 -9.95
CA HIS A 61 7.81 3.00 -8.91
C HIS A 61 8.54 2.39 -7.71
N GLN A 62 9.38 3.19 -7.06
CA GLN A 62 10.14 2.73 -5.90
C GLN A 62 9.29 2.83 -4.63
N TYR A 63 8.49 3.88 -4.55
CA TYR A 63 7.63 4.10 -3.38
C TYR A 63 6.71 2.91 -3.14
N ASN A 64 6.43 2.16 -4.21
CA ASN A 64 5.56 1.00 -4.11
C ASN A 64 6.04 0.05 -3.02
N ALA A 65 7.35 0.02 -2.79
CA ALA A 65 7.94 -0.83 -1.78
C ALA A 65 7.47 -0.42 -0.38
N TYR A 66 7.37 0.88 -0.16
CA TYR A 66 6.94 1.40 1.13
C TYR A 66 5.46 1.12 1.37
N TYR A 67 4.66 1.29 0.33
CA TYR A 67 3.22 1.06 0.43
C TYR A 67 2.93 -0.40 0.80
N GLU A 68 3.65 -1.32 0.15
CA GLU A 68 3.47 -2.74 0.42
C GLU A 68 3.65 -3.04 1.89
N PHE A 69 4.55 -2.31 2.54
CA PHE A 69 4.82 -2.50 3.97
C PHE A 69 3.72 -1.89 4.82
N LYS A 70 3.40 -0.62 4.55
CA LYS A 70 2.36 0.09 5.29
C LYS A 70 1.03 -0.66 5.20
N LYS A 71 0.82 -1.34 4.08
CA LYS A 71 -0.42 -2.08 3.86
C LYS A 71 -0.51 -3.27 4.81
N GLN A 72 0.62 -3.97 4.98
CA GLN A 72 0.66 -5.13 5.87
C GLN A 72 0.37 -4.72 7.31
N PHE A 73 0.74 -3.50 7.66
CA PHE A 73 0.53 -2.98 9.00
C PHE A 73 -0.97 -2.88 9.32
N PHE A 74 -1.67 -2.08 8.53
CA PHE A 74 -3.10 -1.90 8.72
C PHE A 74 -3.85 -3.21 8.59
N LEU A 75 -3.32 -4.11 7.77
CA LEU A 75 -3.92 -5.41 7.55
C LEU A 75 -3.91 -6.24 8.83
N GLN A 76 -2.74 -6.37 9.43
CA GLN A 76 -2.59 -7.14 10.67
C GLN A 76 -3.50 -6.59 11.76
N LYS A 77 -3.62 -5.27 11.81
CA LYS A 77 -4.44 -4.61 12.81
C LYS A 77 -5.91 -4.60 12.37
N GLU A 78 -6.52 -5.78 12.33
CA GLU A 78 -7.92 -5.91 11.93
C GLU A 78 -8.83 -5.19 12.92
N GLY A 79 -8.37 -5.07 14.16
CA GLY A 79 -9.16 -4.40 15.19
C GLY A 79 -9.04 -2.90 15.12
N GLY A 80 -9.47 -2.22 16.18
CA GLY A 80 -9.40 -0.77 16.22
C GLY A 80 -9.62 -0.22 17.61
N ASP A 81 -8.76 0.71 18.02
CA ASP A 81 -8.85 1.32 19.34
C ASP A 81 -9.08 2.82 19.23
N SER A 82 -8.35 3.46 18.31
CA SER A 82 -8.47 4.89 18.11
C SER A 82 -9.88 5.26 17.65
N MET A 83 -10.58 6.05 18.47
CA MET A 83 -11.93 6.48 18.14
C MET A 83 -12.04 8.00 18.17
N GLN A 84 -12.19 8.61 17.00
CA GLN A 84 -12.31 10.05 16.89
C GLN A 84 -13.57 10.44 16.12
N ALA A 85 -13.90 11.73 16.16
CA ALA A 85 -15.08 12.22 15.46
C ALA A 85 -14.91 12.15 13.95
N VAL A 86 -15.94 11.68 13.26
CA VAL A 86 -15.90 11.55 11.81
C VAL A 86 -16.46 12.80 11.14
N SER A 87 -15.59 13.59 10.52
CA SER A 87 -16.00 14.81 9.84
C SER A 87 -15.60 14.77 8.37
N ALA A 88 -16.49 14.27 7.53
CA ALA A 88 -16.23 14.17 6.10
C ALA A 88 -17.45 14.62 5.29
N PRO A 89 -17.21 15.06 4.05
CA PRO A 89 -18.27 15.53 3.15
C PRO A 89 -19.17 14.40 2.67
N GLU A 90 -20.19 14.74 1.90
CA GLU A 90 -21.12 13.75 1.38
C GLU A 90 -21.76 12.95 2.51
N GLY A 1 2.48 30.88 -7.36
CA GLY A 1 2.17 29.86 -8.34
C GLY A 1 3.35 28.93 -8.61
N SER A 2 3.32 27.76 -8.00
CA SER A 2 4.39 26.78 -8.16
C SER A 2 3.86 25.36 -7.94
N SER A 3 4.18 24.47 -8.88
CA SER A 3 3.74 23.08 -8.79
C SER A 3 4.60 22.19 -9.68
N GLY A 4 4.94 21.00 -9.18
CA GLY A 4 5.74 20.08 -9.94
C GLY A 4 6.44 19.06 -9.06
N SER A 5 7.19 18.15 -9.68
CA SER A 5 7.92 17.12 -8.95
C SER A 5 8.79 16.30 -9.89
N SER A 6 10.03 16.76 -10.10
CA SER A 6 10.96 16.08 -10.97
C SER A 6 12.24 15.71 -10.23
N GLY A 7 12.54 14.42 -10.18
CA GLY A 7 13.73 13.96 -9.49
C GLY A 7 14.32 12.72 -10.12
N THR A 8 14.01 11.55 -9.54
CA THR A 8 14.51 10.28 -10.05
C THR A 8 13.40 9.26 -10.16
N SER A 9 13.25 8.67 -11.35
CA SER A 9 12.22 7.67 -11.58
C SER A 9 12.73 6.56 -12.49
N ALA A 10 12.96 5.38 -11.91
CA ALA A 10 13.46 4.24 -12.68
C ALA A 10 12.93 2.94 -12.11
N LEU A 11 13.40 1.82 -12.66
CA LEU A 11 12.98 0.50 -12.20
C LEU A 11 14.14 -0.24 -11.53
N ALA A 12 13.82 -1.34 -10.86
CA ALA A 12 14.83 -2.14 -10.18
C ALA A 12 14.22 -3.37 -9.53
N PRO A 13 15.04 -4.41 -9.33
CA PRO A 13 14.60 -5.66 -8.71
C PRO A 13 14.28 -5.50 -7.23
N VAL A 14 14.02 -6.62 -6.55
CA VAL A 14 13.70 -6.60 -5.13
C VAL A 14 14.78 -5.85 -4.34
N ALA A 15 14.36 -4.99 -3.43
CA ALA A 15 15.28 -4.21 -2.62
C ALA A 15 14.62 -3.78 -1.32
N ALA A 16 15.30 -2.90 -0.57
CA ALA A 16 14.78 -2.41 0.70
C ALA A 16 13.76 -1.29 0.47
N ILE A 17 13.34 -0.66 1.57
CA ILE A 17 12.37 0.42 1.49
C ILE A 17 13.05 1.78 1.64
N ILE A 18 12.54 2.77 0.91
CA ILE A 18 13.10 4.11 0.97
C ILE A 18 12.10 5.09 1.61
N PRO A 19 12.61 5.90 2.56
CA PRO A 19 11.78 6.89 3.26
C PRO A 19 11.36 8.04 2.35
N PRO A 20 10.10 8.02 1.91
CA PRO A 20 9.54 9.06 1.04
C PRO A 20 9.37 10.39 1.75
N PRO A 21 9.12 11.45 0.98
CA PRO A 21 8.93 12.80 1.51
C PRO A 21 7.62 12.94 2.29
N PRO A 22 7.50 14.03 3.08
CA PRO A 22 6.31 14.30 3.88
C PRO A 22 5.10 14.66 3.02
N ASP A 23 5.36 14.93 1.74
CA ASP A 23 4.29 15.30 0.82
C ASP A 23 3.64 14.05 0.23
N VAL A 24 4.39 12.95 0.17
CA VAL A 24 3.90 11.70 -0.36
C VAL A 24 3.62 10.69 0.74
N GLN A 25 4.29 10.88 1.88
CA GLN A 25 4.12 9.98 3.01
C GLN A 25 2.65 9.81 3.36
N PRO A 26 1.96 10.94 3.63
CA PRO A 26 0.54 10.95 3.98
C PRO A 26 -0.34 10.57 2.79
N VAL A 27 0.23 10.61 1.59
CA VAL A 27 -0.51 10.27 0.38
C VAL A 27 -0.55 8.77 0.16
N ILE A 28 0.47 8.08 0.67
CA ILE A 28 0.55 6.62 0.53
C ILE A 28 -0.05 5.92 1.75
N ASP A 29 0.07 6.55 2.91
CA ASP A 29 -0.46 5.98 4.14
C ASP A 29 -2.00 6.05 4.15
N LYS A 30 -2.54 7.05 3.46
CA LYS A 30 -3.99 7.23 3.40
C LYS A 30 -4.63 6.12 2.57
N LEU A 31 -3.89 5.60 1.60
CA LEU A 31 -4.39 4.54 0.74
C LEU A 31 -4.21 3.17 1.40
N ALA A 32 -3.07 2.99 2.07
CA ALA A 32 -2.79 1.73 2.75
C ALA A 32 -3.92 1.35 3.70
N GLU A 33 -4.22 2.24 4.64
CA GLU A 33 -5.28 1.99 5.62
C GLU A 33 -6.61 1.74 4.91
N TYR A 34 -6.78 2.35 3.74
CA TYR A 34 -8.01 2.20 2.97
C TYR A 34 -8.11 0.79 2.39
N VAL A 35 -7.06 0.38 1.69
CA VAL A 35 -7.02 -0.95 1.08
C VAL A 35 -7.04 -2.05 2.13
N ALA A 36 -6.52 -1.73 3.31
CA ALA A 36 -6.47 -2.69 4.41
C ALA A 36 -7.86 -2.92 5.00
N ARG A 37 -8.72 -1.92 4.87
CA ARG A 37 -10.09 -2.02 5.38
C ARG A 37 -11.06 -2.45 4.29
N ASN A 38 -11.10 -1.69 3.21
CA ASN A 38 -11.99 -1.99 2.09
C ASN A 38 -11.67 -3.37 1.50
N GLY A 39 -10.43 -3.55 1.06
CA GLY A 39 -10.03 -4.82 0.49
C GLY A 39 -8.96 -4.65 -0.58
N LEU A 40 -8.14 -5.69 -0.76
CA LEU A 40 -7.07 -5.66 -1.74
C LEU A 40 -7.62 -5.34 -3.12
N LYS A 41 -8.89 -5.69 -3.35
CA LYS A 41 -9.52 -5.44 -4.64
C LYS A 41 -9.39 -3.96 -5.03
N PHE A 42 -9.33 -3.09 -4.03
CA PHE A 42 -9.20 -1.66 -4.27
C PHE A 42 -7.86 -1.34 -4.95
N GLU A 43 -6.82 -2.07 -4.57
CA GLU A 43 -5.50 -1.87 -5.15
C GLU A 43 -5.55 -1.95 -6.66
N THR A 44 -6.49 -2.73 -7.18
CA THR A 44 -6.65 -2.89 -8.62
C THR A 44 -7.44 -1.73 -9.23
N SER A 45 -8.45 -1.27 -8.51
CA SER A 45 -9.28 -0.17 -8.98
C SER A 45 -8.47 1.13 -9.08
N VAL A 46 -7.71 1.42 -8.02
CA VAL A 46 -6.89 2.63 -7.99
C VAL A 46 -5.90 2.63 -9.14
N ARG A 47 -5.42 1.45 -9.52
CA ARG A 47 -4.46 1.32 -10.61
C ARG A 47 -5.13 1.57 -11.96
N ALA A 48 -6.36 1.08 -12.10
CA ALA A 48 -7.11 1.25 -13.34
C ALA A 48 -7.22 2.72 -13.72
N LYS A 49 -7.16 3.59 -12.72
CA LYS A 49 -7.25 5.03 -12.95
C LYS A 49 -6.03 5.54 -13.72
N ASN A 50 -4.87 4.95 -13.42
CA ASN A 50 -3.63 5.35 -14.08
C ASN A 50 -3.42 6.85 -13.99
N ASP A 51 -3.51 7.39 -12.78
CA ASP A 51 -3.33 8.82 -12.56
C ASP A 51 -1.94 9.11 -11.99
N GLN A 52 -1.35 10.21 -12.43
CA GLN A 52 -0.03 10.61 -11.96
C GLN A 52 0.02 10.70 -10.44
N ARG A 53 -1.13 11.01 -9.84
CA ARG A 53 -1.23 11.12 -8.39
C ARG A 53 -1.03 9.76 -7.72
N PHE A 54 -1.35 8.70 -8.45
CA PHE A 54 -1.22 7.35 -7.93
C PHE A 54 -0.21 6.54 -8.75
N GLU A 55 1.02 7.03 -8.80
CA GLU A 55 2.07 6.36 -9.56
C GLU A 55 2.93 5.49 -8.65
N PHE A 56 3.01 5.87 -7.38
CA PHE A 56 3.79 5.13 -6.41
C PHE A 56 3.32 3.69 -6.32
N LEU A 57 2.05 3.46 -6.66
CA LEU A 57 1.47 2.12 -6.62
C LEU A 57 2.07 1.24 -7.71
N GLN A 58 2.55 1.86 -8.77
CA GLN A 58 3.16 1.13 -9.89
C GLN A 58 4.27 0.22 -9.39
N PRO A 59 4.53 -0.86 -10.14
CA PRO A 59 5.58 -1.83 -9.80
C PRO A 59 6.98 -1.26 -9.96
N TRP A 60 7.23 -0.63 -11.10
CA TRP A 60 8.53 -0.03 -11.37
C TRP A 60 8.89 1.01 -10.32
N HIS A 61 7.88 1.71 -9.81
CA HIS A 61 8.09 2.74 -8.80
C HIS A 61 8.76 2.15 -7.57
N GLN A 62 9.54 2.98 -6.87
CA GLN A 62 10.24 2.54 -5.67
C GLN A 62 9.35 2.69 -4.43
N TYR A 63 8.56 3.75 -4.41
CA TYR A 63 7.67 4.02 -3.28
C TYR A 63 6.74 2.84 -3.04
N ASN A 64 6.48 2.07 -4.10
CA ASN A 64 5.60 0.91 -3.99
C ASN A 64 6.03 0.00 -2.85
N ALA A 65 7.33 -0.01 -2.57
CA ALA A 65 7.87 -0.84 -1.50
C ALA A 65 7.36 -0.38 -0.13
N TYR A 66 7.27 0.93 0.05
CA TYR A 66 6.81 1.50 1.31
C TYR A 66 5.32 1.24 1.50
N TYR A 67 4.60 1.14 0.39
CA TYR A 67 3.16 0.89 0.44
C TYR A 67 2.87 -0.52 0.92
N GLU A 68 3.69 -1.48 0.49
CA GLU A 68 3.52 -2.87 0.88
C GLU A 68 3.65 -3.04 2.39
N PHE A 69 4.57 -2.27 2.99
CA PHE A 69 4.79 -2.33 4.42
C PHE A 69 3.60 -1.74 5.19
N LYS A 70 3.30 -0.48 4.90
CA LYS A 70 2.19 0.21 5.57
C LYS A 70 0.91 -0.60 5.44
N LYS A 71 0.74 -1.28 4.30
CA LYS A 71 -0.45 -2.09 4.05
C LYS A 71 -0.50 -3.28 5.01
N GLN A 72 0.60 -4.02 5.09
CA GLN A 72 0.67 -5.18 5.96
C GLN A 72 0.37 -4.79 7.41
N PHE A 73 0.83 -3.61 7.81
CA PHE A 73 0.61 -3.12 9.16
C PHE A 73 -0.88 -2.98 9.45
N PHE A 74 -1.58 -2.23 8.60
CA PHE A 74 -3.01 -2.01 8.76
C PHE A 74 -3.78 -3.32 8.63
N LEU A 75 -3.25 -4.24 7.82
CA LEU A 75 -3.89 -5.53 7.61
C LEU A 75 -3.90 -6.35 8.91
N GLN A 76 -2.74 -6.43 9.56
CA GLN A 76 -2.62 -7.18 10.80
C GLN A 76 -3.54 -6.61 11.87
N LYS A 77 -3.87 -5.33 11.75
CA LYS A 77 -4.75 -4.66 12.71
C LYS A 77 -6.09 -4.30 12.06
N GLU A 78 -7.01 -5.27 12.05
CA GLU A 78 -8.33 -5.04 11.46
C GLU A 78 -9.39 -4.85 12.55
N GLY A 79 -9.14 -5.43 13.72
CA GLY A 79 -10.07 -5.31 14.82
C GLY A 79 -10.10 -3.91 15.41
N GLY A 80 -10.59 -3.80 16.64
CA GLY A 80 -10.65 -2.51 17.29
C GLY A 80 -9.30 -2.05 17.82
N ASP A 81 -9.01 -0.77 17.67
CA ASP A 81 -7.74 -0.21 18.13
C ASP A 81 -7.85 0.24 19.58
N SER A 82 -8.95 0.91 19.93
CA SER A 82 -9.16 1.39 21.28
C SER A 82 -7.98 2.22 21.76
N MET A 83 -8.04 3.53 21.50
CA MET A 83 -6.98 4.44 21.91
C MET A 83 -7.04 4.71 23.40
N GLN A 84 -5.89 5.04 23.98
CA GLN A 84 -5.81 5.33 25.41
C GLN A 84 -5.42 6.78 25.66
N ALA A 85 -4.33 7.21 25.03
CA ALA A 85 -3.85 8.59 25.17
C ALA A 85 -3.54 8.91 26.63
N VAL A 86 -2.29 8.69 27.03
CA VAL A 86 -1.86 8.96 28.40
C VAL A 86 -1.59 10.44 28.61
N SER A 87 -1.28 11.14 27.52
CA SER A 87 -0.99 12.57 27.60
C SER A 87 0.12 12.86 28.60
N ALA A 88 1.35 12.88 28.11
CA ALA A 88 2.51 13.15 28.96
C ALA A 88 3.40 14.24 28.35
N PRO A 89 2.92 15.48 28.39
CA PRO A 89 3.66 16.63 27.85
C PRO A 89 4.89 16.97 28.69
N GLU A 90 5.60 18.02 28.28
CA GLU A 90 6.80 18.44 28.99
C GLU A 90 6.96 19.95 28.92
N GLY A 1 -19.86 -11.86 -5.64
CA GLY A 1 -19.32 -12.80 -6.60
C GLY A 1 -19.68 -12.45 -8.03
N SER A 2 -19.49 -13.40 -8.95
CA SER A 2 -19.80 -13.17 -10.35
C SER A 2 -18.95 -12.04 -10.92
N SER A 3 -17.76 -11.85 -10.37
CA SER A 3 -16.86 -10.79 -10.81
C SER A 3 -15.46 -11.36 -11.10
N GLY A 4 -14.81 -10.80 -12.11
CA GLY A 4 -13.48 -11.25 -12.48
C GLY A 4 -12.57 -10.11 -12.89
N SER A 5 -11.60 -9.80 -12.03
CA SER A 5 -10.67 -8.72 -12.31
C SER A 5 -9.25 -9.11 -11.92
N SER A 6 -8.68 -10.07 -12.65
CA SER A 6 -7.33 -10.54 -12.37
C SER A 6 -7.23 -11.10 -10.95
N GLY A 7 -6.02 -11.52 -10.58
CA GLY A 7 -5.81 -12.06 -9.25
C GLY A 7 -5.07 -13.39 -9.27
N THR A 8 -3.74 -13.32 -9.23
CA THR A 8 -2.92 -14.52 -9.25
C THR A 8 -1.67 -14.34 -8.38
N SER A 9 -0.92 -15.43 -8.23
CA SER A 9 0.30 -15.39 -7.41
C SER A 9 1.45 -14.75 -8.18
N ALA A 10 1.73 -13.49 -7.87
CA ALA A 10 2.80 -12.76 -8.52
C ALA A 10 3.95 -12.49 -7.56
N LEU A 11 5.16 -12.37 -8.09
CA LEU A 11 6.35 -12.11 -7.28
C LEU A 11 6.80 -10.66 -7.43
N ALA A 12 7.61 -10.20 -6.49
CA ALA A 12 8.13 -8.84 -6.51
C ALA A 12 9.65 -8.82 -6.59
N PRO A 13 10.20 -7.69 -7.05
CA PRO A 13 11.65 -7.53 -7.18
C PRO A 13 12.36 -7.44 -5.83
N VAL A 14 13.43 -8.22 -5.69
CA VAL A 14 14.19 -8.23 -4.44
C VAL A 14 14.92 -6.91 -4.23
N ALA A 15 14.56 -6.21 -3.17
CA ALA A 15 15.19 -4.93 -2.84
C ALA A 15 14.72 -4.41 -1.49
N ALA A 16 15.13 -3.19 -1.15
CA ALA A 16 14.76 -2.58 0.11
C ALA A 16 13.75 -1.45 -0.10
N ILE A 17 13.33 -0.82 0.99
CA ILE A 17 12.37 0.27 0.93
C ILE A 17 13.06 1.61 1.10
N ILE A 18 12.57 2.63 0.40
CA ILE A 18 13.14 3.97 0.48
C ILE A 18 12.18 4.93 1.18
N PRO A 19 12.71 5.70 2.14
CA PRO A 19 11.92 6.67 2.91
C PRO A 19 11.49 7.86 2.06
N PRO A 20 10.21 7.87 1.65
CA PRO A 20 9.64 8.94 0.82
C PRO A 20 9.51 10.25 1.60
N PRO A 21 9.25 11.33 0.86
CA PRO A 21 9.09 12.67 1.45
C PRO A 21 7.80 12.79 2.27
N PRO A 22 7.71 13.87 3.07
CA PRO A 22 6.54 14.12 3.92
C PRO A 22 5.31 14.50 3.10
N ASP A 23 5.52 14.78 1.83
CA ASP A 23 4.42 15.16 0.94
C ASP A 23 3.75 13.93 0.35
N VAL A 24 4.49 12.83 0.27
CA VAL A 24 3.97 11.59 -0.26
C VAL A 24 3.75 10.55 0.84
N GLN A 25 4.46 10.73 1.95
CA GLN A 25 4.34 9.81 3.08
C GLN A 25 2.87 9.64 3.49
N PRO A 26 2.22 10.76 3.80
CA PRO A 26 0.81 10.76 4.21
C PRO A 26 -0.13 10.41 3.06
N VAL A 27 0.39 10.47 1.84
CA VAL A 27 -0.40 10.15 0.66
C VAL A 27 -0.46 8.64 0.42
N ILE A 28 0.55 7.93 0.92
CA ILE A 28 0.62 6.48 0.76
C ILE A 28 -0.04 5.78 1.93
N ASP A 29 0.02 6.41 3.10
CA ASP A 29 -0.58 5.82 4.31
C ASP A 29 -2.10 5.88 4.23
N LYS A 30 -2.63 7.00 3.76
CA LYS A 30 -4.08 7.18 3.65
C LYS A 30 -4.69 6.05 2.82
N LEU A 31 -3.97 5.63 1.78
CA LEU A 31 -4.45 4.56 0.91
C LEU A 31 -4.25 3.19 1.56
N ALA A 32 -3.12 3.03 2.24
CA ALA A 32 -2.81 1.77 2.92
C ALA A 32 -3.93 1.37 3.87
N GLU A 33 -4.44 2.34 4.62
CA GLU A 33 -5.52 2.09 5.57
C GLU A 33 -6.82 1.77 4.84
N TYR A 34 -6.99 2.34 3.65
CA TYR A 34 -8.19 2.11 2.86
C TYR A 34 -8.19 0.72 2.25
N VAL A 35 -7.11 0.39 1.52
CA VAL A 35 -6.99 -0.91 0.89
C VAL A 35 -6.94 -2.03 1.92
N ALA A 36 -6.47 -1.69 3.13
CA ALA A 36 -6.38 -2.66 4.21
C ALA A 36 -7.74 -2.96 4.81
N ARG A 37 -8.63 -1.97 4.78
CA ARG A 37 -9.97 -2.13 5.31
C ARG A 37 -10.93 -2.69 4.25
N ASN A 38 -10.93 -2.06 3.08
CA ASN A 38 -11.79 -2.50 1.98
C ASN A 38 -11.33 -3.85 1.44
N GLY A 39 -10.07 -3.92 1.03
CA GLY A 39 -9.53 -5.16 0.48
C GLY A 39 -8.54 -4.91 -0.64
N LEU A 40 -7.76 -5.94 -0.96
CA LEU A 40 -6.78 -5.83 -2.04
C LEU A 40 -7.44 -5.47 -3.35
N LYS A 41 -8.71 -5.83 -3.49
CA LYS A 41 -9.46 -5.53 -4.71
C LYS A 41 -9.42 -4.04 -5.03
N PHE A 42 -9.26 -3.22 -3.99
CA PHE A 42 -9.20 -1.78 -4.16
C PHE A 42 -7.91 -1.36 -4.85
N GLU A 43 -6.86 -2.16 -4.67
CA GLU A 43 -5.56 -1.86 -5.27
C GLU A 43 -5.65 -1.94 -6.80
N THR A 44 -6.52 -2.82 -7.29
CA THR A 44 -6.69 -3.00 -8.73
C THR A 44 -7.52 -1.87 -9.32
N SER A 45 -8.48 -1.38 -8.54
CA SER A 45 -9.36 -0.30 -8.99
C SER A 45 -8.59 1.01 -9.11
N VAL A 46 -7.82 1.33 -8.07
CA VAL A 46 -7.02 2.55 -8.06
C VAL A 46 -5.98 2.55 -9.17
N ARG A 47 -5.46 1.37 -9.48
CA ARG A 47 -4.46 1.23 -10.53
C ARG A 47 -5.04 1.55 -11.90
N ALA A 48 -6.30 1.16 -12.10
CA ALA A 48 -6.97 1.40 -13.37
C ALA A 48 -6.98 2.89 -13.71
N LYS A 49 -6.95 3.72 -12.68
CA LYS A 49 -6.96 5.17 -12.86
C LYS A 49 -5.65 5.64 -13.49
N ASN A 50 -4.55 5.01 -13.08
CA ASN A 50 -3.23 5.36 -13.61
C ASN A 50 -2.98 6.86 -13.46
N ASP A 51 -3.57 7.46 -12.44
CA ASP A 51 -3.40 8.89 -12.20
C ASP A 51 -1.97 9.21 -11.80
N GLN A 52 -1.47 10.36 -12.27
CA GLN A 52 -0.11 10.78 -11.97
C GLN A 52 0.11 10.86 -10.46
N ARG A 53 -0.97 11.09 -9.72
CA ARG A 53 -0.89 11.20 -8.27
C ARG A 53 -0.75 9.82 -7.63
N PHE A 54 -1.28 8.80 -8.30
CA PHE A 54 -1.21 7.43 -7.80
C PHE A 54 -0.22 6.60 -8.61
N GLU A 55 0.96 7.15 -8.83
CA GLU A 55 2.00 6.47 -9.59
C GLU A 55 2.81 5.55 -8.68
N PHE A 56 2.96 5.94 -7.42
CA PHE A 56 3.71 5.14 -6.46
C PHE A 56 3.16 3.73 -6.37
N LEU A 57 1.88 3.58 -6.69
CA LEU A 57 1.23 2.27 -6.64
C LEU A 57 1.77 1.36 -7.74
N GLN A 58 2.27 1.96 -8.81
CA GLN A 58 2.81 1.19 -9.93
C GLN A 58 3.92 0.27 -9.46
N PRO A 59 4.15 -0.82 -10.21
CA PRO A 59 5.19 -1.80 -9.89
C PRO A 59 6.59 -1.25 -10.11
N TRP A 60 6.80 -0.64 -11.27
CA TRP A 60 8.10 -0.07 -11.60
C TRP A 60 8.54 0.96 -10.56
N HIS A 61 7.55 1.70 -10.04
CA HIS A 61 7.83 2.72 -9.02
C HIS A 61 8.53 2.11 -7.82
N GLN A 62 9.32 2.93 -7.12
CA GLN A 62 10.04 2.48 -5.94
C GLN A 62 9.19 2.65 -4.68
N TYR A 63 8.42 3.73 -4.64
CA TYR A 63 7.58 4.00 -3.49
C TYR A 63 6.64 2.83 -3.21
N ASN A 64 6.33 2.07 -4.25
CA ASN A 64 5.45 0.92 -4.12
C ASN A 64 5.90 0.01 -2.98
N ALA A 65 7.21 -0.04 -2.76
CA ALA A 65 7.78 -0.87 -1.71
C ALA A 65 7.31 -0.42 -0.34
N TYR A 66 7.30 0.90 -0.12
CA TYR A 66 6.87 1.45 1.16
C TYR A 66 5.39 1.19 1.40
N TYR A 67 4.63 1.15 0.31
CA TYR A 67 3.18 0.91 0.40
C TYR A 67 2.90 -0.48 0.94
N GLU A 68 3.68 -1.45 0.50
CA GLU A 68 3.52 -2.83 0.93
C GLU A 68 3.67 -2.95 2.44
N PHE A 69 4.47 -2.06 3.02
CA PHE A 69 4.71 -2.06 4.46
C PHE A 69 3.49 -1.53 5.21
N LYS A 70 2.99 -0.38 4.78
CA LYS A 70 1.83 0.23 5.41
C LYS A 70 0.61 -0.68 5.32
N LYS A 71 0.43 -1.31 4.16
CA LYS A 71 -0.69 -2.22 3.94
C LYS A 71 -0.67 -3.35 4.97
N GLN A 72 0.43 -4.09 5.00
CA GLN A 72 0.57 -5.21 5.93
C GLN A 72 0.29 -4.75 7.36
N PHE A 73 0.73 -3.55 7.70
CA PHE A 73 0.52 -3.00 9.03
C PHE A 73 -0.96 -2.86 9.35
N PHE A 74 -1.63 -1.98 8.60
CA PHE A 74 -3.05 -1.74 8.79
C PHE A 74 -3.84 -3.04 8.70
N LEU A 75 -3.33 -3.99 7.91
CA LEU A 75 -3.99 -5.27 7.74
C LEU A 75 -3.92 -6.10 9.02
N GLN A 76 -2.72 -6.18 9.60
CA GLN A 76 -2.52 -6.92 10.84
C GLN A 76 -3.40 -6.37 11.96
N LYS A 77 -3.47 -5.05 12.05
CA LYS A 77 -4.27 -4.39 13.07
C LYS A 77 -5.73 -4.29 12.64
N GLU A 78 -6.43 -5.42 12.68
CA GLU A 78 -7.84 -5.46 12.30
C GLU A 78 -8.71 -4.77 13.36
N GLY A 79 -8.24 -4.79 14.60
CA GLY A 79 -8.98 -4.17 15.68
C GLY A 79 -9.30 -2.72 15.41
N GLY A 80 -10.14 -2.12 16.26
CA GLY A 80 -10.50 -0.72 16.09
C GLY A 80 -11.96 -0.46 16.41
N ASP A 81 -12.23 0.63 17.10
CA ASP A 81 -13.58 0.99 17.48
C ASP A 81 -14.21 1.91 16.43
N SER A 82 -14.86 1.30 15.43
CA SER A 82 -15.49 2.06 14.37
C SER A 82 -16.44 1.17 13.56
N MET A 83 -17.73 1.43 13.68
CA MET A 83 -18.73 0.65 12.96
C MET A 83 -19.07 1.31 11.63
N GLN A 84 -19.50 0.50 10.66
CA GLN A 84 -19.86 1.00 9.34
C GLN A 84 -21.37 0.97 9.14
N ALA A 85 -22.05 1.96 9.67
CA ALA A 85 -23.51 2.04 9.54
C ALA A 85 -24.18 0.83 10.17
N VAL A 86 -23.72 0.46 11.36
CA VAL A 86 -24.28 -0.69 12.07
C VAL A 86 -25.37 -0.26 13.03
N SER A 87 -26.61 -0.20 12.52
CA SER A 87 -27.75 0.22 13.34
C SER A 87 -27.89 -0.69 14.56
N ALA A 88 -27.63 -0.12 15.73
CA ALA A 88 -27.72 -0.88 16.98
C ALA A 88 -27.88 0.06 18.17
N PRO A 89 -28.44 -0.46 19.27
CA PRO A 89 -28.66 0.31 20.50
C PRO A 89 -27.35 0.66 21.20
N GLU A 90 -26.90 1.89 21.03
CA GLU A 90 -25.66 2.34 21.65
C GLU A 90 -25.89 3.65 22.40
N GLY A 1 -2.49 -20.73 12.67
CA GLY A 1 -3.02 -20.71 11.33
C GLY A 1 -2.66 -19.46 10.56
N SER A 2 -2.84 -19.49 9.24
CA SER A 2 -2.52 -18.35 8.39
C SER A 2 -2.92 -18.61 6.95
N SER A 3 -2.55 -17.69 6.07
CA SER A 3 -2.87 -17.82 4.65
C SER A 3 -2.16 -16.75 3.82
N GLY A 4 -1.94 -17.05 2.55
CA GLY A 4 -1.26 -16.10 1.68
C GLY A 4 -1.02 -16.67 0.29
N SER A 5 -0.68 -17.95 0.23
CA SER A 5 -0.41 -18.61 -1.04
C SER A 5 0.80 -17.99 -1.73
N SER A 6 1.98 -18.32 -1.26
CA SER A 6 3.21 -17.79 -1.82
C SER A 6 4.25 -18.89 -2.02
N GLY A 7 5.05 -18.77 -3.07
CA GLY A 7 6.08 -19.76 -3.34
C GLY A 7 7.42 -19.14 -3.71
N THR A 8 8.48 -19.90 -3.54
CA THR A 8 9.82 -19.41 -3.85
C THR A 8 10.02 -19.29 -5.37
N SER A 9 9.69 -18.13 -5.91
CA SER A 9 9.83 -17.89 -7.34
C SER A 9 11.22 -17.35 -7.67
N ALA A 10 11.51 -17.22 -8.95
CA ALA A 10 12.80 -16.70 -9.40
C ALA A 10 13.12 -15.37 -8.76
N LEU A 11 12.07 -14.62 -8.43
CA LEU A 11 12.23 -13.32 -7.80
C LEU A 11 11.08 -13.01 -6.84
N ALA A 12 11.42 -12.56 -5.64
CA ALA A 12 10.41 -12.23 -4.64
C ALA A 12 10.48 -10.76 -4.25
N PRO A 13 9.35 -10.22 -3.77
CA PRO A 13 9.26 -8.82 -3.35
C PRO A 13 10.06 -8.53 -2.08
N VAL A 14 11.35 -8.27 -2.25
CA VAL A 14 12.22 -7.98 -1.12
C VAL A 14 13.25 -6.91 -1.48
N ALA A 15 13.24 -5.81 -0.73
CA ALA A 15 14.16 -4.71 -0.98
C ALA A 15 14.12 -3.70 0.16
N ALA A 16 15.14 -2.84 0.23
CA ALA A 16 15.22 -1.83 1.27
C ALA A 16 14.26 -0.68 0.99
N ILE A 17 13.29 -0.49 1.88
CA ILE A 17 12.31 0.57 1.73
C ILE A 17 12.94 1.94 1.91
N ILE A 18 12.56 2.89 1.05
CA ILE A 18 13.10 4.23 1.12
C ILE A 18 12.08 5.20 1.74
N PRO A 19 12.55 6.02 2.68
CA PRO A 19 11.69 7.00 3.36
C PRO A 19 11.28 8.15 2.45
N PRO A 20 10.02 8.10 1.97
CA PRO A 20 9.47 9.13 1.07
C PRO A 20 9.27 10.47 1.78
N PRO A 21 9.03 11.53 0.99
CA PRO A 21 8.81 12.87 1.52
C PRO A 21 7.48 13.00 2.26
N PRO A 22 7.31 14.11 2.99
CA PRO A 22 6.10 14.37 3.77
C PRO A 22 4.90 14.67 2.87
N ASP A 23 5.17 14.89 1.58
CA ASP A 23 4.11 15.18 0.62
C ASP A 23 3.50 13.88 0.08
N VAL A 24 4.27 12.82 0.10
CA VAL A 24 3.81 11.52 -0.39
C VAL A 24 3.57 10.55 0.76
N GLN A 25 4.22 10.80 1.89
CA GLN A 25 4.08 9.96 3.06
C GLN A 25 2.61 9.76 3.42
N PRO A 26 1.90 10.88 3.64
CA PRO A 26 0.48 10.86 3.98
C PRO A 26 -0.40 10.41 2.82
N VAL A 27 0.17 10.41 1.62
CA VAL A 27 -0.55 10.00 0.43
C VAL A 27 -0.56 8.48 0.28
N ILE A 28 0.44 7.82 0.86
CA ILE A 28 0.54 6.37 0.80
C ILE A 28 -0.20 5.72 1.96
N ASP A 29 -0.10 6.33 3.14
CA ASP A 29 -0.75 5.81 4.34
C ASP A 29 -2.26 5.88 4.20
N LYS A 30 -2.76 7.01 3.69
CA LYS A 30 -4.19 7.21 3.51
C LYS A 30 -4.78 6.11 2.63
N LEU A 31 -3.97 5.56 1.74
CA LEU A 31 -4.40 4.49 0.85
C LEU A 31 -4.27 3.13 1.51
N ALA A 32 -3.14 2.91 2.19
CA ALA A 32 -2.88 1.65 2.87
C ALA A 32 -4.03 1.30 3.80
N GLU A 33 -4.38 2.24 4.68
CA GLU A 33 -5.47 2.02 5.63
C GLU A 33 -6.77 1.67 4.91
N TYR A 34 -6.95 2.24 3.74
CA TYR A 34 -8.15 2.00 2.94
C TYR A 34 -8.15 0.59 2.36
N VAL A 35 -7.08 0.26 1.63
CA VAL A 35 -6.94 -1.05 1.01
C VAL A 35 -6.98 -2.16 2.07
N ALA A 36 -6.50 -1.83 3.27
CA ALA A 36 -6.48 -2.79 4.37
C ALA A 36 -7.88 -3.02 4.93
N ARG A 37 -8.71 -1.99 4.86
CA ARG A 37 -10.08 -2.08 5.37
C ARG A 37 -11.00 -2.70 4.33
N ASN A 38 -11.02 -2.11 3.14
CA ASN A 38 -11.87 -2.61 2.06
C ASN A 38 -11.33 -3.93 1.51
N GLY A 39 -10.05 -3.94 1.16
CA GLY A 39 -9.43 -5.15 0.62
C GLY A 39 -8.52 -4.86 -0.55
N LEU A 40 -7.68 -5.83 -0.89
CA LEU A 40 -6.74 -5.68 -2.00
C LEU A 40 -7.49 -5.37 -3.30
N LYS A 41 -8.74 -5.81 -3.37
CA LYS A 41 -9.56 -5.58 -4.55
C LYS A 41 -9.58 -4.10 -4.92
N PHE A 42 -9.51 -3.24 -3.91
CA PHE A 42 -9.52 -1.79 -4.13
C PHE A 42 -8.29 -1.35 -4.90
N GLU A 43 -7.17 -2.04 -4.66
CA GLU A 43 -5.92 -1.72 -5.33
C GLU A 43 -6.06 -1.84 -6.84
N THR A 44 -6.95 -2.73 -7.27
CA THR A 44 -7.19 -2.95 -8.69
C THR A 44 -7.89 -1.76 -9.33
N SER A 45 -8.66 -1.04 -8.52
CA SER A 45 -9.40 0.12 -9.00
C SER A 45 -8.47 1.33 -9.15
N VAL A 46 -7.72 1.63 -8.09
CA VAL A 46 -6.79 2.76 -8.10
C VAL A 46 -5.77 2.61 -9.22
N ARG A 47 -5.38 1.37 -9.50
CA ARG A 47 -4.41 1.09 -10.54
C ARG A 47 -4.95 1.46 -11.91
N ALA A 48 -6.22 1.14 -12.14
CA ALA A 48 -6.86 1.43 -13.42
C ALA A 48 -6.72 2.91 -13.77
N LYS A 49 -6.63 3.76 -12.75
CA LYS A 49 -6.49 5.20 -12.94
C LYS A 49 -5.10 5.53 -13.48
N ASN A 50 -4.07 4.97 -12.84
CA ASN A 50 -2.70 5.21 -13.25
C ASN A 50 -2.40 6.71 -13.29
N ASP A 51 -3.11 7.47 -12.47
CA ASP A 51 -2.92 8.91 -12.40
C ASP A 51 -1.56 9.26 -11.80
N GLN A 52 -1.07 10.46 -12.11
CA GLN A 52 0.22 10.90 -11.59
C GLN A 52 0.26 10.84 -10.07
N ARG A 53 -0.92 10.95 -9.45
CA ARG A 53 -1.01 10.90 -7.99
C ARG A 53 -0.95 9.45 -7.50
N PHE A 54 -1.37 8.52 -8.34
CA PHE A 54 -1.36 7.11 -7.98
C PHE A 54 -0.30 6.35 -8.78
N GLU A 55 0.89 6.93 -8.85
CA GLU A 55 2.00 6.31 -9.57
C GLU A 55 2.87 5.46 -8.64
N PHE A 56 2.94 5.87 -7.38
CA PHE A 56 3.73 5.15 -6.39
C PHE A 56 3.27 3.70 -6.28
N LEU A 57 2.01 3.45 -6.63
CA LEU A 57 1.45 2.11 -6.58
C LEU A 57 2.05 1.22 -7.66
N GLN A 58 2.51 1.85 -8.74
CA GLN A 58 3.10 1.11 -9.85
C GLN A 58 4.26 0.25 -9.37
N PRO A 59 4.54 -0.83 -10.11
CA PRO A 59 5.63 -1.76 -9.78
C PRO A 59 7.00 -1.14 -9.98
N TRP A 60 7.20 -0.51 -11.14
CA TRP A 60 8.48 0.11 -11.46
C TRP A 60 8.83 1.16 -10.41
N HIS A 61 7.81 1.80 -9.84
CA HIS A 61 8.03 2.82 -8.82
C HIS A 61 8.73 2.24 -7.60
N GLN A 62 9.54 3.06 -6.94
CA GLN A 62 10.27 2.62 -5.74
C GLN A 62 9.41 2.77 -4.50
N TYR A 63 8.59 3.81 -4.46
CA TYR A 63 7.73 4.07 -3.31
C TYR A 63 6.80 2.88 -3.06
N ASN A 64 6.52 2.12 -4.11
CA ASN A 64 5.65 0.96 -4.00
C ASN A 64 6.12 0.03 -2.88
N ALA A 65 7.42 0.01 -2.64
CA ALA A 65 7.99 -0.81 -1.59
C ALA A 65 7.48 -0.40 -0.21
N TYR A 66 7.46 0.90 0.04
CA TYR A 66 6.99 1.42 1.32
C TYR A 66 5.50 1.17 1.49
N TYR A 67 4.78 1.11 0.38
CA TYR A 67 3.34 0.87 0.42
C TYR A 67 3.04 -0.56 0.83
N GLU A 68 3.85 -1.49 0.35
CA GLU A 68 3.67 -2.91 0.67
C GLU A 68 3.77 -3.14 2.17
N PHE A 69 4.56 -2.31 2.85
CA PHE A 69 4.73 -2.43 4.29
C PHE A 69 3.54 -1.83 5.04
N LYS A 70 3.18 -0.61 4.69
CA LYS A 70 2.06 0.08 5.32
C LYS A 70 0.77 -0.71 5.12
N LYS A 71 0.68 -1.41 3.99
CA LYS A 71 -0.50 -2.20 3.68
C LYS A 71 -0.67 -3.34 4.68
N GLN A 72 0.43 -4.01 5.00
CA GLN A 72 0.40 -5.13 5.93
C GLN A 72 0.20 -4.63 7.36
N PHE A 73 0.73 -3.45 7.65
CA PHE A 73 0.61 -2.86 8.98
C PHE A 73 -0.85 -2.77 9.40
N PHE A 74 -1.62 -1.99 8.66
CA PHE A 74 -3.04 -1.80 8.95
C PHE A 74 -3.78 -3.14 8.90
N LEU A 75 -3.35 -4.02 8.01
CA LEU A 75 -3.98 -5.33 7.85
C LEU A 75 -3.82 -6.15 9.13
N GLN A 76 -2.64 -6.10 9.73
CA GLN A 76 -2.37 -6.84 10.96
C GLN A 76 -3.17 -6.27 12.12
N LYS A 77 -3.43 -4.96 12.07
CA LYS A 77 -4.19 -4.30 13.12
C LYS A 77 -5.66 -4.18 12.74
N GLU A 78 -6.17 -5.19 12.03
CA GLU A 78 -7.57 -5.19 11.60
C GLU A 78 -8.50 -5.19 12.81
N GLY A 79 -8.02 -5.73 13.93
CA GLY A 79 -8.84 -5.79 15.12
C GLY A 79 -9.13 -4.41 15.68
N GLY A 80 -10.42 -4.10 15.86
CA GLY A 80 -10.81 -2.81 16.38
C GLY A 80 -12.31 -2.64 16.42
N ASP A 81 -12.91 -2.38 15.26
CA ASP A 81 -14.35 -2.19 15.17
C ASP A 81 -14.94 -3.09 14.08
N SER A 82 -16.17 -3.56 14.32
CA SER A 82 -16.84 -4.43 13.37
C SER A 82 -18.27 -3.94 13.10
N MET A 83 -18.61 -3.80 11.83
CA MET A 83 -19.94 -3.34 11.44
C MET A 83 -20.97 -4.46 11.58
N GLN A 84 -22.24 -4.09 11.72
CA GLN A 84 -23.31 -5.07 11.86
C GLN A 84 -24.34 -4.91 10.75
N ALA A 85 -24.21 -5.70 9.70
CA ALA A 85 -25.13 -5.66 8.58
C ALA A 85 -24.92 -6.83 7.63
N VAL A 86 -25.91 -7.70 7.55
CA VAL A 86 -25.84 -8.87 6.68
C VAL A 86 -26.90 -8.82 5.59
N SER A 87 -26.73 -9.65 4.57
CA SER A 87 -27.68 -9.69 3.46
C SER A 87 -28.87 -10.59 3.80
N ALA A 88 -29.99 -10.34 3.14
CA ALA A 88 -31.20 -11.12 3.37
C ALA A 88 -32.05 -11.19 2.10
N PRO A 89 -31.56 -11.90 1.08
CA PRO A 89 -32.25 -12.06 -0.19
C PRO A 89 -33.50 -12.93 -0.07
N GLU A 90 -34.40 -12.81 -1.03
CA GLU A 90 -35.64 -13.59 -1.02
C GLU A 90 -36.46 -13.30 0.23
N GLY A 1 3.09 -0.85 -34.85
CA GLY A 1 2.44 -0.78 -33.55
C GLY A 1 3.33 -1.34 -32.44
N SER A 2 2.75 -1.51 -31.26
CA SER A 2 3.49 -2.04 -30.11
C SER A 2 2.57 -2.81 -29.17
N SER A 3 2.46 -4.11 -29.40
CA SER A 3 1.61 -4.97 -28.58
C SER A 3 2.34 -6.25 -28.20
N GLY A 4 3.58 -6.11 -27.75
CA GLY A 4 4.37 -7.27 -27.36
C GLY A 4 5.83 -6.94 -27.15
N SER A 5 6.19 -6.61 -25.92
CA SER A 5 7.56 -6.27 -25.59
C SER A 5 7.85 -6.51 -24.10
N SER A 6 7.06 -5.88 -23.25
CA SER A 6 7.23 -6.02 -21.81
C SER A 6 8.65 -5.65 -21.38
N GLY A 7 8.97 -5.91 -20.12
CA GLY A 7 10.29 -5.60 -19.61
C GLY A 7 10.28 -4.43 -18.63
N THR A 8 11.43 -3.78 -18.48
CA THR A 8 11.56 -2.64 -17.57
C THR A 8 11.19 -3.05 -16.15
N SER A 9 11.35 -4.33 -15.83
CA SER A 9 11.04 -4.83 -14.51
C SER A 9 12.29 -5.39 -13.82
N ALA A 10 12.37 -5.19 -12.51
CA ALA A 10 13.51 -5.67 -11.74
C ALA A 10 13.45 -7.19 -11.56
N LEU A 11 12.24 -7.72 -11.49
CA LEU A 11 12.06 -9.16 -11.32
C LEU A 11 12.67 -9.64 -10.00
N ALA A 12 12.64 -8.77 -9.00
CA ALA A 12 13.20 -9.10 -7.69
C ALA A 12 12.29 -8.62 -6.57
N PRO A 13 12.39 -9.28 -5.40
CA PRO A 13 11.57 -8.93 -4.24
C PRO A 13 11.98 -7.60 -3.62
N VAL A 14 11.02 -6.93 -2.98
CA VAL A 14 11.28 -5.64 -2.36
C VAL A 14 12.37 -5.75 -1.29
N ALA A 15 13.07 -4.65 -1.05
CA ALA A 15 14.14 -4.63 -0.05
C ALA A 15 14.66 -3.21 0.16
N ALA A 16 14.99 -2.89 1.41
CA ALA A 16 15.50 -1.57 1.75
C ALA A 16 14.52 -0.49 1.32
N ILE A 17 13.54 -0.20 2.17
CA ILE A 17 12.54 0.82 1.88
C ILE A 17 13.15 2.22 1.98
N ILE A 18 12.74 3.09 1.06
CA ILE A 18 13.25 4.46 1.03
C ILE A 18 12.21 5.42 1.62
N PRO A 19 12.68 6.31 2.51
CA PRO A 19 11.82 7.30 3.16
C PRO A 19 11.35 8.38 2.20
N PRO A 20 10.08 8.28 1.77
CA PRO A 20 9.49 9.24 0.83
C PRO A 20 9.27 10.61 1.47
N PRO A 21 8.97 11.61 0.64
CA PRO A 21 8.72 12.98 1.10
C PRO A 21 7.42 13.12 1.87
N PRO A 22 7.24 14.24 2.56
CA PRO A 22 6.04 14.52 3.36
C PRO A 22 4.81 14.75 2.48
N ASP A 23 5.05 14.92 1.19
CA ASP A 23 3.96 15.14 0.24
C ASP A 23 3.35 13.83 -0.23
N VAL A 24 4.16 12.77 -0.20
CA VAL A 24 3.71 11.45 -0.62
C VAL A 24 3.52 10.52 0.58
N GLN A 25 4.19 10.84 1.68
CA GLN A 25 4.09 10.04 2.89
C GLN A 25 2.64 9.83 3.29
N PRO A 26 1.91 10.93 3.48
CA PRO A 26 0.50 10.88 3.86
C PRO A 26 -0.40 10.37 2.73
N VAL A 27 0.15 10.35 1.52
CA VAL A 27 -0.59 9.86 0.36
C VAL A 27 -0.57 8.35 0.27
N ILE A 28 0.46 7.75 0.85
CA ILE A 28 0.60 6.29 0.84
C ILE A 28 -0.13 5.66 2.02
N ASP A 29 -0.16 6.38 3.14
CA ASP A 29 -0.83 5.89 4.34
C ASP A 29 -2.35 5.97 4.19
N LYS A 30 -2.83 7.12 3.72
CA LYS A 30 -4.26 7.33 3.53
C LYS A 30 -4.86 6.21 2.68
N LEU A 31 -4.07 5.68 1.77
CA LEU A 31 -4.53 4.59 0.90
C LEU A 31 -4.32 3.24 1.56
N ALA A 32 -3.17 3.07 2.21
CA ALA A 32 -2.86 1.82 2.89
C ALA A 32 -3.96 1.43 3.88
N GLU A 33 -4.42 2.41 4.64
CA GLU A 33 -5.48 2.18 5.63
C GLU A 33 -6.78 1.79 4.94
N TYR A 34 -7.04 2.39 3.79
CA TYR A 34 -8.26 2.11 3.04
C TYR A 34 -8.22 0.70 2.45
N VAL A 35 -7.15 0.40 1.72
CA VAL A 35 -6.99 -0.91 1.11
C VAL A 35 -6.97 -2.02 2.17
N ALA A 36 -6.53 -1.66 3.37
CA ALA A 36 -6.46 -2.63 4.47
C ALA A 36 -7.84 -2.87 5.07
N ARG A 37 -8.70 -1.86 5.00
CA ARG A 37 -10.05 -1.96 5.53
C ARG A 37 -11.00 -2.57 4.51
N ASN A 38 -11.09 -1.93 3.35
CA ASN A 38 -11.96 -2.41 2.28
C ASN A 38 -11.48 -3.76 1.74
N GLY A 39 -10.29 -3.76 1.16
CA GLY A 39 -9.73 -4.99 0.62
C GLY A 39 -8.73 -4.74 -0.49
N LEU A 40 -8.17 -5.80 -1.04
CA LEU A 40 -7.20 -5.69 -2.11
C LEU A 40 -7.88 -5.35 -3.44
N LYS A 41 -9.15 -5.73 -3.56
CA LYS A 41 -9.92 -5.46 -4.76
C LYS A 41 -9.87 -3.98 -5.13
N PHE A 42 -9.71 -3.14 -4.11
CA PHE A 42 -9.64 -1.69 -4.33
C PHE A 42 -8.33 -1.30 -5.00
N GLU A 43 -7.25 -1.96 -4.60
CA GLU A 43 -5.93 -1.68 -5.18
C GLU A 43 -5.96 -1.81 -6.70
N THR A 44 -6.86 -2.65 -7.20
CA THR A 44 -6.99 -2.87 -8.63
C THR A 44 -7.64 -1.67 -9.31
N SER A 45 -8.59 -1.05 -8.62
CA SER A 45 -9.30 0.10 -9.15
C SER A 45 -8.39 1.32 -9.22
N VAL A 46 -7.70 1.60 -8.12
CA VAL A 46 -6.79 2.73 -8.05
C VAL A 46 -5.69 2.62 -9.10
N ARG A 47 -5.31 1.40 -9.42
CA ARG A 47 -4.27 1.15 -10.41
C ARG A 47 -4.81 1.34 -11.83
N ALA A 48 -6.05 0.92 -12.04
CA ALA A 48 -6.68 1.03 -13.34
C ALA A 48 -6.68 2.49 -13.82
N LYS A 49 -6.63 3.42 -12.88
CA LYS A 49 -6.61 4.84 -13.20
C LYS A 49 -5.33 5.22 -13.92
N ASN A 50 -4.22 4.61 -13.50
CA ASN A 50 -2.92 4.90 -14.10
C ASN A 50 -2.64 6.40 -14.11
N ASP A 51 -3.19 7.10 -13.13
CA ASP A 51 -3.00 8.55 -13.03
C ASP A 51 -1.68 8.88 -12.35
N GLN A 52 -1.10 10.03 -12.69
CA GLN A 52 0.16 10.45 -12.11
C GLN A 52 0.05 10.57 -10.59
N ARG A 53 -1.17 10.83 -10.11
CA ARG A 53 -1.40 10.98 -8.68
C ARG A 53 -1.27 9.63 -7.97
N PHE A 54 -1.51 8.56 -8.70
CA PHE A 54 -1.43 7.21 -8.14
C PHE A 54 -0.42 6.37 -8.92
N GLU A 55 0.84 6.82 -8.93
CA GLU A 55 1.89 6.11 -9.62
C GLU A 55 2.74 5.30 -8.64
N PHE A 56 2.82 5.77 -7.41
CA PHE A 56 3.60 5.10 -6.38
C PHE A 56 3.14 3.65 -6.20
N LEU A 57 1.88 3.40 -6.55
CA LEU A 57 1.32 2.05 -6.43
C LEU A 57 1.90 1.13 -7.49
N GLN A 58 2.31 1.70 -8.61
CA GLN A 58 2.89 0.93 -9.71
C GLN A 58 4.04 0.06 -9.21
N PRO A 59 4.30 -1.04 -9.92
CA PRO A 59 5.39 -1.97 -9.56
C PRO A 59 6.77 -1.36 -9.80
N TRP A 60 6.96 -0.78 -10.99
CA TRP A 60 8.23 -0.17 -11.34
C TRP A 60 8.62 0.90 -10.33
N HIS A 61 7.61 1.60 -9.80
CA HIS A 61 7.86 2.66 -8.83
C HIS A 61 8.58 2.11 -7.60
N GLN A 62 9.35 2.97 -6.95
CA GLN A 62 10.10 2.58 -5.76
C GLN A 62 9.27 2.74 -4.51
N TYR A 63 8.47 3.82 -4.46
CA TYR A 63 7.61 4.09 -3.32
C TYR A 63 6.70 2.91 -3.02
N ASN A 64 6.42 2.12 -4.04
CA ASN A 64 5.56 0.95 -3.90
C ASN A 64 6.06 0.05 -2.76
N ALA A 65 7.36 0.03 -2.57
CA ALA A 65 7.97 -0.79 -1.52
C ALA A 65 7.50 -0.34 -0.14
N TYR A 66 7.44 0.96 0.06
CA TYR A 66 7.02 1.53 1.34
C TYR A 66 5.53 1.28 1.57
N TYR A 67 4.78 1.17 0.47
CA TYR A 67 3.34 0.93 0.56
C TYR A 67 3.04 -0.51 0.98
N GLU A 68 3.83 -1.45 0.44
CA GLU A 68 3.65 -2.86 0.76
C GLU A 68 3.77 -3.10 2.27
N PHE A 69 4.68 -2.37 2.90
CA PHE A 69 4.90 -2.50 4.34
C PHE A 69 3.72 -1.91 5.12
N LYS A 70 3.42 -0.65 4.87
CA LYS A 70 2.32 0.03 5.54
C LYS A 70 1.02 -0.77 5.40
N LYS A 71 0.72 -1.19 4.18
CA LYS A 71 -0.49 -1.97 3.93
C LYS A 71 -0.56 -3.19 4.83
N GLN A 72 0.58 -3.82 5.06
CA GLN A 72 0.64 -5.01 5.91
C GLN A 72 0.29 -4.65 7.35
N PHE A 73 0.82 -3.53 7.83
CA PHE A 73 0.57 -3.07 9.19
C PHE A 73 -0.93 -2.93 9.45
N PHE A 74 -1.57 -2.05 8.68
CA PHE A 74 -3.00 -1.82 8.82
C PHE A 74 -3.78 -3.13 8.68
N LEU A 75 -3.22 -4.07 7.92
CA LEU A 75 -3.87 -5.36 7.70
C LEU A 75 -3.83 -6.20 8.97
N GLN A 76 -2.63 -6.56 9.40
CA GLN A 76 -2.46 -7.37 10.61
C GLN A 76 -3.16 -6.72 11.80
N LYS A 77 -3.24 -5.39 11.78
CA LYS A 77 -3.88 -4.66 12.86
C LYS A 77 -5.32 -5.11 13.05
N GLU A 78 -5.96 -5.50 11.95
CA GLU A 78 -7.36 -5.95 11.99
C GLU A 78 -7.42 -7.48 12.01
N GLY A 79 -6.39 -8.10 12.58
CA GLY A 79 -6.36 -9.56 12.65
C GLY A 79 -5.39 -10.16 11.65
N GLY A 80 -4.28 -10.69 12.15
CA GLY A 80 -3.29 -11.30 11.28
C GLY A 80 -2.50 -12.39 11.97
N ASP A 81 -2.45 -13.56 11.33
CA ASP A 81 -1.73 -14.70 11.89
C ASP A 81 -1.32 -15.68 10.79
N SER A 82 -0.84 -15.15 9.68
CA SER A 82 -0.42 -15.97 8.55
C SER A 82 1.10 -15.90 8.35
N MET A 83 1.83 -16.24 9.40
CA MET A 83 3.29 -16.22 9.35
C MET A 83 3.90 -17.01 10.50
N GLN A 84 3.61 -18.31 10.54
CA GLN A 84 4.12 -19.18 11.59
C GLN A 84 5.59 -19.49 11.37
N ALA A 85 6.45 -18.80 12.11
CA ALA A 85 7.89 -19.01 12.00
C ALA A 85 8.61 -18.57 13.27
N VAL A 86 9.16 -19.53 14.00
CA VAL A 86 9.88 -19.25 15.23
C VAL A 86 11.30 -19.80 15.18
N SER A 87 12.15 -19.30 16.08
CA SER A 87 13.54 -19.74 16.14
C SER A 87 14.20 -19.28 17.43
N ALA A 88 15.19 -20.05 17.89
CA ALA A 88 15.90 -19.72 19.12
C ALA A 88 17.14 -18.90 18.82
N PRO A 89 17.61 -18.14 19.83
CA PRO A 89 18.81 -17.30 19.69
C PRO A 89 20.08 -18.11 19.58
N GLU A 90 21.21 -17.41 19.43
CA GLU A 90 22.50 -18.08 19.30
C GLU A 90 22.48 -19.12 18.19
N GLY A 1 -13.12 2.43 -25.34
CA GLY A 1 -12.39 2.38 -24.08
C GLY A 1 -11.50 1.15 -23.98
N SER A 2 -10.66 0.96 -25.00
CA SER A 2 -9.75 -0.19 -25.02
C SER A 2 -8.36 0.20 -24.51
N SER A 3 -8.03 -0.26 -23.32
CA SER A 3 -6.73 0.05 -22.71
C SER A 3 -5.81 -1.17 -22.75
N GLY A 4 -4.55 -0.95 -23.10
CA GLY A 4 -3.60 -2.04 -23.17
C GLY A 4 -2.16 -1.55 -23.21
N SER A 5 -1.30 -2.29 -23.89
CA SER A 5 0.10 -1.93 -24.00
C SER A 5 0.75 -1.87 -22.62
N SER A 6 0.42 -2.85 -21.77
CA SER A 6 0.97 -2.92 -20.43
C SER A 6 1.75 -4.21 -20.21
N GLY A 7 2.30 -4.37 -19.01
CA GLY A 7 3.07 -5.56 -18.71
C GLY A 7 4.24 -5.27 -17.78
N THR A 8 5.26 -4.60 -18.31
CA THR A 8 6.44 -4.26 -17.52
C THR A 8 7.16 -5.53 -17.05
N SER A 9 8.41 -5.36 -16.63
CA SER A 9 9.21 -6.49 -16.16
C SER A 9 8.93 -6.77 -14.70
N ALA A 10 9.17 -5.78 -13.84
CA ALA A 10 8.95 -5.93 -12.41
C ALA A 10 9.67 -7.15 -11.86
N LEU A 11 9.41 -7.48 -10.60
CA LEU A 11 10.04 -8.63 -9.96
C LEU A 11 11.56 -8.53 -10.04
N ALA A 12 12.17 -7.89 -9.04
CA ALA A 12 13.61 -7.73 -9.01
C ALA A 12 14.15 -7.94 -7.59
N PRO A 13 15.43 -8.32 -7.50
CA PRO A 13 16.09 -8.56 -6.21
C PRO A 13 16.32 -7.28 -5.42
N VAL A 14 15.56 -7.11 -4.34
CA VAL A 14 15.67 -5.93 -3.50
C VAL A 14 14.85 -6.08 -2.22
N ALA A 15 15.35 -5.51 -1.13
CA ALA A 15 14.66 -5.57 0.15
C ALA A 15 14.98 -4.37 1.02
N ALA A 16 14.85 -3.18 0.44
CA ALA A 16 15.14 -1.94 1.16
C ALA A 16 14.08 -0.88 0.87
N ILE A 17 13.61 -0.22 1.93
CA ILE A 17 12.60 0.82 1.79
C ILE A 17 13.22 2.21 1.91
N ILE A 18 12.73 3.14 1.10
CA ILE A 18 13.22 4.51 1.12
C ILE A 18 12.21 5.46 1.73
N PRO A 19 12.67 6.32 2.65
CA PRO A 19 11.81 7.29 3.32
C PRO A 19 11.35 8.41 2.39
N PRO A 20 10.08 8.32 1.95
CA PRO A 20 9.49 9.32 1.05
C PRO A 20 9.27 10.66 1.72
N PRO A 21 8.97 11.69 0.92
CA PRO A 21 8.74 13.05 1.42
C PRO A 21 7.42 13.16 2.19
N PRO A 22 7.26 14.27 2.93
CA PRO A 22 6.06 14.52 3.72
C PRO A 22 4.83 14.78 2.85
N ASP A 23 5.06 15.02 1.57
CA ASP A 23 3.99 15.29 0.62
C ASP A 23 3.40 13.99 0.09
N VAL A 24 4.21 12.94 0.08
CA VAL A 24 3.78 11.65 -0.42
C VAL A 24 3.54 10.66 0.73
N GLN A 25 4.19 10.92 1.86
CA GLN A 25 4.06 10.07 3.03
C GLN A 25 2.59 9.85 3.38
N PRO A 26 1.85 10.95 3.60
CA PRO A 26 0.43 10.90 3.93
C PRO A 26 -0.43 10.44 2.76
N VAL A 27 0.15 10.47 1.56
CA VAL A 27 -0.57 10.04 0.36
C VAL A 27 -0.52 8.53 0.19
N ILE A 28 0.51 7.91 0.76
CA ILE A 28 0.68 6.47 0.67
C ILE A 28 0.07 5.76 1.89
N ASP A 29 0.15 6.42 3.04
CA ASP A 29 -0.40 5.86 4.27
C ASP A 29 -1.93 5.84 4.22
N LYS A 30 -2.51 6.78 3.48
CA LYS A 30 -3.96 6.87 3.36
C LYS A 30 -4.50 5.68 2.58
N LEU A 31 -3.97 5.45 1.39
CA LEU A 31 -4.40 4.34 0.55
C LEU A 31 -4.16 3.00 1.24
N ALA A 32 -3.06 2.92 1.99
CA ALA A 32 -2.71 1.70 2.71
C ALA A 32 -3.83 1.29 3.65
N GLU A 33 -4.22 2.20 4.53
CA GLU A 33 -5.28 1.92 5.50
C GLU A 33 -6.60 1.65 4.78
N TYR A 34 -6.78 2.26 3.62
CA TYR A 34 -7.99 2.09 2.84
C TYR A 34 -8.08 0.69 2.24
N VAL A 35 -6.95 0.23 1.69
CA VAL A 35 -6.89 -1.10 1.09
C VAL A 35 -6.99 -2.18 2.15
N ALA A 36 -6.40 -1.93 3.31
CA ALA A 36 -6.42 -2.89 4.40
C ALA A 36 -7.83 -3.03 4.98
N ARG A 37 -8.63 -1.99 4.83
CA ARG A 37 -10.00 -2.00 5.34
C ARG A 37 -10.97 -2.50 4.27
N ASN A 38 -10.92 -1.89 3.10
CA ASN A 38 -11.80 -2.28 1.99
C ASN A 38 -11.41 -3.63 1.43
N GLY A 39 -10.13 -3.76 1.05
CA GLY A 39 -9.65 -5.02 0.50
C GLY A 39 -8.77 -4.81 -0.70
N LEU A 40 -8.08 -5.88 -1.12
CA LEU A 40 -7.19 -5.81 -2.27
C LEU A 40 -7.95 -5.44 -3.53
N LYS A 41 -9.24 -5.77 -3.55
CA LYS A 41 -10.09 -5.46 -4.70
C LYS A 41 -10.00 -3.99 -5.07
N PHE A 42 -9.97 -3.13 -4.05
CA PHE A 42 -9.88 -1.70 -4.26
C PHE A 42 -8.61 -1.33 -5.03
N GLU A 43 -7.51 -2.02 -4.69
CA GLU A 43 -6.23 -1.77 -5.33
C GLU A 43 -6.36 -1.87 -6.85
N THR A 44 -7.18 -2.80 -7.31
CA THR A 44 -7.38 -3.02 -8.73
C THR A 44 -8.05 -1.81 -9.38
N SER A 45 -8.79 -1.05 -8.57
CA SER A 45 -9.49 0.13 -9.07
C SER A 45 -8.53 1.30 -9.22
N VAL A 46 -7.83 1.64 -8.15
CA VAL A 46 -6.88 2.75 -8.16
C VAL A 46 -5.84 2.55 -9.27
N ARG A 47 -5.54 1.30 -9.57
CA ARG A 47 -4.56 0.96 -10.60
C ARG A 47 -5.10 1.30 -11.99
N ALA A 48 -6.41 1.10 -12.18
CA ALA A 48 -7.04 1.38 -13.45
C ALA A 48 -6.94 2.86 -13.81
N LYS A 49 -6.94 3.71 -12.79
CA LYS A 49 -6.84 5.15 -12.99
C LYS A 49 -5.47 5.53 -13.57
N ASN A 50 -4.43 4.81 -13.13
CA ASN A 50 -3.08 5.08 -13.61
C ASN A 50 -2.71 6.54 -13.40
N ASP A 51 -3.32 7.16 -12.40
CA ASP A 51 -3.04 8.56 -12.09
C ASP A 51 -1.57 8.77 -11.77
N GLN A 52 -0.98 9.82 -12.34
CA GLN A 52 0.43 10.13 -12.11
C GLN A 52 0.73 10.21 -10.61
N ARG A 53 -0.18 10.83 -9.87
CA ARG A 53 0.00 10.98 -8.43
C ARG A 53 0.08 9.61 -7.75
N PHE A 54 -0.67 8.66 -8.28
CA PHE A 54 -0.69 7.30 -7.72
C PHE A 54 0.26 6.39 -8.49
N GLU A 55 1.45 6.89 -8.80
CA GLU A 55 2.45 6.12 -9.52
C GLU A 55 3.23 5.21 -8.58
N PHE A 56 3.31 5.61 -7.33
CA PHE A 56 4.04 4.84 -6.32
C PHE A 56 3.50 3.41 -6.24
N LEU A 57 2.23 3.24 -6.62
CA LEU A 57 1.60 1.93 -6.59
C LEU A 57 2.25 0.99 -7.60
N GLN A 58 2.85 1.57 -8.64
CA GLN A 58 3.51 0.77 -9.67
C GLN A 58 4.70 0.01 -9.09
N PRO A 59 5.04 -1.11 -9.73
CA PRO A 59 6.17 -1.95 -9.30
C PRO A 59 7.52 -1.29 -9.54
N TRP A 60 7.71 -0.77 -10.75
CA TRP A 60 8.95 -0.10 -11.11
C TRP A 60 9.28 1.02 -10.12
N HIS A 61 8.24 1.59 -9.51
CA HIS A 61 8.41 2.66 -8.54
C HIS A 61 9.07 2.15 -7.27
N GLN A 62 9.80 3.03 -6.59
CA GLN A 62 10.48 2.66 -5.36
C GLN A 62 9.57 2.83 -4.15
N TYR A 63 8.74 3.87 -4.18
CA TYR A 63 7.81 4.14 -3.09
C TYR A 63 6.92 2.93 -2.82
N ASN A 64 6.72 2.12 -3.85
CA ASN A 64 5.88 0.93 -3.73
C ASN A 64 6.32 0.07 -2.55
N ALA A 65 7.62 0.09 -2.27
CA ALA A 65 8.17 -0.68 -1.16
C ALA A 65 7.59 -0.23 0.17
N TYR A 66 7.45 1.08 0.33
CA TYR A 66 6.90 1.64 1.56
C TYR A 66 5.42 1.32 1.70
N TYR A 67 4.75 1.16 0.56
CA TYR A 67 3.32 0.86 0.55
C TYR A 67 3.07 -0.56 1.03
N GLU A 68 3.89 -1.50 0.56
CA GLU A 68 3.75 -2.90 0.94
C GLU A 68 3.94 -3.08 2.45
N PHE A 69 4.76 -2.21 3.03
CA PHE A 69 5.03 -2.27 4.46
C PHE A 69 3.90 -1.62 5.26
N LYS A 70 3.50 -0.42 4.85
CA LYS A 70 2.44 0.30 5.52
C LYS A 70 1.12 -0.46 5.44
N LYS A 71 0.94 -1.18 4.34
CA LYS A 71 -0.28 -1.97 4.13
C LYS A 71 -0.34 -3.13 5.10
N GLN A 72 0.72 -3.93 5.14
CA GLN A 72 0.79 -5.07 6.04
C GLN A 72 0.47 -4.67 7.47
N PHE A 73 0.83 -3.45 7.83
CA PHE A 73 0.58 -2.95 9.17
C PHE A 73 -0.92 -2.88 9.47
N PHE A 74 -1.61 -2.02 8.73
CA PHE A 74 -3.05 -1.86 8.91
C PHE A 74 -3.77 -3.20 8.76
N LEU A 75 -3.26 -4.04 7.88
CA LEU A 75 -3.85 -5.36 7.65
C LEU A 75 -3.93 -6.16 8.96
N GLN A 76 -2.77 -6.45 9.53
CA GLN A 76 -2.71 -7.21 10.78
C GLN A 76 -3.52 -6.53 11.87
N LYS A 77 -3.55 -5.20 11.84
CA LYS A 77 -4.28 -4.42 12.82
C LYS A 77 -5.67 -4.04 12.29
N GLU A 78 -6.48 -5.05 11.97
CA GLU A 78 -7.82 -4.82 11.46
C GLU A 78 -8.85 -4.93 12.57
N GLY A 79 -8.43 -4.67 13.80
CA GLY A 79 -9.34 -4.74 14.94
C GLY A 79 -9.70 -3.37 15.48
N GLY A 80 -10.36 -2.56 14.65
CA GLY A 80 -10.75 -1.24 15.08
C GLY A 80 -12.24 -1.12 15.34
N ASP A 81 -12.79 0.07 15.15
CA ASP A 81 -14.21 0.31 15.36
C ASP A 81 -14.94 0.50 14.04
N SER A 82 -16.25 0.71 14.12
CA SER A 82 -17.07 0.91 12.92
C SER A 82 -17.37 2.38 12.71
N MET A 83 -17.92 2.71 11.55
CA MET A 83 -18.26 4.09 11.21
C MET A 83 -19.76 4.23 10.95
N GLN A 84 -20.23 5.47 10.90
CA GLN A 84 -21.64 5.74 10.66
C GLN A 84 -21.86 6.31 9.26
N ALA A 85 -22.12 5.44 8.30
CA ALA A 85 -22.34 5.86 6.92
C ALA A 85 -23.18 4.84 6.17
N VAL A 86 -23.75 5.27 5.04
CA VAL A 86 -24.58 4.39 4.22
C VAL A 86 -23.72 3.43 3.40
N SER A 87 -22.94 3.99 2.48
CA SER A 87 -22.08 3.18 1.63
C SER A 87 -22.87 2.07 0.93
N ALA A 88 -23.79 2.47 0.06
CA ALA A 88 -24.62 1.51 -0.67
C ALA A 88 -25.27 2.16 -1.88
N PRO A 89 -24.45 2.60 -2.84
CA PRO A 89 -24.94 3.25 -4.06
C PRO A 89 -25.65 2.28 -4.98
N GLU A 90 -26.13 2.79 -6.12
CA GLU A 90 -26.85 1.96 -7.09
C GLU A 90 -26.99 2.70 -8.42
N GLY A 1 -18.33 -21.10 3.99
CA GLY A 1 -17.41 -20.08 3.52
C GLY A 1 -16.32 -20.66 2.62
N SER A 2 -15.93 -19.89 1.60
CA SER A 2 -14.91 -20.33 0.67
C SER A 2 -14.51 -19.19 -0.28
N SER A 3 -13.22 -18.87 -0.29
CA SER A 3 -12.71 -17.81 -1.14
C SER A 3 -11.40 -18.21 -1.81
N GLY A 4 -10.80 -17.29 -2.54
CA GLY A 4 -9.54 -17.57 -3.21
C GLY A 4 -9.32 -16.69 -4.42
N SER A 5 -8.67 -17.24 -5.44
CA SER A 5 -8.39 -16.49 -6.66
C SER A 5 -7.62 -15.21 -6.34
N SER A 6 -7.42 -14.38 -7.37
CA SER A 6 -6.70 -13.13 -7.20
C SER A 6 -5.27 -13.37 -6.73
N GLY A 7 -4.71 -14.52 -7.12
CA GLY A 7 -3.36 -14.87 -6.73
C GLY A 7 -2.36 -14.63 -7.84
N THR A 8 -1.07 -14.63 -7.49
CA THR A 8 -0.02 -14.41 -8.47
C THR A 8 1.23 -15.23 -8.11
N SER A 9 1.85 -15.81 -9.13
CA SER A 9 3.06 -16.61 -8.92
C SER A 9 4.29 -15.88 -9.44
N ALA A 10 5.02 -15.25 -8.52
CA ALA A 10 6.23 -14.52 -8.88
C ALA A 10 7.25 -14.57 -7.74
N LEU A 11 8.52 -14.76 -8.11
CA LEU A 11 9.59 -14.83 -7.12
C LEU A 11 10.65 -13.76 -7.39
N ALA A 12 10.72 -12.78 -6.50
CA ALA A 12 11.69 -11.69 -6.64
C ALA A 12 12.37 -11.41 -5.31
N PRO A 13 13.58 -10.83 -5.39
CA PRO A 13 14.36 -10.49 -4.19
C PRO A 13 13.76 -9.33 -3.41
N VAL A 14 14.35 -9.03 -2.26
CA VAL A 14 13.87 -7.94 -1.41
C VAL A 14 14.84 -6.76 -1.42
N ALA A 15 14.29 -5.56 -1.46
CA ALA A 15 15.11 -4.35 -1.47
C ALA A 15 14.78 -3.45 -0.28
N ALA A 16 15.63 -2.46 -0.03
CA ALA A 16 15.43 -1.53 1.06
C ALA A 16 14.53 -0.36 0.64
N ILE A 17 13.43 -0.19 1.36
CA ILE A 17 12.49 0.89 1.06
C ILE A 17 13.09 2.24 1.42
N ILE A 18 12.76 3.26 0.61
CA ILE A 18 13.27 4.60 0.85
C ILE A 18 12.21 5.47 1.55
N PRO A 19 12.64 6.18 2.60
CA PRO A 19 11.75 7.06 3.38
C PRO A 19 11.33 8.28 2.59
N PRO A 20 10.08 8.27 2.09
CA PRO A 20 9.52 9.38 1.31
C PRO A 20 9.28 10.62 2.17
N PRO A 21 9.02 11.75 1.50
CA PRO A 21 8.75 13.02 2.18
C PRO A 21 7.41 13.03 2.90
N PRO A 22 7.20 14.04 3.77
CA PRO A 22 5.96 14.18 4.53
C PRO A 22 4.77 14.56 3.65
N ASP A 23 5.06 14.92 2.41
CA ASP A 23 4.01 15.31 1.46
C ASP A 23 3.45 14.08 0.76
N VAL A 24 4.25 13.03 0.68
CA VAL A 24 3.83 11.80 0.03
C VAL A 24 3.59 10.68 1.04
N GLN A 25 4.21 10.82 2.21
CA GLN A 25 4.07 9.84 3.28
C GLN A 25 2.60 9.56 3.57
N PRO A 26 1.85 10.62 3.89
CA PRO A 26 0.43 10.53 4.21
C PRO A 26 -0.41 10.20 2.98
N VAL A 27 0.19 10.36 1.80
CA VAL A 27 -0.50 10.08 0.55
C VAL A 27 -0.47 8.58 0.22
N ILE A 28 0.53 7.89 0.75
CA ILE A 28 0.67 6.46 0.51
C ILE A 28 -0.01 5.66 1.61
N ASP A 29 0.05 6.17 2.84
CA ASP A 29 -0.57 5.49 3.97
C ASP A 29 -2.09 5.65 3.94
N LYS A 30 -2.55 6.85 3.60
CA LYS A 30 -3.97 7.13 3.52
C LYS A 30 -4.68 6.10 2.65
N LEU A 31 -3.97 5.57 1.67
CA LEU A 31 -4.54 4.57 0.76
C LEU A 31 -4.39 3.17 1.34
N ALA A 32 -3.30 2.96 2.08
CA ALA A 32 -3.04 1.66 2.69
C ALA A 32 -4.13 1.29 3.70
N GLU A 33 -4.52 2.26 4.52
CA GLU A 33 -5.55 2.03 5.53
C GLU A 33 -6.88 1.73 4.88
N TYR A 34 -7.11 2.31 3.70
CA TYR A 34 -8.36 2.10 2.97
C TYR A 34 -8.37 0.74 2.28
N VAL A 35 -7.21 0.35 1.76
CA VAL A 35 -7.08 -0.94 1.07
C VAL A 35 -7.08 -2.09 2.07
N ALA A 36 -6.64 -1.82 3.29
CA ALA A 36 -6.59 -2.83 4.33
C ALA A 36 -7.97 -3.04 4.96
N ARG A 37 -8.80 -2.01 4.91
CA ARG A 37 -10.14 -2.08 5.48
C ARG A 37 -11.13 -2.65 4.46
N ASN A 38 -11.15 -2.07 3.27
CA ASN A 38 -12.04 -2.51 2.20
C ASN A 38 -11.59 -3.86 1.65
N GLY A 39 -10.40 -3.88 1.06
CA GLY A 39 -9.88 -5.10 0.49
C GLY A 39 -8.86 -4.85 -0.61
N LEU A 40 -8.11 -5.89 -0.97
CA LEU A 40 -7.11 -5.77 -2.01
C LEU A 40 -7.74 -5.44 -3.36
N LYS A 41 -9.00 -5.85 -3.53
CA LYS A 41 -9.73 -5.59 -4.76
C LYS A 41 -9.70 -4.11 -5.11
N PHE A 42 -9.61 -3.27 -4.09
CA PHE A 42 -9.58 -1.82 -4.29
C PHE A 42 -8.29 -1.40 -4.97
N GLU A 43 -7.18 -2.03 -4.58
CA GLU A 43 -5.88 -1.72 -5.15
C GLU A 43 -5.91 -1.85 -6.67
N THR A 44 -6.78 -2.71 -7.17
CA THR A 44 -6.91 -2.93 -8.61
C THR A 44 -7.60 -1.74 -9.28
N SER A 45 -8.46 -1.07 -8.53
CA SER A 45 -9.19 0.09 -9.06
C SER A 45 -8.28 1.30 -9.19
N VAL A 46 -7.62 1.65 -8.08
CA VAL A 46 -6.72 2.80 -8.07
C VAL A 46 -5.66 2.67 -9.17
N ARG A 47 -5.30 1.44 -9.50
CA ARG A 47 -4.30 1.19 -10.53
C ARG A 47 -4.87 1.46 -11.92
N ALA A 48 -6.15 1.14 -12.10
CA ALA A 48 -6.81 1.35 -13.38
C ALA A 48 -6.84 2.83 -13.75
N LYS A 49 -6.80 3.69 -12.73
CA LYS A 49 -6.82 5.12 -12.95
C LYS A 49 -5.52 5.59 -13.60
N ASN A 50 -4.40 5.02 -13.18
CA ASN A 50 -3.10 5.38 -13.72
C ASN A 50 -2.89 6.89 -13.67
N ASP A 51 -3.32 7.51 -12.58
CA ASP A 51 -3.17 8.95 -12.41
C ASP A 51 -1.78 9.29 -11.89
N GLN A 52 -1.31 10.49 -12.24
CA GLN A 52 0.01 10.93 -11.83
C GLN A 52 0.12 10.96 -10.30
N ARG A 53 -1.02 11.13 -9.64
CA ARG A 53 -1.05 11.17 -8.18
C ARG A 53 -0.88 9.77 -7.59
N PHE A 54 -1.40 8.77 -8.29
CA PHE A 54 -1.31 7.39 -7.85
C PHE A 54 -0.31 6.60 -8.70
N GLU A 55 0.89 7.16 -8.86
CA GLU A 55 1.94 6.52 -9.64
C GLU A 55 2.84 5.66 -8.76
N PHE A 56 2.94 6.04 -7.49
CA PHE A 56 3.78 5.31 -6.54
C PHE A 56 3.37 3.85 -6.48
N LEU A 57 2.11 3.57 -6.80
CA LEU A 57 1.60 2.20 -6.78
C LEU A 57 2.24 1.37 -7.90
N GLN A 58 2.68 2.03 -8.95
CA GLN A 58 3.30 1.35 -10.08
C GLN A 58 4.44 0.46 -9.61
N PRO A 59 4.74 -0.58 -10.39
CA PRO A 59 5.81 -1.54 -10.08
C PRO A 59 7.19 -0.92 -10.21
N TRP A 60 7.43 -0.24 -11.32
CA TRP A 60 8.73 0.40 -11.57
C TRP A 60 9.05 1.41 -10.46
N HIS A 61 8.01 2.02 -9.90
CA HIS A 61 8.19 3.00 -8.83
C HIS A 61 8.81 2.35 -7.60
N GLN A 62 9.65 3.11 -6.90
CA GLN A 62 10.31 2.61 -5.70
C GLN A 62 9.41 2.75 -4.48
N TYR A 63 8.64 3.83 -4.44
CA TYR A 63 7.74 4.09 -3.33
C TYR A 63 6.77 2.92 -3.14
N ASN A 64 6.52 2.19 -4.22
CA ASN A 64 5.62 1.05 -4.17
C ASN A 64 6.00 0.09 -3.04
N ALA A 65 7.29 0.04 -2.72
CA ALA A 65 7.77 -0.82 -1.66
C ALA A 65 7.20 -0.40 -0.30
N TYR A 66 7.32 0.88 0.02
CA TYR A 66 6.82 1.40 1.27
C TYR A 66 5.36 1.00 1.49
N TYR A 67 4.55 1.17 0.44
CA TYR A 67 3.14 0.83 0.51
C TYR A 67 2.94 -0.60 1.00
N GLU A 68 3.80 -1.51 0.54
CA GLU A 68 3.72 -2.91 0.93
C GLU A 68 4.01 -3.07 2.42
N PHE A 69 4.77 -2.14 2.97
CA PHE A 69 5.12 -2.18 4.39
C PHE A 69 4.02 -1.55 5.24
N LYS A 70 3.39 -0.50 4.71
CA LYS A 70 2.32 0.19 5.42
C LYS A 70 1.02 -0.60 5.34
N LYS A 71 0.82 -1.30 4.22
CA LYS A 71 -0.38 -2.10 4.02
C LYS A 71 -0.48 -3.21 5.07
N GLN A 72 0.56 -4.04 5.14
CA GLN A 72 0.59 -5.14 6.09
C GLN A 72 0.30 -4.64 7.50
N PHE A 73 0.83 -3.47 7.84
CA PHE A 73 0.63 -2.88 9.16
C PHE A 73 -0.85 -2.76 9.48
N PHE A 74 -1.58 -2.05 8.61
CA PHE A 74 -3.00 -1.84 8.80
C PHE A 74 -3.76 -3.17 8.73
N LEU A 75 -3.30 -4.06 7.85
CA LEU A 75 -3.92 -5.36 7.66
C LEU A 75 -3.91 -6.15 8.97
N GLN A 76 -2.74 -6.21 9.61
CA GLN A 76 -2.59 -6.93 10.87
C GLN A 76 -3.29 -6.20 12.00
N LYS A 77 -3.28 -4.87 11.94
CA LYS A 77 -3.91 -4.05 12.96
C LYS A 77 -5.28 -3.56 12.50
N GLU A 78 -6.28 -4.42 12.61
CA GLU A 78 -7.63 -4.07 12.20
C GLU A 78 -8.21 -2.98 13.10
N GLY A 79 -7.75 -2.94 14.34
CA GLY A 79 -8.22 -1.95 15.30
C GLY A 79 -9.14 -2.54 16.34
N GLY A 80 -9.04 -3.85 16.55
CA GLY A 80 -9.87 -4.52 17.53
C GLY A 80 -9.46 -4.22 18.95
N ASP A 81 -9.87 -3.06 19.46
CA ASP A 81 -9.53 -2.66 20.82
C ASP A 81 -10.80 -2.36 21.63
N SER A 82 -11.74 -1.65 21.01
CA SER A 82 -12.99 -1.29 21.67
C SER A 82 -14.10 -1.08 20.66
N MET A 83 -14.78 -2.16 20.31
CA MET A 83 -15.88 -2.10 19.35
C MET A 83 -17.22 -2.39 20.01
N GLN A 84 -17.81 -1.36 20.61
CA GLN A 84 -19.09 -1.51 21.29
C GLN A 84 -20.20 -1.84 20.29
N ALA A 85 -21.35 -2.27 20.81
CA ALA A 85 -22.48 -2.62 19.97
C ALA A 85 -23.20 -1.38 19.47
N VAL A 86 -22.93 -0.99 18.23
CA VAL A 86 -23.54 0.18 17.63
C VAL A 86 -24.21 -0.16 16.30
N SER A 87 -24.65 -1.40 16.18
CA SER A 87 -25.31 -1.87 14.95
C SER A 87 -26.55 -2.70 15.28
N ALA A 88 -27.51 -2.08 15.96
CA ALA A 88 -28.73 -2.76 16.33
C ALA A 88 -29.77 -1.77 16.86
N PRO A 89 -30.46 -1.09 15.93
CA PRO A 89 -31.49 -0.10 16.28
C PRO A 89 -32.74 -0.75 16.86
N GLU A 90 -33.35 -0.08 17.83
CA GLU A 90 -34.55 -0.58 18.48
C GLU A 90 -34.32 -1.99 19.03
N GLY A 1 1.66 -9.20 -25.40
CA GLY A 1 2.23 -9.37 -24.07
C GLY A 1 2.34 -8.05 -23.32
N SER A 2 3.47 -7.86 -22.64
CA SER A 2 3.69 -6.64 -21.87
C SER A 2 5.14 -6.56 -21.38
N SER A 3 5.64 -5.35 -21.24
CA SER A 3 7.02 -5.13 -20.80
C SER A 3 7.28 -5.87 -19.48
N GLY A 4 8.54 -6.22 -19.25
CA GLY A 4 8.90 -6.92 -18.03
C GLY A 4 10.39 -7.06 -17.86
N SER A 5 10.97 -6.20 -17.02
CA SER A 5 12.41 -6.21 -16.77
C SER A 5 12.77 -7.25 -15.72
N SER A 6 13.85 -7.99 -15.96
CA SER A 6 14.30 -9.01 -15.03
C SER A 6 15.39 -8.48 -14.11
N GLY A 7 15.23 -8.72 -12.81
CA GLY A 7 16.20 -8.26 -11.84
C GLY A 7 17.39 -9.19 -11.72
N THR A 8 17.57 -9.78 -10.55
CA THR A 8 18.68 -10.69 -10.31
C THR A 8 18.20 -12.13 -10.17
N SER A 9 16.95 -12.28 -9.73
CA SER A 9 16.37 -13.61 -9.54
C SER A 9 14.85 -13.57 -9.74
N ALA A 10 14.15 -12.99 -8.78
CA ALA A 10 12.69 -12.88 -8.85
C ALA A 10 12.15 -12.04 -7.72
N LEU A 11 10.93 -11.53 -7.89
CA LEU A 11 10.29 -10.70 -6.87
C LEU A 11 11.10 -9.43 -6.62
N ALA A 12 10.50 -8.49 -5.90
CA ALA A 12 11.16 -7.22 -5.58
C ALA A 12 12.22 -7.42 -4.50
N PRO A 13 13.21 -6.52 -4.48
CA PRO A 13 14.30 -6.57 -3.50
C PRO A 13 13.83 -6.22 -2.09
N VAL A 14 13.46 -7.25 -1.33
CA VAL A 14 12.99 -7.06 0.05
C VAL A 14 14.07 -6.42 0.90
N ALA A 15 13.66 -5.86 2.04
CA ALA A 15 14.58 -5.21 2.96
C ALA A 15 15.30 -4.05 2.28
N ALA A 16 14.52 -3.21 1.59
CA ALA A 16 15.09 -2.04 0.90
C ALA A 16 14.02 -0.99 0.65
N ILE A 17 13.60 -0.31 1.72
CA ILE A 17 12.59 0.73 1.61
C ILE A 17 13.21 2.11 1.74
N ILE A 18 12.71 3.06 0.96
CA ILE A 18 13.21 4.43 0.98
C ILE A 18 12.19 5.38 1.61
N PRO A 19 12.65 6.22 2.54
CA PRO A 19 11.79 7.20 3.23
C PRO A 19 11.33 8.31 2.30
N PRO A 20 10.06 8.23 1.86
CA PRO A 20 9.47 9.23 0.96
C PRO A 20 9.26 10.57 1.66
N PRO A 21 8.96 11.61 0.86
CA PRO A 21 8.72 12.96 1.37
C PRO A 21 7.41 13.06 2.15
N PRO A 22 7.24 14.16 2.89
CA PRO A 22 6.04 14.41 3.70
C PRO A 22 4.82 14.69 2.83
N ASP A 23 5.06 14.94 1.54
CA ASP A 23 3.97 15.23 0.60
C ASP A 23 3.38 13.94 0.06
N VAL A 24 4.17 12.88 0.05
CA VAL A 24 3.71 11.58 -0.45
C VAL A 24 3.49 10.60 0.68
N GLN A 25 4.16 10.84 1.81
CA GLN A 25 4.04 9.98 2.97
C GLN A 25 2.58 9.76 3.34
N PRO A 26 1.86 10.87 3.58
CA PRO A 26 0.44 10.82 3.94
C PRO A 26 -0.45 10.37 2.78
N VAL A 27 0.11 10.40 1.57
CA VAL A 27 -0.62 10.00 0.38
C VAL A 27 -0.61 8.49 0.21
N ILE A 28 0.43 7.84 0.72
CA ILE A 28 0.58 6.40 0.63
C ILE A 28 -0.03 5.71 1.85
N ASP A 29 0.04 6.37 3.00
CA ASP A 29 -0.50 5.83 4.23
C ASP A 29 -2.03 5.92 4.24
N LYS A 30 -2.55 6.96 3.63
CA LYS A 30 -4.00 7.18 3.56
C LYS A 30 -4.67 6.06 2.76
N LEU A 31 -4.06 5.69 1.64
CA LEU A 31 -4.60 4.65 0.78
C LEU A 31 -4.42 3.28 1.43
N ALA A 32 -3.32 3.11 2.15
CA ALA A 32 -3.04 1.84 2.83
C ALA A 32 -4.19 1.44 3.75
N GLU A 33 -4.54 2.32 4.68
CA GLU A 33 -5.61 2.05 5.61
C GLU A 33 -6.91 1.73 4.87
N TYR A 34 -7.10 2.36 3.72
CA TYR A 34 -8.30 2.15 2.92
C TYR A 34 -8.30 0.74 2.32
N VAL A 35 -7.18 0.35 1.73
CA VAL A 35 -7.06 -0.97 1.13
C VAL A 35 -7.03 -2.06 2.19
N ALA A 36 -6.56 -1.72 3.38
CA ALA A 36 -6.48 -2.66 4.48
C ALA A 36 -7.87 -2.99 5.02
N ARG A 37 -8.80 -2.06 4.87
CA ARG A 37 -10.16 -2.24 5.35
C ARG A 37 -11.05 -2.77 4.24
N ASN A 38 -11.02 -2.11 3.08
CA ASN A 38 -11.82 -2.52 1.94
C ASN A 38 -11.35 -3.85 1.38
N GLY A 39 -10.07 -3.91 1.03
CA GLY A 39 -9.51 -5.13 0.49
C GLY A 39 -8.63 -4.87 -0.73
N LEU A 40 -7.78 -5.84 -1.06
CA LEU A 40 -6.90 -5.72 -2.21
C LEU A 40 -7.68 -5.41 -3.49
N LYS A 41 -8.94 -5.84 -3.51
CA LYS A 41 -9.80 -5.60 -4.66
C LYS A 41 -9.88 -4.11 -4.99
N PHE A 42 -9.71 -3.27 -3.97
CA PHE A 42 -9.75 -1.83 -4.15
C PHE A 42 -8.51 -1.32 -4.86
N GLU A 43 -7.40 -2.05 -4.69
CA GLU A 43 -6.14 -1.67 -5.32
C GLU A 43 -6.25 -1.73 -6.84
N THR A 44 -7.12 -2.62 -7.33
CA THR A 44 -7.31 -2.77 -8.77
C THR A 44 -7.88 -1.51 -9.39
N SER A 45 -8.82 -0.87 -8.68
CA SER A 45 -9.44 0.35 -9.16
C SER A 45 -8.42 1.48 -9.26
N VAL A 46 -7.76 1.78 -8.15
CA VAL A 46 -6.75 2.84 -8.12
C VAL A 46 -5.65 2.58 -9.13
N ARG A 47 -5.30 1.30 -9.32
CA ARG A 47 -4.26 0.92 -10.25
C ARG A 47 -4.73 1.11 -11.70
N ALA A 48 -6.03 0.93 -11.92
CA ALA A 48 -6.60 1.09 -13.26
C ALA A 48 -6.53 2.53 -13.71
N LYS A 49 -6.52 3.46 -12.75
CA LYS A 49 -6.46 4.88 -13.07
C LYS A 49 -5.10 5.24 -13.66
N ASN A 50 -4.04 4.67 -13.11
CA ASN A 50 -2.68 4.93 -13.59
C ASN A 50 -2.42 6.44 -13.65
N ASP A 51 -2.82 7.15 -12.60
CA ASP A 51 -2.62 8.59 -12.52
C ASP A 51 -1.34 8.92 -11.78
N GLN A 52 -0.79 10.10 -12.04
CA GLN A 52 0.44 10.54 -11.40
C GLN A 52 0.31 10.45 -9.87
N ARG A 53 -0.86 10.82 -9.36
CA ARG A 53 -1.10 10.78 -7.93
C ARG A 53 -0.99 9.36 -7.39
N PHE A 54 -1.32 8.38 -8.24
CA PHE A 54 -1.27 6.98 -7.86
C PHE A 54 -0.21 6.24 -8.67
N GLU A 55 1.03 6.71 -8.60
CA GLU A 55 2.12 6.08 -9.33
C GLU A 55 2.95 5.17 -8.42
N PHE A 56 3.07 5.56 -7.16
CA PHE A 56 3.82 4.78 -6.18
C PHE A 56 3.27 3.36 -6.09
N LEU A 57 1.99 3.20 -6.41
CA LEU A 57 1.35 1.89 -6.36
C LEU A 57 1.93 0.96 -7.42
N GLN A 58 2.45 1.55 -8.50
CA GLN A 58 3.02 0.77 -9.59
C GLN A 58 4.19 -0.08 -9.09
N PRO A 59 4.45 -1.19 -9.80
CA PRO A 59 5.54 -2.11 -9.45
C PRO A 59 6.92 -1.51 -9.69
N TRP A 60 7.10 -0.94 -10.87
CA TRP A 60 8.38 -0.32 -11.23
C TRP A 60 8.76 0.77 -10.23
N HIS A 61 7.75 1.47 -9.72
CA HIS A 61 7.98 2.54 -8.75
C HIS A 61 8.74 2.02 -7.54
N GLN A 62 9.46 2.91 -6.88
CA GLN A 62 10.23 2.53 -5.69
C GLN A 62 9.40 2.71 -4.43
N TYR A 63 8.56 3.74 -4.41
CA TYR A 63 7.71 4.02 -3.26
C TYR A 63 6.83 2.81 -2.93
N ASN A 64 6.56 2.00 -3.93
CA ASN A 64 5.73 0.81 -3.76
C ASN A 64 6.25 -0.05 -2.60
N ALA A 65 7.56 0.01 -2.38
CA ALA A 65 8.17 -0.76 -1.31
C ALA A 65 7.67 -0.31 0.06
N TYR A 66 7.46 0.99 0.21
CA TYR A 66 6.98 1.55 1.45
C TYR A 66 5.49 1.26 1.66
N TYR A 67 4.74 1.27 0.55
CA TYR A 67 3.31 1.00 0.61
C TYR A 67 3.05 -0.44 1.04
N GLU A 68 3.82 -1.36 0.49
CA GLU A 68 3.68 -2.78 0.83
C GLU A 68 3.86 -3.02 2.32
N PHE A 69 4.64 -2.15 2.96
CA PHE A 69 4.90 -2.26 4.39
C PHE A 69 3.76 -1.64 5.20
N LYS A 70 3.16 -0.59 4.65
CA LYS A 70 2.06 0.09 5.32
C LYS A 70 0.77 -0.70 5.18
N LYS A 71 0.62 -1.42 4.07
CA LYS A 71 -0.57 -2.21 3.82
C LYS A 71 -0.68 -3.35 4.83
N GLN A 72 0.42 -4.08 5.02
CA GLN A 72 0.43 -5.20 5.96
C GLN A 72 0.18 -4.72 7.38
N PHE A 73 0.65 -3.51 7.69
CA PHE A 73 0.46 -2.94 9.02
C PHE A 73 -1.02 -2.81 9.36
N PHE A 74 -1.72 -1.96 8.63
CA PHE A 74 -3.15 -1.75 8.86
C PHE A 74 -3.92 -3.05 8.67
N LEU A 75 -3.43 -3.89 7.76
CA LEU A 75 -4.08 -5.17 7.48
C LEU A 75 -4.28 -5.98 8.76
N GLN A 76 -3.17 -6.42 9.35
CA GLN A 76 -3.22 -7.21 10.58
C GLN A 76 -3.32 -6.29 11.80
N LYS A 77 -2.27 -5.50 12.03
CA LYS A 77 -2.25 -4.59 13.16
C LYS A 77 -2.42 -5.34 14.48
N GLU A 78 -1.30 -5.70 15.11
CA GLU A 78 -1.34 -6.41 16.37
C GLU A 78 -0.96 -5.50 17.53
N GLY A 79 -1.28 -4.22 17.39
CA GLY A 79 -0.96 -3.26 18.44
C GLY A 79 -2.15 -2.39 18.81
N GLY A 80 -3.33 -3.01 18.90
CA GLY A 80 -4.52 -2.27 19.24
C GLY A 80 -5.01 -2.57 20.65
N ASP A 81 -5.69 -3.70 20.79
CA ASP A 81 -6.21 -4.12 22.09
C ASP A 81 -6.41 -5.62 22.16
N SER A 82 -5.56 -6.29 22.94
CA SER A 82 -5.63 -7.74 23.07
C SER A 82 -4.73 -8.22 24.21
N MET A 83 -5.07 -9.37 24.78
CA MET A 83 -4.29 -9.94 25.87
C MET A 83 -3.69 -11.29 25.47
N GLN A 84 -2.51 -11.25 24.87
CA GLN A 84 -1.82 -12.46 24.44
C GLN A 84 -0.41 -12.15 23.97
N ALA A 85 0.56 -12.90 24.50
CA ALA A 85 1.95 -12.70 24.14
C ALA A 85 2.62 -14.03 23.82
N VAL A 86 3.82 -13.96 23.23
CA VAL A 86 4.56 -15.15 22.87
C VAL A 86 6.03 -15.04 23.26
N SER A 87 6.74 -16.16 23.26
CA SER A 87 8.15 -16.18 23.61
C SER A 87 8.95 -17.03 22.64
N ALA A 88 10.28 -16.99 22.77
CA ALA A 88 11.16 -17.76 21.89
C ALA A 88 12.57 -17.81 22.45
N PRO A 89 13.35 -18.81 22.01
CA PRO A 89 14.74 -18.98 22.45
C PRO A 89 15.66 -17.90 21.89
N GLU A 90 16.96 -18.07 22.12
CA GLU A 90 17.95 -17.11 21.64
C GLU A 90 18.16 -17.26 20.14
N GLY A 1 -10.33 1.80 -30.89
CA GLY A 1 -9.88 1.38 -29.57
C GLY A 1 -8.36 1.39 -29.45
N SER A 2 -7.85 2.25 -28.60
CA SER A 2 -6.40 2.36 -28.39
C SER A 2 -5.81 1.00 -28.02
N SER A 3 -4.96 0.47 -28.89
CA SER A 3 -4.32 -0.83 -28.65
C SER A 3 -3.04 -0.66 -27.84
N GLY A 4 -2.79 -1.59 -26.93
CA GLY A 4 -1.60 -1.53 -26.11
C GLY A 4 -1.84 -1.98 -24.69
N SER A 5 -0.82 -2.55 -24.06
CA SER A 5 -0.93 -3.04 -22.69
C SER A 5 0.33 -2.69 -21.89
N SER A 6 0.14 -2.43 -20.61
CA SER A 6 1.25 -2.08 -19.73
C SER A 6 1.67 -3.28 -18.88
N GLY A 7 2.97 -3.36 -18.59
CA GLY A 7 3.47 -4.46 -17.79
C GLY A 7 4.00 -5.61 -18.64
N THR A 8 5.16 -6.12 -18.27
CA THR A 8 5.77 -7.23 -19.01
C THR A 8 6.43 -8.22 -18.06
N SER A 9 7.14 -7.70 -17.06
CA SER A 9 7.83 -8.54 -16.09
C SER A 9 8.16 -7.75 -14.82
N ALA A 10 7.92 -8.38 -13.67
CA ALA A 10 8.19 -7.74 -12.39
C ALA A 10 8.87 -8.70 -11.42
N LEU A 11 10.18 -8.84 -11.55
CA LEU A 11 10.94 -9.73 -10.69
C LEU A 11 12.39 -9.27 -10.58
N ALA A 12 12.77 -8.78 -9.39
CA ALA A 12 14.12 -8.32 -9.15
C ALA A 12 14.37 -8.08 -7.66
N PRO A 13 15.65 -8.17 -7.26
CA PRO A 13 16.05 -7.98 -5.87
C PRO A 13 15.89 -6.54 -5.40
N VAL A 14 14.85 -6.27 -4.63
CA VAL A 14 14.58 -4.93 -4.13
C VAL A 14 15.79 -4.38 -3.39
N ALA A 15 15.72 -3.10 -3.03
CA ALA A 15 16.81 -2.45 -2.31
C ALA A 15 16.31 -1.79 -1.03
N ALA A 16 15.55 -2.54 -0.23
CA ALA A 16 15.02 -2.02 1.02
C ALA A 16 14.05 -0.87 0.77
N ILE A 17 13.23 -0.56 1.77
CA ILE A 17 12.26 0.51 1.66
C ILE A 17 12.93 1.87 1.78
N ILE A 18 12.41 2.85 1.03
CA ILE A 18 12.97 4.20 1.05
C ILE A 18 11.98 5.18 1.70
N PRO A 19 12.51 6.01 2.62
CA PRO A 19 11.69 7.01 3.32
C PRO A 19 11.24 8.14 2.41
N PRO A 20 9.97 8.10 2.00
CA PRO A 20 9.40 9.12 1.11
C PRO A 20 9.23 10.48 1.82
N PRO A 21 8.96 11.52 1.02
CA PRO A 21 8.78 12.87 1.54
C PRO A 21 7.48 13.03 2.34
N PRO A 22 7.37 14.13 3.08
CA PRO A 22 6.19 14.43 3.90
C PRO A 22 4.95 14.73 3.06
N ASP A 23 5.16 14.95 1.76
CA ASP A 23 4.08 15.25 0.85
C ASP A 23 3.46 13.97 0.31
N VAL A 24 4.25 12.90 0.28
CA VAL A 24 3.77 11.62 -0.23
C VAL A 24 3.52 10.64 0.92
N GLN A 25 4.20 10.88 2.04
CA GLN A 25 4.05 10.02 3.21
C GLN A 25 2.57 9.84 3.57
N PRO A 26 1.88 10.97 3.80
CA PRO A 26 0.46 10.96 4.17
C PRO A 26 -0.42 10.54 3.00
N VAL A 27 0.15 10.46 1.81
CA VAL A 27 -0.59 10.07 0.62
C VAL A 27 -0.57 8.56 0.44
N ILE A 28 0.44 7.90 1.00
CA ILE A 28 0.56 6.46 0.92
C ILE A 28 -0.17 5.78 2.06
N ASP A 29 0.09 6.23 3.28
CA ASP A 29 -0.55 5.67 4.47
C ASP A 29 -2.06 5.71 4.34
N LYS A 30 -2.57 6.64 3.55
CA LYS A 30 -4.01 6.78 3.34
C LYS A 30 -4.56 5.59 2.57
N LEU A 31 -4.05 5.38 1.36
CA LEU A 31 -4.49 4.26 0.52
C LEU A 31 -4.24 2.93 1.21
N ALA A 32 -3.06 2.79 1.80
CA ALA A 32 -2.70 1.56 2.49
C ALA A 32 -3.70 1.23 3.59
N GLU A 33 -4.23 2.27 4.24
CA GLU A 33 -5.20 2.09 5.30
C GLU A 33 -6.58 1.78 4.74
N TYR A 34 -6.82 2.24 3.52
CA TYR A 34 -8.11 2.01 2.87
C TYR A 34 -8.19 0.61 2.28
N VAL A 35 -7.10 0.16 1.66
CA VAL A 35 -7.04 -1.16 1.06
C VAL A 35 -7.03 -2.24 2.14
N ALA A 36 -6.45 -1.92 3.28
CA ALA A 36 -6.38 -2.87 4.39
C ALA A 36 -7.76 -3.18 4.94
N ARG A 37 -8.67 -2.21 4.84
CA ARG A 37 -10.03 -2.38 5.33
C ARG A 37 -10.94 -2.88 4.21
N ASN A 38 -10.97 -2.15 3.10
CA ASN A 38 -11.80 -2.51 1.95
C ASN A 38 -11.37 -3.86 1.38
N GLY A 39 -10.10 -3.93 0.95
CA GLY A 39 -9.59 -5.16 0.38
C GLY A 39 -8.64 -4.90 -0.78
N LEU A 40 -7.84 -5.90 -1.11
CA LEU A 40 -6.89 -5.78 -2.22
C LEU A 40 -7.61 -5.40 -3.51
N LYS A 41 -8.86 -5.81 -3.64
CA LYS A 41 -9.66 -5.50 -4.82
C LYS A 41 -9.63 -4.01 -5.12
N PHE A 42 -9.49 -3.20 -4.07
CA PHE A 42 -9.46 -1.75 -4.22
C PHE A 42 -8.16 -1.31 -4.90
N GLU A 43 -7.07 -1.99 -4.58
CA GLU A 43 -5.77 -1.67 -5.16
C GLU A 43 -5.81 -1.75 -6.68
N THR A 44 -6.70 -2.59 -7.20
CA THR A 44 -6.85 -2.77 -8.63
C THR A 44 -7.55 -1.57 -9.26
N SER A 45 -8.49 -0.99 -8.54
CA SER A 45 -9.23 0.16 -9.03
C SER A 45 -8.33 1.39 -9.15
N VAL A 46 -7.62 1.69 -8.07
CA VAL A 46 -6.72 2.85 -8.06
C VAL A 46 -5.68 2.74 -9.18
N ARG A 47 -5.35 1.52 -9.56
CA ARG A 47 -4.38 1.28 -10.62
C ARG A 47 -5.00 1.53 -11.99
N ALA A 48 -6.25 1.12 -12.15
CA ALA A 48 -6.96 1.31 -13.41
C ALA A 48 -6.94 2.77 -13.85
N LYS A 49 -6.83 3.67 -12.87
CA LYS A 49 -6.81 5.10 -13.15
C LYS A 49 -5.53 5.49 -13.88
N ASN A 50 -4.42 4.85 -13.49
CA ASN A 50 -3.12 5.12 -14.10
C ASN A 50 -2.81 6.62 -14.06
N ASP A 51 -3.34 7.31 -13.05
CA ASP A 51 -3.12 8.73 -12.89
C ASP A 51 -1.75 9.00 -12.26
N GLN A 52 -1.15 10.13 -12.64
CA GLN A 52 0.17 10.50 -12.11
C GLN A 52 0.13 10.59 -10.59
N ARG A 53 -1.03 10.95 -10.04
CA ARG A 53 -1.19 11.08 -8.60
C ARG A 53 -0.99 9.73 -7.91
N PHE A 54 -1.27 8.65 -8.64
CA PHE A 54 -1.13 7.30 -8.11
C PHE A 54 -0.06 6.52 -8.87
N GLU A 55 1.15 7.06 -8.90
CA GLU A 55 2.26 6.42 -9.60
C GLU A 55 3.08 5.56 -8.64
N PHE A 56 3.14 5.98 -7.37
CA PHE A 56 3.89 5.25 -6.36
C PHE A 56 3.43 3.80 -6.27
N LEU A 57 2.18 3.56 -6.66
CA LEU A 57 1.62 2.22 -6.63
C LEU A 57 2.25 1.34 -7.70
N GLN A 58 2.73 1.97 -8.77
CA GLN A 58 3.35 1.24 -9.87
C GLN A 58 4.48 0.36 -9.36
N PRO A 59 4.78 -0.72 -10.10
CA PRO A 59 5.85 -1.66 -9.74
C PRO A 59 7.24 -1.05 -9.89
N TRP A 60 7.48 -0.42 -11.03
CA TRP A 60 8.76 0.21 -11.29
C TRP A 60 9.10 1.24 -10.22
N HIS A 61 8.07 1.87 -9.67
CA HIS A 61 8.25 2.89 -8.64
C HIS A 61 8.89 2.28 -7.39
N GLN A 62 9.66 3.09 -6.68
CA GLN A 62 10.34 2.63 -5.47
C GLN A 62 9.43 2.78 -4.25
N TYR A 63 8.64 3.86 -4.24
CA TYR A 63 7.74 4.11 -3.13
C TYR A 63 6.78 2.94 -2.92
N ASN A 64 6.54 2.19 -3.99
CA ASN A 64 5.65 1.03 -3.91
C ASN A 64 6.05 0.10 -2.77
N ALA A 65 7.36 0.02 -2.52
CA ALA A 65 7.87 -0.83 -1.45
C ALA A 65 7.33 -0.39 -0.09
N TYR A 66 7.22 0.92 0.09
CA TYR A 66 6.71 1.46 1.36
C TYR A 66 5.22 1.18 1.52
N TYR A 67 4.52 1.08 0.39
CA TYR A 67 3.09 0.82 0.41
C TYR A 67 2.80 -0.61 0.88
N GLU A 68 3.54 -1.56 0.34
CA GLU A 68 3.36 -2.97 0.71
C GLU A 68 3.52 -3.15 2.22
N PHE A 69 4.34 -2.32 2.84
CA PHE A 69 4.57 -2.39 4.27
C PHE A 69 3.38 -1.84 5.04
N LYS A 70 2.99 -0.62 4.72
CA LYS A 70 1.85 0.03 5.38
C LYS A 70 0.59 -0.82 5.24
N LYS A 71 0.44 -1.46 4.09
CA LYS A 71 -0.73 -2.30 3.83
C LYS A 71 -0.86 -3.38 4.90
N GLN A 72 0.16 -4.22 5.03
CA GLN A 72 0.14 -5.29 6.02
C GLN A 72 0.00 -4.73 7.43
N PHE A 73 0.60 -3.56 7.66
CA PHE A 73 0.54 -2.92 8.97
C PHE A 73 -0.90 -2.67 9.38
N PHE A 74 -1.63 -1.94 8.53
CA PHE A 74 -3.02 -1.62 8.80
C PHE A 74 -3.90 -2.88 8.75
N LEU A 75 -3.47 -3.85 7.96
CA LEU A 75 -4.20 -5.10 7.82
C LEU A 75 -4.45 -5.75 9.18
N GLN A 76 -3.36 -6.05 9.89
CA GLN A 76 -3.46 -6.68 11.21
C GLN A 76 -3.34 -5.63 12.31
N LYS A 77 -2.20 -4.96 12.36
CA LYS A 77 -1.96 -3.94 13.37
C LYS A 77 -2.19 -4.49 14.78
N GLU A 78 -1.12 -5.01 15.39
CA GLU A 78 -1.20 -5.56 16.73
C GLU A 78 -1.40 -4.46 17.77
N GLY A 79 -0.93 -3.26 17.44
CA GLY A 79 -1.05 -2.14 18.35
C GLY A 79 0.25 -1.82 19.05
N GLY A 80 0.81 -2.82 19.73
CA GLY A 80 2.06 -2.62 20.45
C GLY A 80 2.12 -3.41 21.74
N ASP A 81 3.32 -3.56 22.29
CA ASP A 81 3.51 -4.30 23.53
C ASP A 81 2.69 -3.69 24.65
N SER A 82 2.70 -2.36 24.75
CA SER A 82 1.96 -1.66 25.79
C SER A 82 0.61 -1.19 25.26
N MET A 83 -0.34 -0.98 26.18
CA MET A 83 -1.67 -0.52 25.81
C MET A 83 -2.30 0.29 26.92
N GLN A 84 -2.23 -0.24 28.15
CA GLN A 84 -2.80 0.45 29.31
C GLN A 84 -4.26 0.80 29.07
N ALA A 85 -5.10 -0.22 28.96
CA ALA A 85 -6.53 -0.02 28.74
C ALA A 85 -7.32 -0.24 30.02
N VAL A 86 -7.80 0.85 30.62
CA VAL A 86 -8.58 0.77 31.84
C VAL A 86 -9.90 1.53 31.71
N SER A 87 -10.99 0.79 31.59
CA SER A 87 -12.31 1.39 31.46
C SER A 87 -13.15 1.14 32.70
N ALA A 88 -13.86 2.17 33.14
CA ALA A 88 -14.71 2.07 34.33
C ALA A 88 -15.70 3.23 34.39
N PRO A 89 -16.82 3.01 35.10
CA PRO A 89 -17.87 4.01 35.26
C PRO A 89 -17.43 5.18 36.14
N GLU A 90 -17.35 6.36 35.54
CA GLU A 90 -16.94 7.56 36.26
C GLU A 90 -17.25 8.82 35.45
N GLY A 1 0.66 -2.02 21.11
CA GLY A 1 -0.65 -1.50 21.44
C GLY A 1 -0.67 0.02 21.51
N SER A 2 -0.28 0.55 22.66
CA SER A 2 -0.27 2.00 22.87
C SER A 2 1.08 2.58 22.46
N SER A 3 2.15 1.84 22.74
CA SER A 3 3.50 2.29 22.41
C SER A 3 4.05 1.51 21.21
N GLY A 4 4.05 2.15 20.05
CA GLY A 4 4.56 1.51 18.86
C GLY A 4 6.05 1.72 18.66
N SER A 5 6.82 0.66 18.81
CA SER A 5 8.28 0.74 18.65
C SER A 5 8.81 -0.49 17.91
N SER A 6 8.17 -0.82 16.79
CA SER A 6 8.58 -1.97 16.00
C SER A 6 8.44 -3.26 16.79
N GLY A 7 8.76 -4.38 16.16
CA GLY A 7 8.68 -5.67 16.81
C GLY A 7 7.26 -5.99 17.26
N THR A 8 6.34 -6.07 16.30
CA THR A 8 4.95 -6.37 16.61
C THR A 8 4.31 -7.20 15.50
N SER A 9 4.57 -8.52 15.53
CA SER A 9 4.02 -9.42 14.53
C SER A 9 4.49 -9.02 13.13
N ALA A 10 5.72 -8.53 13.04
CA ALA A 10 6.29 -8.11 11.77
C ALA A 10 7.42 -9.04 11.35
N LEU A 11 7.09 -10.08 10.59
CA LEU A 11 8.09 -11.04 10.13
C LEU A 11 7.90 -11.34 8.64
N ALA A 12 8.29 -10.39 7.79
CA ALA A 12 8.17 -10.56 6.35
C ALA A 12 9.50 -10.32 5.65
N PRO A 13 9.66 -10.89 4.46
CA PRO A 13 10.88 -10.76 3.67
C PRO A 13 11.07 -9.34 3.12
N VAL A 14 12.01 -8.60 3.72
CA VAL A 14 12.28 -7.24 3.30
C VAL A 14 12.60 -7.17 1.81
N ALA A 15 12.26 -6.04 1.19
CA ALA A 15 12.50 -5.85 -0.24
C ALA A 15 13.13 -4.50 -0.51
N ALA A 16 14.00 -4.05 0.41
CA ALA A 16 14.67 -2.77 0.26
C ALA A 16 13.67 -1.64 0.12
N ILE A 17 13.27 -1.06 1.24
CA ILE A 17 12.31 0.04 1.24
C ILE A 17 13.01 1.38 1.43
N ILE A 18 12.51 2.40 0.74
CA ILE A 18 13.09 3.74 0.84
C ILE A 18 12.11 4.72 1.46
N PRO A 19 12.58 5.50 2.44
CA PRO A 19 11.76 6.49 3.13
C PRO A 19 11.38 7.67 2.23
N PRO A 20 10.14 7.68 1.76
CA PRO A 20 9.62 8.74 0.88
C PRO A 20 9.46 10.07 1.62
N PRO A 21 9.25 11.15 0.85
CA PRO A 21 9.07 12.49 1.41
C PRO A 21 7.75 12.63 2.15
N PRO A 22 7.60 13.73 2.90
CA PRO A 22 6.39 14.01 3.68
C PRO A 22 5.20 14.37 2.78
N ASP A 23 5.49 14.61 1.51
CA ASP A 23 4.45 14.96 0.55
C ASP A 23 3.80 13.70 -0.04
N VAL A 24 4.56 12.61 -0.05
CA VAL A 24 4.07 11.34 -0.57
C VAL A 24 3.77 10.35 0.55
N GLN A 25 4.43 10.56 1.69
CA GLN A 25 4.23 9.68 2.84
C GLN A 25 2.74 9.52 3.17
N PRO A 26 2.07 10.65 3.40
CA PRO A 26 0.64 10.66 3.73
C PRO A 26 -0.22 10.27 2.53
N VAL A 27 0.37 10.29 1.34
CA VAL A 27 -0.35 9.93 0.12
C VAL A 27 -0.39 8.42 -0.07
N ILE A 28 0.59 7.73 0.51
CA ILE A 28 0.67 6.28 0.40
C ILE A 28 0.00 5.60 1.59
N ASP A 29 0.27 6.10 2.78
CA ASP A 29 -0.30 5.56 4.00
C ASP A 29 -1.83 5.61 3.96
N LYS A 30 -2.36 6.73 3.48
CA LYS A 30 -3.80 6.93 3.39
C LYS A 30 -4.44 5.79 2.60
N LEU A 31 -3.84 5.44 1.47
CA LEU A 31 -4.36 4.36 0.63
C LEU A 31 -4.14 3.00 1.29
N ALA A 32 -2.97 2.83 1.90
CA ALA A 32 -2.64 1.58 2.57
C ALA A 32 -3.74 1.17 3.54
N GLU A 33 -4.33 2.15 4.22
CA GLU A 33 -5.39 1.89 5.18
C GLU A 33 -6.69 1.57 4.46
N TYR A 34 -6.95 2.25 3.36
CA TYR A 34 -8.16 2.03 2.59
C TYR A 34 -8.19 0.63 2.00
N VAL A 35 -7.04 0.19 1.49
CA VAL A 35 -6.93 -1.14 0.89
C VAL A 35 -6.82 -2.22 1.97
N ALA A 36 -6.18 -1.86 3.08
CA ALA A 36 -6.01 -2.80 4.19
C ALA A 36 -7.36 -3.23 4.76
N ARG A 37 -8.36 -2.38 4.59
CA ARG A 37 -9.70 -2.67 5.09
C ARG A 37 -10.58 -3.27 4.00
N ASN A 38 -10.63 -2.60 2.86
CA ASN A 38 -11.43 -3.07 1.73
C ASN A 38 -10.88 -4.38 1.18
N GLY A 39 -9.64 -4.35 0.71
CA GLY A 39 -9.01 -5.54 0.17
C GLY A 39 -8.06 -5.23 -0.96
N LEU A 40 -7.13 -6.14 -1.22
CA LEU A 40 -6.14 -5.95 -2.27
C LEU A 40 -6.83 -5.66 -3.61
N LYS A 41 -8.05 -6.17 -3.76
CA LYS A 41 -8.82 -5.96 -4.99
C LYS A 41 -8.95 -4.47 -5.30
N PHE A 42 -8.87 -3.65 -4.26
CA PHE A 42 -8.99 -2.20 -4.42
C PHE A 42 -7.74 -1.64 -5.11
N GLU A 43 -6.60 -2.27 -4.86
CA GLU A 43 -5.34 -1.83 -5.46
C GLU A 43 -5.47 -1.67 -6.97
N THR A 44 -6.35 -2.47 -7.57
CA THR A 44 -6.56 -2.42 -9.00
C THR A 44 -7.49 -1.27 -9.39
N SER A 45 -8.57 -1.11 -8.62
CA SER A 45 -9.53 -0.04 -8.87
C SER A 45 -8.86 1.32 -8.82
N VAL A 46 -8.00 1.52 -7.83
CA VAL A 46 -7.30 2.78 -7.66
C VAL A 46 -6.35 3.04 -8.83
N ARG A 47 -5.79 1.96 -9.37
CA ARG A 47 -4.86 2.06 -10.49
C ARG A 47 -5.62 2.35 -11.79
N ALA A 48 -6.83 1.83 -11.90
CA ALA A 48 -7.65 2.03 -13.09
C ALA A 48 -7.84 3.52 -13.37
N LYS A 49 -7.72 4.34 -12.33
CA LYS A 49 -7.88 5.78 -12.47
C LYS A 49 -6.77 6.36 -13.34
N ASN A 50 -5.61 5.72 -13.32
CA ASN A 50 -4.48 6.17 -14.11
C ASN A 50 -4.09 7.60 -13.73
N ASP A 51 -3.79 7.82 -12.45
CA ASP A 51 -3.42 9.14 -11.97
C ASP A 51 -1.94 9.17 -11.57
N GLN A 52 -1.20 10.12 -12.14
CA GLN A 52 0.21 10.25 -11.84
C GLN A 52 0.45 10.40 -10.35
N ARG A 53 -0.55 10.91 -9.65
CA ARG A 53 -0.45 11.11 -8.20
C ARG A 53 -0.34 9.77 -7.48
N PHE A 54 -0.87 8.72 -8.10
CA PHE A 54 -0.84 7.39 -7.51
C PHE A 54 0.04 6.45 -8.34
N GLU A 55 1.15 6.98 -8.84
CA GLU A 55 2.07 6.19 -9.65
C GLU A 55 2.88 5.23 -8.79
N PHE A 56 3.08 5.60 -7.53
CA PHE A 56 3.83 4.77 -6.59
C PHE A 56 3.24 3.37 -6.50
N LEU A 57 1.95 3.26 -6.79
CA LEU A 57 1.27 1.97 -6.75
C LEU A 57 1.85 1.01 -7.77
N GLN A 58 2.45 1.55 -8.82
CA GLN A 58 3.05 0.74 -9.88
C GLN A 58 4.08 -0.22 -9.29
N PRO A 59 4.30 -1.35 -9.98
CA PRO A 59 5.26 -2.37 -9.55
C PRO A 59 6.71 -1.90 -9.68
N TRP A 60 7.04 -1.33 -10.83
CA TRP A 60 8.39 -0.84 -11.08
C TRP A 60 8.77 0.23 -10.06
N HIS A 61 7.81 1.10 -9.73
CA HIS A 61 8.05 2.17 -8.78
C HIS A 61 8.64 1.62 -7.48
N GLN A 62 9.53 2.39 -6.87
CA GLN A 62 10.19 1.98 -5.63
C GLN A 62 9.28 2.27 -4.43
N TYR A 63 8.56 3.38 -4.49
CA TYR A 63 7.67 3.77 -3.41
C TYR A 63 6.67 2.67 -3.10
N ASN A 64 6.38 1.84 -4.11
CA ASN A 64 5.45 0.73 -3.95
C ASN A 64 5.80 -0.11 -2.73
N ALA A 65 7.11 -0.20 -2.44
CA ALA A 65 7.58 -0.99 -1.31
C ALA A 65 7.02 -0.45 0.01
N TYR A 66 7.07 0.87 0.17
CA TYR A 66 6.56 1.50 1.38
C TYR A 66 5.09 1.19 1.59
N TYR A 67 4.38 0.98 0.48
CA TYR A 67 2.95 0.67 0.54
C TYR A 67 2.72 -0.75 1.06
N GLU A 68 3.56 -1.68 0.61
CA GLU A 68 3.44 -3.07 1.03
C GLU A 68 3.74 -3.22 2.52
N PHE A 69 4.57 -2.33 3.05
CA PHE A 69 4.93 -2.37 4.46
C PHE A 69 3.80 -1.81 5.32
N LYS A 70 3.46 -0.55 5.10
CA LYS A 70 2.39 0.10 5.87
C LYS A 70 1.10 -0.72 5.79
N LYS A 71 0.78 -1.20 4.60
CA LYS A 71 -0.42 -2.00 4.40
C LYS A 71 -0.47 -3.17 5.37
N GLN A 72 0.70 -3.73 5.69
CA GLN A 72 0.79 -4.85 6.60
C GLN A 72 0.40 -4.43 8.02
N PHE A 73 0.67 -3.17 8.35
CA PHE A 73 0.34 -2.65 9.68
C PHE A 73 -1.16 -2.44 9.82
N PHE A 74 -1.76 -1.80 8.83
CA PHE A 74 -3.20 -1.54 8.85
C PHE A 74 -3.99 -2.84 8.71
N LEU A 75 -3.39 -3.82 8.06
CA LEU A 75 -4.03 -5.11 7.85
C LEU A 75 -4.20 -5.85 9.18
N GLN A 76 -3.09 -6.09 9.86
CA GLN A 76 -3.11 -6.79 11.15
C GLN A 76 -3.96 -6.03 12.16
N LYS A 77 -3.94 -4.70 12.06
CA LYS A 77 -4.71 -3.87 12.97
C LYS A 77 -6.10 -3.59 12.42
N GLU A 78 -6.92 -4.64 12.35
CA GLU A 78 -8.28 -4.51 11.84
C GLU A 78 -9.24 -4.10 12.95
N GLY A 79 -8.90 -4.47 14.17
CA GLY A 79 -9.75 -4.13 15.31
C GLY A 79 -9.30 -4.82 16.59
N GLY A 80 -8.58 -4.09 17.43
CA GLY A 80 -8.10 -4.65 18.68
C GLY A 80 -6.81 -5.42 18.52
N ASP A 81 -6.85 -6.72 18.81
CA ASP A 81 -5.67 -7.57 18.69
C ASP A 81 -4.56 -7.08 19.62
N SER A 82 -4.71 -7.37 20.92
CA SER A 82 -3.74 -6.97 21.91
C SER A 82 -3.11 -8.18 22.58
N MET A 83 -1.83 -8.07 22.93
CA MET A 83 -1.12 -9.16 23.58
C MET A 83 -0.04 -8.62 24.53
N GLN A 84 0.88 -7.84 23.97
CA GLN A 84 1.97 -7.27 24.76
C GLN A 84 1.84 -5.74 24.82
N ALA A 85 2.53 -5.14 25.80
CA ALA A 85 2.49 -3.69 25.96
C ALA A 85 3.50 -3.24 27.00
N VAL A 86 3.92 -1.98 26.90
CA VAL A 86 4.90 -1.43 27.83
C VAL A 86 6.18 -2.24 27.84
N SER A 87 7.04 -2.00 26.85
CA SER A 87 8.31 -2.71 26.74
C SER A 87 9.44 -1.91 27.39
N ALA A 88 9.14 -1.27 28.50
CA ALA A 88 10.12 -0.47 29.22
C ALA A 88 10.73 0.60 28.32
N PRO A 89 9.98 1.70 28.11
CA PRO A 89 10.42 2.81 27.27
C PRO A 89 11.57 3.59 27.90
N GLU A 90 12.21 4.44 27.10
CA GLU A 90 13.33 5.24 27.58
C GLU A 90 12.84 6.44 28.39
N GLY A 1 7.37 2.93 -25.85
CA GLY A 1 8.13 1.70 -25.78
C GLY A 1 9.46 1.81 -26.51
N SER A 2 10.55 1.71 -25.76
CA SER A 2 11.89 1.80 -26.33
C SER A 2 12.82 0.76 -25.71
N SER A 3 12.98 0.84 -24.40
CA SER A 3 13.84 -0.09 -23.68
C SER A 3 13.03 -1.20 -23.02
N GLY A 4 13.72 -2.15 -22.40
CA GLY A 4 13.05 -3.26 -21.76
C GLY A 4 13.96 -4.45 -21.53
N SER A 5 15.12 -4.20 -20.92
CA SER A 5 16.09 -5.26 -20.66
C SER A 5 16.80 -5.02 -19.34
N SER A 6 16.59 -5.93 -18.38
CA SER A 6 17.20 -5.81 -17.07
C SER A 6 17.57 -7.19 -16.52
N GLY A 7 16.64 -8.12 -16.61
CA GLY A 7 16.88 -9.47 -16.11
C GLY A 7 15.63 -10.32 -16.12
N THR A 8 15.62 -11.35 -16.98
CA THR A 8 14.47 -12.24 -17.08
C THR A 8 14.64 -13.45 -16.17
N SER A 9 15.85 -13.98 -16.10
CA SER A 9 16.15 -15.14 -15.27
C SER A 9 17.36 -14.88 -14.37
N ALA A 10 17.13 -14.12 -13.30
CA ALA A 10 18.21 -13.80 -12.37
C ALA A 10 17.67 -13.63 -10.96
N LEU A 11 18.58 -13.47 -10.00
CA LEU A 11 18.19 -13.30 -8.60
C LEU A 11 18.14 -11.82 -8.23
N ALA A 12 17.17 -11.46 -7.40
CA ALA A 12 17.00 -10.07 -6.97
C ALA A 12 17.61 -9.86 -5.59
N PRO A 13 17.95 -8.60 -5.28
CA PRO A 13 18.54 -8.23 -3.98
C PRO A 13 17.53 -8.34 -2.85
N VAL A 14 18.00 -8.08 -1.62
CA VAL A 14 17.15 -8.13 -0.44
C VAL A 14 16.07 -7.06 -0.49
N ALA A 15 15.21 -7.05 0.51
CA ALA A 15 14.12 -6.08 0.59
C ALA A 15 14.56 -4.83 1.35
N ALA A 16 14.31 -3.67 0.77
CA ALA A 16 14.67 -2.40 1.40
C ALA A 16 13.63 -1.32 1.11
N ILE A 17 13.34 -0.50 2.12
CA ILE A 17 12.36 0.56 1.98
C ILE A 17 13.02 1.93 2.12
N ILE A 18 12.55 2.90 1.34
CA ILE A 18 13.09 4.24 1.38
C ILE A 18 12.08 5.22 1.98
N PRO A 19 12.55 6.05 2.93
CA PRO A 19 11.71 7.05 3.59
C PRO A 19 11.30 8.18 2.66
N PRO A 20 10.03 8.14 2.20
CA PRO A 20 9.49 9.15 1.29
C PRO A 20 9.29 10.49 1.98
N PRO A 21 9.07 11.55 1.17
CA PRO A 21 8.87 12.91 1.69
C PRO A 21 7.52 13.05 2.41
N PRO A 22 7.37 14.16 3.14
CA PRO A 22 6.14 14.45 3.90
C PRO A 22 4.96 14.76 2.98
N ASP A 23 5.25 14.97 1.71
CA ASP A 23 4.20 15.27 0.73
C ASP A 23 3.60 14.00 0.16
N VAL A 24 4.39 12.92 0.18
CA VAL A 24 3.94 11.63 -0.35
C VAL A 24 3.64 10.66 0.79
N GLN A 25 4.26 10.90 1.95
CA GLN A 25 4.05 10.04 3.11
C GLN A 25 2.57 9.85 3.40
N PRO A 26 1.87 10.98 3.60
CA PRO A 26 0.43 10.96 3.88
C PRO A 26 -0.41 10.52 2.68
N VAL A 27 0.22 10.52 1.50
CA VAL A 27 -0.46 10.13 0.28
C VAL A 27 -0.45 8.62 0.11
N ILE A 28 0.54 7.97 0.73
CA ILE A 28 0.65 6.51 0.65
C ILE A 28 -0.07 5.83 1.79
N ASP A 29 0.05 6.40 2.98
CA ASP A 29 -0.60 5.86 4.17
C ASP A 29 -2.12 5.94 4.05
N LYS A 30 -2.60 7.10 3.58
CA LYS A 30 -4.04 7.30 3.42
C LYS A 30 -4.67 6.18 2.60
N LEU A 31 -3.88 5.60 1.69
CA LEU A 31 -4.36 4.51 0.86
C LEU A 31 -4.13 3.16 1.53
N ALA A 32 -2.96 3.00 2.15
CA ALA A 32 -2.63 1.76 2.84
C ALA A 32 -3.67 1.42 3.89
N GLU A 33 -4.33 2.45 4.42
CA GLU A 33 -5.35 2.25 5.45
C GLU A 33 -6.70 1.90 4.81
N TYR A 34 -6.93 2.43 3.62
CA TYR A 34 -8.18 2.17 2.90
C TYR A 34 -8.19 0.77 2.30
N VAL A 35 -7.14 0.45 1.55
CA VAL A 35 -7.02 -0.85 0.92
C VAL A 35 -7.04 -1.97 1.95
N ALA A 36 -6.51 -1.68 3.14
CA ALA A 36 -6.47 -2.66 4.21
C ALA A 36 -7.87 -2.93 4.77
N ARG A 37 -8.62 -1.85 4.99
CA ARG A 37 -9.98 -1.97 5.52
C ARG A 37 -10.92 -2.58 4.48
N ASN A 38 -10.99 -1.94 3.32
CA ASN A 38 -11.86 -2.42 2.24
C ASN A 38 -11.40 -3.78 1.74
N GLY A 39 -10.22 -3.81 1.13
CA GLY A 39 -9.68 -5.06 0.61
C GLY A 39 -8.72 -4.84 -0.55
N LEU A 40 -7.85 -5.82 -0.78
CA LEU A 40 -6.88 -5.74 -1.87
C LEU A 40 -7.57 -5.43 -3.20
N LYS A 41 -8.80 -5.94 -3.35
CA LYS A 41 -9.56 -5.72 -4.57
C LYS A 41 -9.64 -4.23 -4.90
N PHE A 42 -9.75 -3.40 -3.87
CA PHE A 42 -9.83 -1.96 -4.06
C PHE A 42 -8.59 -1.42 -4.78
N GLU A 43 -7.45 -2.08 -4.55
CA GLU A 43 -6.20 -1.67 -5.19
C GLU A 43 -6.33 -1.71 -6.70
N THR A 44 -7.23 -2.55 -7.20
CA THR A 44 -7.44 -2.68 -8.64
C THR A 44 -8.08 -1.42 -9.22
N SER A 45 -8.90 -0.76 -8.40
CA SER A 45 -9.58 0.46 -8.83
C SER A 45 -8.60 1.62 -8.97
N VAL A 46 -7.69 1.74 -8.00
CA VAL A 46 -6.69 2.80 -8.01
C VAL A 46 -5.60 2.51 -9.04
N ARG A 47 -5.35 1.23 -9.30
CA ARG A 47 -4.34 0.83 -10.25
C ARG A 47 -4.82 1.03 -11.69
N ALA A 48 -6.11 0.76 -11.90
CA ALA A 48 -6.70 0.92 -13.23
C ALA A 48 -6.61 2.36 -13.71
N LYS A 49 -6.55 3.29 -12.76
CA LYS A 49 -6.46 4.70 -13.07
C LYS A 49 -5.10 5.05 -13.66
N ASN A 50 -4.04 4.56 -13.02
CA ASN A 50 -2.68 4.82 -13.49
C ASN A 50 -2.42 6.32 -13.60
N ASP A 51 -3.15 7.10 -12.81
CA ASP A 51 -2.99 8.55 -12.82
C ASP A 51 -1.62 8.95 -12.30
N GLN A 52 -1.08 10.04 -12.84
CA GLN A 52 0.23 10.53 -12.44
C GLN A 52 0.31 10.70 -10.93
N ARG A 53 -0.83 11.01 -10.32
CA ARG A 53 -0.89 11.21 -8.87
C ARG A 53 -0.76 9.87 -8.14
N PHE A 54 -1.26 8.81 -8.75
CA PHE A 54 -1.19 7.48 -8.16
C PHE A 54 -0.19 6.60 -8.90
N GLU A 55 1.03 7.12 -9.07
CA GLU A 55 2.07 6.38 -9.76
C GLU A 55 2.92 5.58 -8.77
N PHE A 56 2.98 6.05 -7.53
CA PHE A 56 3.75 5.37 -6.49
C PHE A 56 3.30 3.93 -6.34
N LEU A 57 2.06 3.65 -6.70
CA LEU A 57 1.51 2.30 -6.62
C LEU A 57 2.14 1.39 -7.66
N GLN A 58 2.59 1.97 -8.76
CA GLN A 58 3.22 1.21 -9.82
C GLN A 58 4.37 0.36 -9.29
N PRO A 59 4.66 -0.75 -10.00
CA PRO A 59 5.73 -1.67 -9.61
C PRO A 59 7.11 -1.05 -9.80
N TRP A 60 7.34 -0.47 -10.98
CA TRP A 60 8.63 0.14 -11.29
C TRP A 60 8.99 1.21 -10.25
N HIS A 61 7.97 1.88 -9.73
CA HIS A 61 8.18 2.91 -8.72
C HIS A 61 8.87 2.35 -7.50
N GLN A 62 9.57 3.21 -6.75
CA GLN A 62 10.28 2.79 -5.55
C GLN A 62 9.40 2.93 -4.31
N TYR A 63 8.61 4.01 -4.28
CA TYR A 63 7.73 4.26 -3.16
C TYR A 63 6.78 3.09 -2.93
N ASN A 64 6.51 2.34 -3.99
CA ASN A 64 5.62 1.19 -3.92
C ASN A 64 6.03 0.26 -2.79
N ALA A 65 7.34 0.19 -2.52
CA ALA A 65 7.85 -0.67 -1.46
C ALA A 65 7.30 -0.25 -0.11
N TYR A 66 7.30 1.05 0.16
CA TYR A 66 6.79 1.58 1.42
C TYR A 66 5.30 1.29 1.58
N TYR A 67 4.61 1.17 0.45
CA TYR A 67 3.18 0.90 0.46
C TYR A 67 2.89 -0.54 0.87
N GLU A 68 3.74 -1.46 0.40
CA GLU A 68 3.59 -2.87 0.72
C GLU A 68 3.76 -3.12 2.21
N PHE A 69 4.69 -2.38 2.83
CA PHE A 69 4.95 -2.52 4.25
C PHE A 69 3.82 -1.92 5.08
N LYS A 70 3.49 -0.67 4.79
CA LYS A 70 2.42 0.02 5.51
C LYS A 70 1.10 -0.74 5.39
N LYS A 71 0.93 -1.44 4.28
CA LYS A 71 -0.28 -2.22 4.05
C LYS A 71 -0.35 -3.41 5.00
N GLN A 72 0.79 -4.01 5.28
CA GLN A 72 0.86 -5.16 6.18
C GLN A 72 0.49 -4.75 7.61
N PHE A 73 0.76 -3.50 7.95
CA PHE A 73 0.46 -2.99 9.28
C PHE A 73 -1.05 -2.88 9.49
N PHE A 74 -1.70 -2.12 8.62
CA PHE A 74 -3.15 -1.93 8.71
C PHE A 74 -3.89 -3.24 8.54
N LEU A 75 -3.35 -4.11 7.68
CA LEU A 75 -3.96 -5.42 7.43
C LEU A 75 -3.98 -6.26 8.71
N GLN A 76 -2.79 -6.55 9.23
CA GLN A 76 -2.68 -7.36 10.43
C GLN A 76 -3.47 -6.73 11.58
N LYS A 77 -3.57 -5.41 11.58
CA LYS A 77 -4.31 -4.70 12.61
C LYS A 77 -5.57 -4.06 12.05
N GLU A 78 -6.63 -4.85 11.96
CA GLU A 78 -7.91 -4.35 11.42
C GLU A 78 -8.91 -4.13 12.55
N GLY A 79 -8.41 -3.81 13.74
CA GLY A 79 -9.27 -3.57 14.88
C GLY A 79 -9.52 -2.10 15.12
N GLY A 80 -10.79 -1.73 15.29
CA GLY A 80 -11.14 -0.34 15.52
C GLY A 80 -12.63 -0.12 15.58
N ASP A 81 -13.29 -0.75 16.55
CA ASP A 81 -14.73 -0.62 16.71
C ASP A 81 -15.45 -0.95 15.40
N SER A 82 -15.14 -2.10 14.84
CA SER A 82 -15.76 -2.53 13.59
C SER A 82 -16.46 -3.88 13.76
N MET A 83 -17.43 -4.14 12.90
CA MET A 83 -18.17 -5.40 12.95
C MET A 83 -18.09 -6.13 11.62
N GLN A 84 -17.55 -7.35 11.65
CA GLN A 84 -17.41 -8.16 10.44
C GLN A 84 -17.61 -9.64 10.76
N ALA A 85 -18.86 -10.06 10.84
CA ALA A 85 -19.19 -11.45 11.13
C ALA A 85 -20.22 -11.99 10.15
N VAL A 86 -19.78 -12.87 9.26
CA VAL A 86 -20.66 -13.46 8.26
C VAL A 86 -21.89 -14.09 8.91
N SER A 87 -22.99 -14.15 8.18
CA SER A 87 -24.23 -14.72 8.68
C SER A 87 -24.99 -15.45 7.58
N ALA A 88 -25.86 -16.36 7.97
CA ALA A 88 -26.66 -17.14 7.02
C ALA A 88 -27.52 -16.21 6.16
N PRO A 89 -27.92 -16.71 4.98
CA PRO A 89 -28.76 -15.94 4.05
C PRO A 89 -30.18 -15.76 4.56
N GLU A 90 -30.97 -14.95 3.86
CA GLU A 90 -32.35 -14.70 4.25
C GLU A 90 -32.42 -14.13 5.66
N GLY A 1 2.96 24.68 -6.07
CA GLY A 1 2.70 25.21 -7.39
C GLY A 1 2.64 24.13 -8.45
N SER A 2 3.37 24.31 -9.53
CA SER A 2 3.39 23.33 -10.62
C SER A 2 4.73 22.62 -10.69
N SER A 3 4.73 21.33 -10.39
CA SER A 3 5.95 20.54 -10.41
C SER A 3 5.64 19.06 -10.64
N GLY A 4 6.32 18.46 -11.62
CA GLY A 4 6.11 17.06 -11.92
C GLY A 4 7.31 16.42 -12.57
N SER A 5 8.09 15.69 -11.78
CA SER A 5 9.29 15.02 -12.29
C SER A 5 9.06 13.51 -12.39
N SER A 6 10.10 12.80 -12.83
CA SER A 6 10.01 11.35 -12.96
C SER A 6 11.38 10.76 -13.27
N GLY A 7 11.49 9.43 -13.16
CA GLY A 7 12.75 8.76 -13.43
C GLY A 7 12.58 7.28 -13.69
N THR A 8 13.19 6.79 -14.76
CA THR A 8 13.10 5.38 -15.11
C THR A 8 14.48 4.76 -15.26
N SER A 9 14.71 3.67 -14.53
CA SER A 9 16.00 2.98 -14.58
C SER A 9 15.87 1.56 -14.05
N ALA A 10 16.81 0.70 -14.44
CA ALA A 10 16.81 -0.69 -14.00
C ALA A 10 17.34 -0.82 -12.58
N LEU A 11 16.52 -1.37 -11.70
CA LEU A 11 16.91 -1.55 -10.30
C LEU A 11 17.39 -2.98 -10.04
N ALA A 12 18.34 -3.12 -9.13
CA ALA A 12 18.88 -4.43 -8.79
C ALA A 12 17.93 -5.20 -7.89
N PRO A 13 18.05 -6.54 -7.91
CA PRO A 13 17.21 -7.42 -7.09
C PRO A 13 17.53 -7.31 -5.61
N VAL A 14 16.62 -6.70 -4.85
CA VAL A 14 16.81 -6.53 -3.41
C VAL A 14 15.52 -6.11 -2.73
N ALA A 15 15.37 -6.48 -1.47
CA ALA A 15 14.18 -6.12 -0.70
C ALA A 15 14.47 -4.98 0.27
N ALA A 16 14.18 -3.76 -0.16
CA ALA A 16 14.41 -2.59 0.68
C ALA A 16 13.35 -1.52 0.42
N ILE A 17 13.25 -0.57 1.35
CA ILE A 17 12.26 0.51 1.22
C ILE A 17 12.92 1.87 1.37
N ILE A 18 12.48 2.83 0.57
CA ILE A 18 13.03 4.18 0.62
C ILE A 18 12.06 5.15 1.28
N PRO A 19 12.57 5.96 2.22
CA PRO A 19 11.77 6.95 2.94
C PRO A 19 11.31 8.10 2.05
N PRO A 20 10.04 8.07 1.65
CA PRO A 20 9.46 9.11 0.79
C PRO A 20 9.29 10.44 1.51
N PRO A 21 9.02 11.50 0.74
CA PRO A 21 8.83 12.85 1.29
C PRO A 21 7.55 12.97 2.10
N PRO A 22 7.44 14.07 2.86
CA PRO A 22 6.27 14.34 3.70
C PRO A 22 5.03 14.68 2.87
N ASP A 23 5.23 14.93 1.58
CA ASP A 23 4.14 15.26 0.68
C ASP A 23 3.50 14.00 0.12
N VAL A 24 4.27 12.92 0.08
CA VAL A 24 3.77 11.65 -0.44
C VAL A 24 3.55 10.65 0.69
N GLN A 25 4.24 10.86 1.80
CA GLN A 25 4.11 9.98 2.96
C GLN A 25 2.65 9.80 3.35
N PRO A 26 1.96 10.92 3.61
CA PRO A 26 0.56 10.91 4.01
C PRO A 26 -0.37 10.50 2.85
N VAL A 27 0.18 10.53 1.64
CA VAL A 27 -0.59 10.17 0.45
C VAL A 27 -0.60 8.65 0.25
N ILE A 28 0.43 7.99 0.75
CA ILE A 28 0.54 6.54 0.62
C ILE A 28 -0.04 5.83 1.86
N ASP A 29 0.21 6.41 3.02
CA ASP A 29 -0.28 5.85 4.27
C ASP A 29 -1.81 5.84 4.31
N LYS A 30 -2.40 6.94 3.84
CA LYS A 30 -3.86 7.05 3.81
C LYS A 30 -4.48 5.97 2.95
N LEU A 31 -3.81 5.64 1.85
CA LEU A 31 -4.30 4.61 0.94
C LEU A 31 -4.12 3.21 1.53
N ALA A 32 -3.05 3.05 2.31
CA ALA A 32 -2.76 1.76 2.95
C ALA A 32 -3.92 1.32 3.83
N GLU A 33 -4.27 2.16 4.80
CA GLU A 33 -5.36 1.85 5.73
C GLU A 33 -6.64 1.53 4.97
N TYR A 34 -6.96 2.36 3.97
CA TYR A 34 -8.16 2.15 3.17
C TYR A 34 -8.17 0.76 2.55
N VAL A 35 -7.12 0.44 1.80
CA VAL A 35 -7.01 -0.86 1.15
C VAL A 35 -6.97 -1.99 2.18
N ALA A 36 -6.43 -1.69 3.36
CA ALA A 36 -6.33 -2.67 4.42
C ALA A 36 -7.72 -3.01 4.98
N ARG A 37 -8.64 -2.05 4.91
CA ARG A 37 -9.99 -2.25 5.41
C ARG A 37 -10.89 -2.79 4.31
N ASN A 38 -10.92 -2.10 3.18
CA ASN A 38 -11.74 -2.52 2.05
C ASN A 38 -11.25 -3.84 1.46
N GLY A 39 -10.01 -3.85 1.01
CA GLY A 39 -9.43 -5.06 0.44
C GLY A 39 -8.49 -4.77 -0.70
N LEU A 40 -7.65 -5.75 -1.04
CA LEU A 40 -6.69 -5.59 -2.13
C LEU A 40 -7.39 -5.26 -3.44
N LYS A 41 -8.65 -5.69 -3.56
CA LYS A 41 -9.42 -5.44 -4.76
C LYS A 41 -9.48 -3.95 -5.07
N PHE A 42 -9.38 -3.13 -4.03
CA PHE A 42 -9.43 -1.68 -4.20
C PHE A 42 -8.17 -1.18 -4.90
N GLU A 43 -7.06 -1.89 -4.72
CA GLU A 43 -5.80 -1.51 -5.34
C GLU A 43 -5.87 -1.68 -6.85
N THR A 44 -6.71 -2.60 -7.30
CA THR A 44 -6.88 -2.87 -8.73
C THR A 44 -7.59 -1.72 -9.42
N SER A 45 -8.50 -1.07 -8.70
CA SER A 45 -9.26 0.05 -9.25
C SER A 45 -8.38 1.29 -9.38
N VAL A 46 -7.73 1.66 -8.28
CA VAL A 46 -6.86 2.83 -8.26
C VAL A 46 -5.76 2.71 -9.31
N ARG A 47 -5.29 1.49 -9.54
CA ARG A 47 -4.24 1.24 -10.52
C ARG A 47 -4.78 1.36 -11.94
N ALA A 48 -5.99 0.83 -12.14
CA ALA A 48 -6.63 0.88 -13.46
C ALA A 48 -6.74 2.32 -13.96
N LYS A 49 -6.85 3.26 -13.04
CA LYS A 49 -6.95 4.67 -13.39
C LYS A 49 -5.65 5.18 -14.01
N ASN A 50 -4.54 4.59 -13.60
CA ASN A 50 -3.23 4.98 -14.11
C ASN A 50 -3.03 6.49 -13.99
N ASP A 51 -3.13 6.99 -12.76
CA ASP A 51 -2.96 8.42 -12.49
C ASP A 51 -1.50 8.74 -12.18
N GLN A 52 -1.05 9.92 -12.59
CA GLN A 52 0.31 10.34 -12.35
C GLN A 52 0.61 10.41 -10.85
N ARG A 53 -0.35 10.92 -10.09
CA ARG A 53 -0.19 11.04 -8.65
C ARG A 53 -0.18 9.67 -7.98
N PHE A 54 -0.93 8.73 -8.56
CA PHE A 54 -1.00 7.38 -8.03
C PHE A 54 -0.04 6.45 -8.75
N GLU A 55 1.16 6.95 -9.05
CA GLU A 55 2.16 6.16 -9.75
C GLU A 55 2.96 5.31 -8.77
N PHE A 56 3.05 5.76 -7.53
CA PHE A 56 3.79 5.04 -6.50
C PHE A 56 3.24 3.62 -6.34
N LEU A 57 1.98 3.44 -6.70
CA LEU A 57 1.34 2.13 -6.60
C LEU A 57 1.90 1.17 -7.64
N GLN A 58 2.43 1.71 -8.73
CA GLN A 58 3.01 0.90 -9.78
C GLN A 58 4.08 -0.04 -9.23
N PRO A 59 4.29 -1.17 -9.92
CA PRO A 59 5.29 -2.16 -9.52
C PRO A 59 6.72 -1.66 -9.70
N TRP A 60 7.00 -1.11 -10.88
CA TRP A 60 8.33 -0.60 -11.18
C TRP A 60 8.71 0.51 -10.21
N HIS A 61 7.72 1.26 -9.74
CA HIS A 61 7.96 2.36 -8.81
C HIS A 61 8.66 1.86 -7.55
N GLN A 62 9.38 2.74 -6.89
CA GLN A 62 10.11 2.39 -5.67
C GLN A 62 9.24 2.61 -4.44
N TYR A 63 8.43 3.67 -4.48
CA TYR A 63 7.55 3.99 -3.36
C TYR A 63 6.62 2.83 -3.05
N ASN A 64 6.35 2.00 -4.05
CA ASN A 64 5.47 0.85 -3.88
C ASN A 64 5.91 0.00 -2.70
N ALA A 65 7.22 -0.03 -2.45
CA ALA A 65 7.76 -0.81 -1.34
C ALA A 65 7.22 -0.30 0.00
N TYR A 66 7.23 1.01 0.18
CA TYR A 66 6.75 1.61 1.41
C TYR A 66 5.24 1.40 1.57
N TYR A 67 4.55 1.29 0.45
CA TYR A 67 3.10 1.08 0.45
C TYR A 67 2.76 -0.33 0.92
N GLU A 68 3.46 -1.31 0.35
CA GLU A 68 3.22 -2.71 0.71
C GLU A 68 3.41 -2.93 2.20
N PHE A 69 4.27 -2.13 2.81
CA PHE A 69 4.54 -2.24 4.24
C PHE A 69 3.35 -1.74 5.06
N LYS A 70 2.97 -0.48 4.83
CA LYS A 70 1.85 0.12 5.54
C LYS A 70 0.57 -0.69 5.32
N LYS A 71 0.50 -1.38 4.19
CA LYS A 71 -0.67 -2.19 3.87
C LYS A 71 -0.82 -3.33 4.86
N GLN A 72 0.19 -4.19 4.94
CA GLN A 72 0.16 -5.32 5.85
C GLN A 72 -0.01 -4.87 7.30
N PHE A 73 0.46 -3.66 7.58
CA PHE A 73 0.36 -3.10 8.92
C PHE A 73 -1.11 -2.96 9.35
N PHE A 74 -1.83 -2.09 8.65
CA PHE A 74 -3.24 -1.87 8.95
C PHE A 74 -4.05 -3.15 8.80
N LEU A 75 -3.59 -4.03 7.91
CA LEU A 75 -4.27 -5.30 7.67
C LEU A 75 -4.44 -6.08 8.96
N GLN A 76 -3.32 -6.44 9.59
CA GLN A 76 -3.35 -7.18 10.83
C GLN A 76 -3.36 -6.24 12.04
N LYS A 77 -2.30 -5.46 12.18
CA LYS A 77 -2.19 -4.52 13.29
C LYS A 77 -2.36 -5.23 14.63
N GLU A 78 -1.25 -5.68 15.20
CA GLU A 78 -1.27 -6.37 16.48
C GLU A 78 -0.42 -5.63 17.52
N GLY A 79 -0.29 -4.32 17.34
CA GLY A 79 0.48 -3.52 18.26
C GLY A 79 -0.32 -3.08 19.47
N GLY A 80 -1.50 -2.53 19.23
CA GLY A 80 -2.35 -2.08 20.32
C GLY A 80 -3.51 -3.01 20.57
N ASP A 81 -4.54 -2.51 21.25
CA ASP A 81 -5.72 -3.30 21.56
C ASP A 81 -6.35 -3.86 20.28
N SER A 82 -6.27 -5.18 20.12
CA SER A 82 -6.82 -5.84 18.94
C SER A 82 -8.27 -6.25 19.18
N MET A 83 -9.07 -6.23 18.12
CA MET A 83 -10.47 -6.60 18.21
C MET A 83 -10.78 -7.80 17.33
N GLN A 84 -11.47 -8.79 17.89
CA GLN A 84 -11.82 -10.00 17.15
C GLN A 84 -12.90 -10.78 17.89
N ALA A 85 -13.60 -11.64 17.15
CA ALA A 85 -14.67 -12.46 17.73
C ALA A 85 -14.09 -13.61 18.54
N VAL A 86 -13.53 -13.29 19.71
CA VAL A 86 -12.94 -14.31 20.58
C VAL A 86 -13.52 -14.21 21.98
N SER A 87 -13.81 -15.37 22.57
CA SER A 87 -14.37 -15.43 23.92
C SER A 87 -13.27 -15.68 24.95
N ALA A 88 -12.73 -14.61 25.51
CA ALA A 88 -11.68 -14.73 26.51
C ALA A 88 -12.23 -15.16 27.86
N PRO A 89 -11.37 -15.75 28.71
CA PRO A 89 -11.77 -16.23 30.04
C PRO A 89 -12.07 -15.08 30.99
N GLU A 90 -12.27 -15.41 32.27
CA GLU A 90 -12.58 -14.40 33.28
C GLU A 90 -12.41 -14.99 34.68
N GLY A 1 -2.49 -19.48 23.44
CA GLY A 1 -1.18 -18.89 23.18
C GLY A 1 -0.27 -19.82 22.41
N SER A 2 -0.78 -20.35 21.30
CA SER A 2 -0.01 -21.25 20.46
C SER A 2 0.72 -20.49 19.36
N SER A 3 1.40 -19.42 19.74
CA SER A 3 2.14 -18.59 18.79
C SER A 3 3.16 -19.44 18.03
N GLY A 4 3.39 -19.09 16.78
CA GLY A 4 4.35 -19.82 15.96
C GLY A 4 4.01 -19.78 14.48
N SER A 5 4.33 -18.66 13.84
CA SER A 5 4.05 -18.49 12.41
C SER A 5 5.33 -18.16 11.64
N SER A 6 6.30 -19.07 11.72
CA SER A 6 7.57 -18.87 11.04
C SER A 6 7.74 -19.89 9.91
N GLY A 7 8.60 -19.57 8.95
CA GLY A 7 8.83 -20.46 7.82
C GLY A 7 9.81 -19.89 6.83
N THR A 8 9.88 -20.51 5.65
CA THR A 8 10.79 -20.05 4.61
C THR A 8 10.03 -19.65 3.35
N SER A 9 10.64 -18.78 2.54
CA SER A 9 10.02 -18.32 1.31
C SER A 9 10.95 -18.53 0.12
N ALA A 10 11.82 -19.52 0.22
CA ALA A 10 12.76 -19.82 -0.85
C ALA A 10 13.63 -18.62 -1.17
N LEU A 11 14.52 -18.77 -2.15
CA LEU A 11 15.41 -17.68 -2.55
C LEU A 11 14.62 -16.55 -3.19
N ALA A 12 14.84 -15.33 -2.70
CA ALA A 12 14.16 -14.16 -3.21
C ALA A 12 15.13 -12.99 -3.35
N PRO A 13 14.75 -12.02 -4.20
CA PRO A 13 15.56 -10.81 -4.45
C PRO A 13 15.61 -9.89 -3.25
N VAL A 14 16.77 -9.27 -3.02
CA VAL A 14 16.93 -8.35 -1.90
C VAL A 14 15.99 -7.16 -2.02
N ALA A 15 15.45 -6.72 -0.88
CA ALA A 15 14.53 -5.59 -0.85
C ALA A 15 15.06 -4.47 0.03
N ALA A 16 14.53 -3.27 -0.15
CA ALA A 16 14.95 -2.12 0.64
C ALA A 16 13.99 -0.95 0.45
N ILE A 17 13.17 -0.69 1.46
CA ILE A 17 12.21 0.40 1.40
C ILE A 17 12.91 1.76 1.49
N ILE A 18 12.40 2.72 0.73
CA ILE A 18 12.97 4.07 0.73
C ILE A 18 12.04 5.07 1.39
N PRO A 19 12.61 5.90 2.29
CA PRO A 19 11.85 6.92 3.02
C PRO A 19 11.38 8.05 2.11
N PRO A 20 10.09 8.04 1.75
CA PRO A 20 9.50 9.07 0.89
C PRO A 20 9.39 10.42 1.58
N PRO A 21 9.12 11.46 0.80
CA PRO A 21 8.98 12.83 1.31
C PRO A 21 7.72 13.01 2.16
N PRO A 22 7.65 14.13 2.89
CA PRO A 22 6.52 14.44 3.75
C PRO A 22 5.26 14.78 2.95
N ASP A 23 5.44 15.01 1.65
CA ASP A 23 4.33 15.34 0.77
C ASP A 23 3.65 14.07 0.24
N VAL A 24 4.42 12.99 0.18
CA VAL A 24 3.90 11.72 -0.32
C VAL A 24 3.66 10.74 0.83
N GLN A 25 4.36 10.96 1.94
CA GLN A 25 4.22 10.10 3.12
C GLN A 25 2.76 9.97 3.51
N PRO A 26 2.10 11.11 3.76
CA PRO A 26 0.70 11.14 4.16
C PRO A 26 -0.24 10.74 3.02
N VAL A 27 0.31 10.65 1.82
CA VAL A 27 -0.46 10.27 0.64
C VAL A 27 -0.51 8.76 0.47
N ILE A 28 0.51 8.08 1.00
CA ILE A 28 0.59 6.63 0.89
C ILE A 28 -0.13 5.96 2.07
N ASP A 29 0.17 6.42 3.28
CA ASP A 29 -0.44 5.87 4.48
C ASP A 29 -1.96 5.93 4.39
N LYS A 30 -2.47 6.89 3.61
CA LYS A 30 -3.90 7.06 3.44
C LYS A 30 -4.50 5.88 2.66
N LEU A 31 -3.76 5.38 1.68
CA LEU A 31 -4.22 4.25 0.88
C LEU A 31 -3.94 2.93 1.58
N ALA A 32 -2.88 2.90 2.39
CA ALA A 32 -2.50 1.71 3.13
C ALA A 32 -3.57 1.34 4.15
N GLU A 33 -4.27 2.35 4.65
CA GLU A 33 -5.33 2.13 5.64
C GLU A 33 -6.65 1.82 4.98
N TYR A 34 -6.83 2.32 3.76
CA TYR A 34 -8.06 2.11 3.01
C TYR A 34 -8.08 0.70 2.40
N VAL A 35 -7.05 0.39 1.62
CA VAL A 35 -6.96 -0.92 0.98
C VAL A 35 -6.96 -2.04 2.01
N ALA A 36 -6.48 -1.74 3.21
CA ALA A 36 -6.43 -2.72 4.28
C ALA A 36 -7.82 -2.98 4.85
N ARG A 37 -8.70 -1.99 4.73
CA ARG A 37 -10.07 -2.11 5.23
C ARG A 37 -11.00 -2.64 4.14
N ASN A 38 -11.04 -1.93 3.02
CA ASN A 38 -11.89 -2.33 1.90
C ASN A 38 -11.45 -3.67 1.33
N GLY A 39 -10.15 -3.80 1.07
CA GLY A 39 -9.62 -5.04 0.52
C GLY A 39 -8.71 -4.80 -0.66
N LEU A 40 -7.95 -5.83 -1.03
CA LEU A 40 -7.02 -5.73 -2.16
C LEU A 40 -7.77 -5.50 -3.46
N LYS A 41 -8.99 -6.02 -3.54
CA LYS A 41 -9.82 -5.87 -4.74
C LYS A 41 -9.92 -4.41 -5.14
N PHE A 42 -9.87 -3.52 -4.14
CA PHE A 42 -9.96 -2.08 -4.40
C PHE A 42 -8.71 -1.57 -5.10
N GLU A 43 -7.57 -2.14 -4.75
CA GLU A 43 -6.30 -1.74 -5.34
C GLU A 43 -6.35 -1.87 -6.86
N THR A 44 -7.17 -2.80 -7.35
CA THR A 44 -7.31 -3.02 -8.78
C THR A 44 -7.95 -1.83 -9.47
N SER A 45 -8.73 -1.05 -8.70
CA SER A 45 -9.41 0.12 -9.23
C SER A 45 -8.44 1.29 -9.35
N VAL A 46 -7.81 1.65 -8.24
CA VAL A 46 -6.86 2.76 -8.22
C VAL A 46 -5.74 2.54 -9.23
N ARG A 47 -5.37 1.29 -9.43
CA ARG A 47 -4.31 0.94 -10.39
C ARG A 47 -4.79 1.14 -11.82
N ALA A 48 -6.06 0.88 -12.05
CA ALA A 48 -6.65 1.04 -13.38
C ALA A 48 -6.74 2.50 -13.79
N LYS A 49 -6.86 3.38 -12.79
CA LYS A 49 -6.96 4.81 -13.04
C LYS A 49 -5.65 5.34 -13.65
N ASN A 50 -4.55 4.67 -13.35
CA ASN A 50 -3.25 5.07 -13.88
C ASN A 50 -2.98 6.55 -13.60
N ASP A 51 -3.52 7.03 -12.49
CA ASP A 51 -3.34 8.42 -12.09
C ASP A 51 -1.86 8.75 -11.88
N GLN A 52 -1.47 9.96 -12.22
CA GLN A 52 -0.08 10.39 -12.06
C GLN A 52 0.27 10.57 -10.59
N ARG A 53 -0.72 10.96 -9.80
CA ARG A 53 -0.51 11.17 -8.37
C ARG A 53 -0.32 9.84 -7.65
N PHE A 54 -0.96 8.79 -8.16
CA PHE A 54 -0.88 7.47 -7.58
C PHE A 54 0.10 6.58 -8.36
N GLU A 55 1.26 7.15 -8.69
CA GLU A 55 2.27 6.41 -9.44
C GLU A 55 3.05 5.47 -8.53
N PHE A 56 3.15 5.84 -7.25
CA PHE A 56 3.87 5.04 -6.28
C PHE A 56 3.31 3.62 -6.22
N LEU A 57 2.04 3.48 -6.58
CA LEU A 57 1.38 2.18 -6.57
C LEU A 57 1.96 1.27 -7.65
N GLN A 58 2.52 1.86 -8.70
CA GLN A 58 3.12 1.10 -9.79
C GLN A 58 4.20 0.17 -9.26
N PRO A 59 4.45 -0.93 -10.00
CA PRO A 59 5.47 -1.92 -9.64
C PRO A 59 6.89 -1.38 -9.80
N TRP A 60 7.16 -0.77 -10.94
CA TRP A 60 8.48 -0.21 -11.21
C TRP A 60 8.84 0.84 -10.17
N HIS A 61 7.86 1.63 -9.75
CA HIS A 61 8.08 2.67 -8.75
C HIS A 61 8.78 2.11 -7.52
N GLN A 62 9.52 2.96 -6.82
CA GLN A 62 10.24 2.54 -5.62
C GLN A 62 9.37 2.71 -4.38
N TYR A 63 8.57 3.77 -4.37
CA TYR A 63 7.69 4.05 -3.24
C TYR A 63 6.75 2.87 -2.98
N ASN A 64 6.48 2.10 -4.02
CA ASN A 64 5.60 0.94 -3.90
C ASN A 64 6.03 0.05 -2.74
N ALA A 65 7.32 0.01 -2.48
CA ALA A 65 7.86 -0.81 -1.40
C ALA A 65 7.33 -0.34 -0.05
N TYR A 66 7.36 0.96 0.17
CA TYR A 66 6.89 1.54 1.44
C TYR A 66 5.39 1.28 1.62
N TYR A 67 4.68 1.17 0.50
CA TYR A 67 3.25 0.93 0.55
C TYR A 67 2.95 -0.48 1.04
N GLU A 68 3.69 -1.45 0.54
CA GLU A 68 3.51 -2.85 0.93
C GLU A 68 3.67 -3.01 2.43
N PHE A 69 4.54 -2.18 3.02
CA PHE A 69 4.79 -2.25 4.45
C PHE A 69 3.60 -1.71 5.25
N LYS A 70 3.29 -0.43 5.04
CA LYS A 70 2.18 0.21 5.73
C LYS A 70 0.88 -0.56 5.50
N LYS A 71 0.74 -1.12 4.30
CA LYS A 71 -0.45 -1.89 3.95
C LYS A 71 -0.59 -3.12 4.85
N GLN A 72 0.53 -3.75 5.15
CA GLN A 72 0.53 -4.95 6.01
C GLN A 72 0.19 -4.57 7.44
N PHE A 73 0.67 -3.42 7.89
CA PHE A 73 0.43 -2.94 9.25
C PHE A 73 -1.07 -2.76 9.48
N PHE A 74 -1.73 -2.07 8.56
CA PHE A 74 -3.16 -1.82 8.68
C PHE A 74 -3.97 -3.07 8.37
N LEU A 75 -3.44 -3.90 7.48
CA LEU A 75 -4.10 -5.14 7.09
C LEU A 75 -4.35 -6.03 8.29
N GLN A 76 -3.30 -6.27 9.07
CA GLN A 76 -3.40 -7.10 10.26
C GLN A 76 -3.62 -6.25 11.51
N LYS A 77 -2.63 -5.42 11.84
CA LYS A 77 -2.71 -4.55 13.01
C LYS A 77 -3.05 -5.36 14.26
N GLU A 78 -2.27 -6.41 14.50
CA GLU A 78 -2.49 -7.26 15.67
C GLU A 78 -1.80 -6.67 16.90
N GLY A 79 -0.72 -5.94 16.68
CA GLY A 79 0.01 -5.33 17.77
C GLY A 79 0.76 -4.07 17.36
N GLY A 80 1.90 -4.25 16.71
CA GLY A 80 2.69 -3.12 16.27
C GLY A 80 3.38 -2.41 17.41
N ASP A 81 4.62 -1.99 17.18
CA ASP A 81 5.39 -1.30 18.20
C ASP A 81 6.19 -0.14 17.60
N SER A 82 5.48 0.89 17.16
CA SER A 82 6.12 2.05 16.55
C SER A 82 5.41 3.34 16.95
N MET A 83 5.93 4.47 16.49
CA MET A 83 5.34 5.76 16.80
C MET A 83 4.80 6.44 15.55
N GLN A 84 3.61 7.02 15.66
CA GLN A 84 2.98 7.69 14.53
C GLN A 84 3.32 9.18 14.53
N ALA A 85 3.28 9.79 13.34
CA ALA A 85 3.60 11.20 13.21
C ALA A 85 2.74 12.05 14.14
N VAL A 86 3.08 13.33 14.26
CA VAL A 86 2.34 14.24 15.12
C VAL A 86 0.87 14.28 14.74
N SER A 87 0.02 13.85 15.66
CA SER A 87 -1.42 13.82 15.43
C SER A 87 -2.18 13.78 16.75
N ALA A 88 -3.38 14.36 16.76
CA ALA A 88 -4.22 14.38 17.95
C ALA A 88 -5.69 14.44 17.59
N PRO A 89 -6.23 13.35 17.03
CA PRO A 89 -7.63 13.26 16.63
C PRO A 89 -8.57 13.23 17.82
N GLU A 90 -9.80 13.70 17.62
CA GLU A 90 -10.80 13.72 18.68
C GLU A 90 -10.36 14.62 19.83
#